data_6WIN
# 
_entry.id   6WIN 
# 
_audit_conform.dict_name       mmcif_pdbx.dic 
_audit_conform.dict_version    5.397 
_audit_conform.dict_location   http://mmcif.pdb.org/dictionaries/ascii/mmcif_pdbx.dic 
# 
loop_
_database_2.database_id 
_database_2.database_code 
_database_2.pdbx_database_accession 
_database_2.pdbx_DOI 
PDB   6WIN         pdb_00006win 10.2210/pdb6win/pdb 
WWPDB D_1000246649 ?            ?                   
# 
loop_
_pdbx_audit_revision_history.ordinal 
_pdbx_audit_revision_history.data_content_type 
_pdbx_audit_revision_history.major_revision 
_pdbx_audit_revision_history.minor_revision 
_pdbx_audit_revision_history.revision_date 
1 'Structure model' 1 0 2020-04-22 
2 'Structure model' 1 1 2021-05-05 
3 'Structure model' 1 2 2024-10-23 
# 
_pdbx_audit_revision_details.ordinal             1 
_pdbx_audit_revision_details.revision_ordinal    1 
_pdbx_audit_revision_details.data_content_type   'Structure model' 
_pdbx_audit_revision_details.provider            repository 
_pdbx_audit_revision_details.type                'Initial release' 
_pdbx_audit_revision_details.description         ? 
_pdbx_audit_revision_details.details             ? 
# 
loop_
_pdbx_audit_revision_group.ordinal 
_pdbx_audit_revision_group.revision_ordinal 
_pdbx_audit_revision_group.data_content_type 
_pdbx_audit_revision_group.group 
1 2 'Structure model' 'Database references' 
2 3 'Structure model' 'Data collection'     
3 3 'Structure model' 'Database references' 
4 3 'Structure model' 'Structure summary'   
# 
loop_
_pdbx_audit_revision_category.ordinal 
_pdbx_audit_revision_category.revision_ordinal 
_pdbx_audit_revision_category.data_content_type 
_pdbx_audit_revision_category.category 
1 2 'Structure model' citation                  
2 2 'Structure model' citation_author           
3 3 'Structure model' chem_comp_atom            
4 3 'Structure model' chem_comp_bond            
5 3 'Structure model' database_2                
6 3 'Structure model' pdbx_entry_details        
7 3 'Structure model' pdbx_modification_feature 
# 
loop_
_pdbx_audit_revision_item.ordinal 
_pdbx_audit_revision_item.revision_ordinal 
_pdbx_audit_revision_item.data_content_type 
_pdbx_audit_revision_item.item 
1  2 'Structure model' '_citation.journal_abbrev'                     
2  2 'Structure model' '_citation.journal_id_CSD'                     
3  2 'Structure model' '_citation.journal_id_ISSN'                    
4  2 'Structure model' '_citation.journal_volume'                     
5  2 'Structure model' '_citation.page_first'                         
6  2 'Structure model' '_citation.page_last'                          
7  2 'Structure model' '_citation.pdbx_database_id_DOI'               
8  2 'Structure model' '_citation.pdbx_database_id_PubMed'            
9  2 'Structure model' '_citation.title'                              
10 2 'Structure model' '_citation.year'                               
11 3 'Structure model' '_database_2.pdbx_DOI'                         
12 3 'Structure model' '_database_2.pdbx_database_accession'          
13 3 'Structure model' '_pdbx_entry_details.has_protein_modification' 
# 
_pdbx_database_status.status_code                     REL 
_pdbx_database_status.status_code_sf                  REL 
_pdbx_database_status.status_code_mr                  ? 
_pdbx_database_status.entry_id                        6WIN 
_pdbx_database_status.recvd_initial_deposition_date   2020-04-10 
_pdbx_database_status.SG_entry                        N 
_pdbx_database_status.deposit_site                    RCSB 
_pdbx_database_status.process_site                    RCSB 
_pdbx_database_status.status_code_cs                  ? 
_pdbx_database_status.status_code_nmr_data            ? 
_pdbx_database_status.methods_development_category    ? 
_pdbx_database_status.pdb_format_compatible           Y 
# 
loop_
_audit_author.name 
_audit_author.pdbx_ordinal 
_audit_author.identifier_ORCID 
'Chou, S.'     1 ? 
'Radkov, A.D.' 2 ? 
# 
_citation.abstract                  ? 
_citation.abstract_id_CAS           ? 
_citation.book_id_ISBN              ? 
_citation.book_publisher            ? 
_citation.book_publisher_city       ? 
_citation.book_title                ? 
_citation.coordinate_linkage        ? 
_citation.country                   ? 
_citation.database_id_Medline       ? 
_citation.details                   ? 
_citation.id                        primary 
_citation.journal_abbrev            Cell 
_citation.journal_id_ASTM           ? 
_citation.journal_id_CSD            ? 
_citation.journal_id_ISSN           1097-4172 
_citation.journal_full              ? 
_citation.journal_issue             ? 
_citation.journal_volume            183 
_citation.language                  ? 
_citation.page_first                1562 
_citation.page_last                 1571.e12 
_citation.title                     'Ticks Resist Skin Commensals with Immune Factor of Bacterial Origin.' 
_citation.year                      2020 
_citation.database_id_CSD           ? 
_citation.pdbx_database_id_DOI      10.1016/j.cell.2020.10.042 
_citation.pdbx_database_id_PubMed   33306955 
_citation.unpublished_flag          ? 
# 
loop_
_citation_author.citation_id 
_citation_author.name 
_citation_author.ordinal 
_citation_author.identifier_ORCID 
primary 'Hayes, B.M.'   1  ? 
primary 'Radkov, A.D.'  2  ? 
primary 'Yarza, F.'     3  ? 
primary 'Flores, S.'    4  ? 
primary 'Kim, J.'       5  ? 
primary 'Zhao, Z.'      6  ? 
primary 'Lexa, K.W.'    7  ? 
primary 'Marnin, L.'    8  ? 
primary 'Biboy, J.'     9  ? 
primary 'Bowcut, V.'    10 ? 
primary 'Vollmer, W.'   11 ? 
primary 'Pedra, J.H.F.' 12 ? 
primary 'Chou, S.'      13 ? 
# 
loop_
_entity.id 
_entity.type 
_entity.src_method 
_entity.pdbx_description 
_entity.formula_weight 
_entity.pdbx_number_of_molecules 
_entity.pdbx_ec 
_entity.pdbx_mutation 
_entity.pdbx_fragment 
_entity.details 
1 polymer man 'Type 6 secretion amidase effector 2' 15986.507 1  ? ? ? ? 
2 water   nat water                                 18.015    87 ? ? ? ? 
# 
_entity_poly.entity_id                      1 
_entity_poly.type                           'polypeptide(L)' 
_entity_poly.nstd_linkage                   no 
_entity_poly.nstd_monomer                   yes 
_entity_poly.pdbx_seq_one_letter_code       
;APYVYANAKALQDTEKVGNHHQCVELIQHYIRVGQASTWQQGAAVFGNKNIEVGTVIATFVNGRYPNHNSGNHAAFFLGQ
DTGGIWV(MSE)DQWKDDIAKPRVSKRYIRKLHNGSVRSDGTYIR(MSE)SNNAEAYFIVELEHHHHH
;
_entity_poly.pdbx_seq_one_letter_code_can   
;APYVYANAKALQDTEKVGNHHQCVELIQHYIRVGQASTWQQGAAVFGNKNIEVGTVIATFVNGRYPNHNSGNHAAFFLGQ
DTGGIWVMDQWKDDIAKPRVSKRYIRKLHNGSVRSDGTYIRMSNNAEAYFIVELEHHHHH
;
_entity_poly.pdbx_strand_id                 A 
_entity_poly.pdbx_target_identifier         ? 
# 
_pdbx_entity_nonpoly.entity_id   2 
_pdbx_entity_nonpoly.name        water 
_pdbx_entity_nonpoly.comp_id     HOH 
# 
loop_
_entity_poly_seq.entity_id 
_entity_poly_seq.num 
_entity_poly_seq.mon_id 
_entity_poly_seq.hetero 
1 1   ALA n 
1 2   PRO n 
1 3   TYR n 
1 4   VAL n 
1 5   TYR n 
1 6   ALA n 
1 7   ASN n 
1 8   ALA n 
1 9   LYS n 
1 10  ALA n 
1 11  LEU n 
1 12  GLN n 
1 13  ASP n 
1 14  THR n 
1 15  GLU n 
1 16  LYS n 
1 17  VAL n 
1 18  GLY n 
1 19  ASN n 
1 20  HIS n 
1 21  HIS n 
1 22  GLN n 
1 23  CYS n 
1 24  VAL n 
1 25  GLU n 
1 26  LEU n 
1 27  ILE n 
1 28  GLN n 
1 29  HIS n 
1 30  TYR n 
1 31  ILE n 
1 32  ARG n 
1 33  VAL n 
1 34  GLY n 
1 35  GLN n 
1 36  ALA n 
1 37  SER n 
1 38  THR n 
1 39  TRP n 
1 40  GLN n 
1 41  GLN n 
1 42  GLY n 
1 43  ALA n 
1 44  ALA n 
1 45  VAL n 
1 46  PHE n 
1 47  GLY n 
1 48  ASN n 
1 49  LYS n 
1 50  ASN n 
1 51  ILE n 
1 52  GLU n 
1 53  VAL n 
1 54  GLY n 
1 55  THR n 
1 56  VAL n 
1 57  ILE n 
1 58  ALA n 
1 59  THR n 
1 60  PHE n 
1 61  VAL n 
1 62  ASN n 
1 63  GLY n 
1 64  ARG n 
1 65  TYR n 
1 66  PRO n 
1 67  ASN n 
1 68  HIS n 
1 69  ASN n 
1 70  SER n 
1 71  GLY n 
1 72  ASN n 
1 73  HIS n 
1 74  ALA n 
1 75  ALA n 
1 76  PHE n 
1 77  PHE n 
1 78  LEU n 
1 79  GLY n 
1 80  GLN n 
1 81  ASP n 
1 82  THR n 
1 83  GLY n 
1 84  GLY n 
1 85  ILE n 
1 86  TRP n 
1 87  VAL n 
1 88  MSE n 
1 89  ASP n 
1 90  GLN n 
1 91  TRP n 
1 92  LYS n 
1 93  ASP n 
1 94  ASP n 
1 95  ILE n 
1 96  ALA n 
1 97  LYS n 
1 98  PRO n 
1 99  ARG n 
1 100 VAL n 
1 101 SER n 
1 102 LYS n 
1 103 ARG n 
1 104 TYR n 
1 105 ILE n 
1 106 ARG n 
1 107 LYS n 
1 108 LEU n 
1 109 HIS n 
1 110 ASN n 
1 111 GLY n 
1 112 SER n 
1 113 VAL n 
1 114 ARG n 
1 115 SER n 
1 116 ASP n 
1 117 GLY n 
1 118 THR n 
1 119 TYR n 
1 120 ILE n 
1 121 ARG n 
1 122 MSE n 
1 123 SER n 
1 124 ASN n 
1 125 ASN n 
1 126 ALA n 
1 127 GLU n 
1 128 ALA n 
1 129 TYR n 
1 130 PHE n 
1 131 ILE n 
1 132 VAL n 
1 133 GLU n 
1 134 LEU n 
1 135 GLU n 
1 136 HIS n 
1 137 HIS n 
1 138 HIS n 
1 139 HIS n 
1 140 HIS n 
# 
_entity_src_gen.entity_id                          1 
_entity_src_gen.pdbx_src_id                        1 
_entity_src_gen.pdbx_alt_source_flag               sample 
_entity_src_gen.pdbx_seq_type                      'Biological sequence' 
_entity_src_gen.pdbx_beg_seq_num                   1 
_entity_src_gen.pdbx_end_seq_num                   140 
_entity_src_gen.gene_src_common_name               ? 
_entity_src_gen.gene_src_genus                     ? 
_entity_src_gen.pdbx_gene_src_gene                 'STY0300, t2586' 
_entity_src_gen.gene_src_species                   ? 
_entity_src_gen.gene_src_strain                    ? 
_entity_src_gen.gene_src_tissue                    ? 
_entity_src_gen.gene_src_tissue_fraction           ? 
_entity_src_gen.gene_src_details                   ? 
_entity_src_gen.pdbx_gene_src_fragment             ? 
_entity_src_gen.pdbx_gene_src_scientific_name      'Salmonella typhi' 
_entity_src_gen.pdbx_gene_src_ncbi_taxonomy_id     90370 
_entity_src_gen.pdbx_gene_src_variant              ? 
_entity_src_gen.pdbx_gene_src_cell_line            ? 
_entity_src_gen.pdbx_gene_src_atcc                 ? 
_entity_src_gen.pdbx_gene_src_organ                ? 
_entity_src_gen.pdbx_gene_src_organelle            ? 
_entity_src_gen.pdbx_gene_src_cell                 ? 
_entity_src_gen.pdbx_gene_src_cellular_location    ? 
_entity_src_gen.host_org_common_name               ? 
_entity_src_gen.pdbx_host_org_scientific_name      'Escherichia coli BL21(DE3)' 
_entity_src_gen.pdbx_host_org_ncbi_taxonomy_id     469008 
_entity_src_gen.host_org_genus                     ? 
_entity_src_gen.pdbx_host_org_gene                 ? 
_entity_src_gen.pdbx_host_org_organ                ? 
_entity_src_gen.host_org_species                   ? 
_entity_src_gen.pdbx_host_org_tissue               ? 
_entity_src_gen.pdbx_host_org_tissue_fraction      ? 
_entity_src_gen.pdbx_host_org_strain               ? 
_entity_src_gen.pdbx_host_org_variant              ? 
_entity_src_gen.pdbx_host_org_cell_line            ? 
_entity_src_gen.pdbx_host_org_atcc                 ? 
_entity_src_gen.pdbx_host_org_culture_collection   ? 
_entity_src_gen.pdbx_host_org_cell                 ? 
_entity_src_gen.pdbx_host_org_organelle            ? 
_entity_src_gen.pdbx_host_org_cellular_location    ? 
_entity_src_gen.pdbx_host_org_vector_type          ? 
_entity_src_gen.pdbx_host_org_vector               ? 
_entity_src_gen.host_org_details                   ? 
_entity_src_gen.expression_system_id               ? 
_entity_src_gen.plasmid_name                       ? 
_entity_src_gen.plasmid_details                    ? 
_entity_src_gen.pdbx_description                   ? 
# 
loop_
_chem_comp.id 
_chem_comp.type 
_chem_comp.mon_nstd_flag 
_chem_comp.name 
_chem_comp.pdbx_synonyms 
_chem_comp.formula 
_chem_comp.formula_weight 
ALA 'L-peptide linking' y ALANINE          ? 'C3 H7 N O2'     89.093  
ARG 'L-peptide linking' y ARGININE         ? 'C6 H15 N4 O2 1' 175.209 
ASN 'L-peptide linking' y ASPARAGINE       ? 'C4 H8 N2 O3'    132.118 
ASP 'L-peptide linking' y 'ASPARTIC ACID'  ? 'C4 H7 N O4'     133.103 
CYS 'L-peptide linking' y CYSTEINE         ? 'C3 H7 N O2 S'   121.158 
GLN 'L-peptide linking' y GLUTAMINE        ? 'C5 H10 N2 O3'   146.144 
GLU 'L-peptide linking' y 'GLUTAMIC ACID'  ? 'C5 H9 N O4'     147.129 
GLY 'peptide linking'   y GLYCINE          ? 'C2 H5 N O2'     75.067  
HIS 'L-peptide linking' y HISTIDINE        ? 'C6 H10 N3 O2 1' 156.162 
HOH non-polymer         . WATER            ? 'H2 O'           18.015  
ILE 'L-peptide linking' y ISOLEUCINE       ? 'C6 H13 N O2'    131.173 
LEU 'L-peptide linking' y LEUCINE          ? 'C6 H13 N O2'    131.173 
LYS 'L-peptide linking' y LYSINE           ? 'C6 H15 N2 O2 1' 147.195 
MSE 'L-peptide linking' n SELENOMETHIONINE ? 'C5 H11 N O2 Se' 196.106 
PHE 'L-peptide linking' y PHENYLALANINE    ? 'C9 H11 N O2'    165.189 
PRO 'L-peptide linking' y PROLINE          ? 'C5 H9 N O2'     115.130 
SER 'L-peptide linking' y SERINE           ? 'C3 H7 N O3'     105.093 
THR 'L-peptide linking' y THREONINE        ? 'C4 H9 N O3'     119.119 
TRP 'L-peptide linking' y TRYPTOPHAN       ? 'C11 H12 N2 O2'  204.225 
TYR 'L-peptide linking' y TYROSINE         ? 'C9 H11 N O3'    181.189 
VAL 'L-peptide linking' y VALINE           ? 'C5 H11 N O2'    117.146 
# 
loop_
_pdbx_poly_seq_scheme.asym_id 
_pdbx_poly_seq_scheme.entity_id 
_pdbx_poly_seq_scheme.seq_id 
_pdbx_poly_seq_scheme.mon_id 
_pdbx_poly_seq_scheme.ndb_seq_num 
_pdbx_poly_seq_scheme.pdb_seq_num 
_pdbx_poly_seq_scheme.auth_seq_num 
_pdbx_poly_seq_scheme.pdb_mon_id 
_pdbx_poly_seq_scheme.auth_mon_id 
_pdbx_poly_seq_scheme.pdb_strand_id 
_pdbx_poly_seq_scheme.pdb_ins_code 
_pdbx_poly_seq_scheme.hetero 
A 1 1   ALA 1   1   1   ALA ALA A . n 
A 1 2   PRO 2   2   2   PRO PRO A . n 
A 1 3   TYR 3   3   3   TYR TYR A . n 
A 1 4   VAL 4   4   4   VAL VAL A . n 
A 1 5   TYR 5   5   5   TYR TYR A . n 
A 1 6   ALA 6   6   6   ALA ALA A . n 
A 1 7   ASN 7   7   7   ASN ASN A . n 
A 1 8   ALA 8   8   8   ALA ALA A . n 
A 1 9   LYS 9   9   9   LYS ALA A . n 
A 1 10  ALA 10  10  10  ALA ALA A . n 
A 1 11  LEU 11  11  11  LEU LEU A . n 
A 1 12  GLN 12  12  12  GLN GLN A . n 
A 1 13  ASP 13  13  13  ASP ASP A . n 
A 1 14  THR 14  14  14  THR THR A . n 
A 1 15  GLU 15  15  15  GLU GLU A . n 
A 1 16  LYS 16  16  16  LYS LYS A . n 
A 1 17  VAL 17  17  17  VAL VAL A . n 
A 1 18  GLY 18  18  18  GLY GLY A . n 
A 1 19  ASN 19  19  19  ASN ASN A . n 
A 1 20  HIS 20  20  20  HIS HIS A . n 
A 1 21  HIS 21  21  21  HIS HIS A . n 
A 1 22  GLN 22  22  22  GLN GLN A . n 
A 1 23  CYS 23  23  23  CYS ALA A . n 
A 1 24  VAL 24  24  24  VAL VAL A . n 
A 1 25  GLU 25  25  25  GLU GLU A . n 
A 1 26  LEU 26  26  26  LEU LEU A . n 
A 1 27  ILE 27  27  27  ILE ILE A . n 
A 1 28  GLN 28  28  28  GLN GLN A . n 
A 1 29  HIS 29  29  29  HIS HIS A . n 
A 1 30  TYR 30  30  30  TYR TYR A . n 
A 1 31  ILE 31  31  31  ILE ILE A . n 
A 1 32  ARG 32  32  32  ARG ARG A . n 
A 1 33  VAL 33  33  33  VAL VAL A . n 
A 1 34  GLY 34  34  34  GLY GLY A . n 
A 1 35  GLN 35  35  35  GLN GLN A . n 
A 1 36  ALA 36  36  36  ALA ALA A . n 
A 1 37  SER 37  37  37  SER SER A . n 
A 1 38  THR 38  38  38  THR THR A . n 
A 1 39  TRP 39  39  39  TRP TRP A . n 
A 1 40  GLN 40  40  40  GLN GLN A . n 
A 1 41  GLN 41  41  41  GLN GLN A . n 
A 1 42  GLY 42  42  42  GLY GLY A . n 
A 1 43  ALA 43  43  43  ALA ALA A . n 
A 1 44  ALA 44  44  44  ALA ALA A . n 
A 1 45  VAL 45  45  45  VAL VAL A . n 
A 1 46  PHE 46  46  46  PHE PHE A . n 
A 1 47  GLY 47  47  47  GLY GLY A . n 
A 1 48  ASN 48  48  48  ASN ASN A . n 
A 1 49  LYS 49  49  49  LYS GLY A . n 
A 1 50  ASN 50  50  50  ASN ASN A . n 
A 1 51  ILE 51  51  51  ILE ILE A . n 
A 1 52  GLU 52  52  52  GLU GLU A . n 
A 1 53  VAL 53  53  53  VAL VAL A . n 
A 1 54  GLY 54  54  54  GLY GLY A . n 
A 1 55  THR 55  55  55  THR THR A . n 
A 1 56  VAL 56  56  56  VAL VAL A . n 
A 1 57  ILE 57  57  57  ILE ILE A . n 
A 1 58  ALA 58  58  58  ALA ALA A . n 
A 1 59  THR 59  59  59  THR THR A . n 
A 1 60  PHE 60  60  60  PHE PHE A . n 
A 1 61  VAL 61  61  61  VAL VAL A . n 
A 1 62  ASN 62  62  62  ASN ASN A . n 
A 1 63  GLY 63  63  63  GLY GLY A . n 
A 1 64  ARG 64  64  64  ARG ARG A . n 
A 1 65  TYR 65  65  65  TYR TYR A . n 
A 1 66  PRO 66  66  66  PRO PRO A . n 
A 1 67  ASN 67  67  67  ASN ASN A . n 
A 1 68  HIS 68  68  68  HIS HIS A . n 
A 1 69  ASN 69  69  69  ASN ASN A . n 
A 1 70  SER 70  70  70  SER SER A . n 
A 1 71  GLY 71  71  71  GLY GLY A . n 
A 1 72  ASN 72  72  72  ASN ASN A . n 
A 1 73  HIS 73  73  73  HIS HIS A . n 
A 1 74  ALA 74  74  74  ALA ALA A . n 
A 1 75  ALA 75  75  75  ALA ALA A . n 
A 1 76  PHE 76  76  76  PHE PHE A . n 
A 1 77  PHE 77  77  77  PHE PHE A . n 
A 1 78  LEU 78  78  78  LEU LEU A . n 
A 1 79  GLY 79  79  79  GLY GLY A . n 
A 1 80  GLN 80  80  80  GLN GLN A . n 
A 1 81  ASP 81  81  81  ASP ASP A . n 
A 1 82  THR 82  82  82  THR THR A . n 
A 1 83  GLY 83  83  83  GLY GLY A . n 
A 1 84  GLY 84  84  84  GLY GLY A . n 
A 1 85  ILE 85  85  85  ILE ILE A . n 
A 1 86  TRP 86  86  86  TRP TRP A . n 
A 1 87  VAL 87  87  87  VAL VAL A . n 
A 1 88  MSE 88  88  88  MSE MSE A . n 
A 1 89  ASP 89  89  89  ASP ASP A . n 
A 1 90  GLN 90  90  90  GLN GLN A . n 
A 1 91  TRP 91  91  91  TRP TRP A . n 
A 1 92  LYS 92  92  92  LYS ALA A . n 
A 1 93  ASP 93  93  93  ASP ASP A . n 
A 1 94  ASP 94  94  94  ASP ASP A . n 
A 1 95  ILE 95  95  95  ILE ILE A . n 
A 1 96  ALA 96  96  96  ALA ALA A . n 
A 1 97  LYS 97  97  97  LYS LYS A . n 
A 1 98  PRO 98  98  98  PRO PRO A . n 
A 1 99  ARG 99  99  99  ARG ARG A . n 
A 1 100 VAL 100 100 100 VAL VAL A . n 
A 1 101 SER 101 101 101 SER SER A . n 
A 1 102 LYS 102 102 102 LYS LYS A . n 
A 1 103 ARG 103 103 103 ARG ARG A . n 
A 1 104 TYR 104 104 104 TYR TYR A . n 
A 1 105 ILE 105 105 105 ILE ILE A . n 
A 1 106 ARG 106 106 106 ARG ARG A . n 
A 1 107 LYS 107 107 107 LYS LYS A . n 
A 1 108 LEU 108 108 108 LEU LEU A . n 
A 1 109 HIS 109 109 109 HIS HIS A . n 
A 1 110 ASN 110 110 110 ASN ASN A . n 
A 1 111 GLY 111 111 111 GLY GLY A . n 
A 1 112 SER 112 112 112 SER SER A . n 
A 1 113 VAL 113 113 113 VAL VAL A . n 
A 1 114 ARG 114 114 114 ARG ARG A . n 
A 1 115 SER 115 115 115 SER SER A . n 
A 1 116 ASP 116 116 116 ASP ASP A . n 
A 1 117 GLY 117 117 117 GLY GLY A . n 
A 1 118 THR 118 118 118 THR THR A . n 
A 1 119 TYR 119 119 119 TYR TYR A . n 
A 1 120 ILE 120 120 120 ILE ILE A . n 
A 1 121 ARG 121 121 121 ARG ARG A . n 
A 1 122 MSE 122 122 122 MSE MSE A . n 
A 1 123 SER 123 123 123 SER SER A . n 
A 1 124 ASN 124 124 124 ASN ASN A . n 
A 1 125 ASN 125 125 125 ASN ASN A . n 
A 1 126 ALA 126 126 126 ALA ALA A . n 
A 1 127 GLU 127 127 127 GLU GLU A . n 
A 1 128 ALA 128 128 128 ALA ALA A . n 
A 1 129 TYR 129 129 129 TYR TYR A . n 
A 1 130 PHE 130 130 130 PHE PHE A . n 
A 1 131 ILE 131 131 131 ILE ILE A . n 
A 1 132 VAL 132 132 132 VAL VAL A . n 
A 1 133 GLU 133 133 133 GLU GLU A . n 
A 1 134 LEU 134 134 134 LEU LEU A . n 
A 1 135 GLU 135 135 135 GLU GLU A . n 
A 1 136 HIS 136 136 136 HIS HIS A . n 
A 1 137 HIS 137 137 137 HIS HIS A . n 
A 1 138 HIS 138 138 138 HIS HIS A . n 
A 1 139 HIS 139 139 139 HIS HIS A . n 
A 1 140 HIS 140 140 140 HIS HIS A . n 
# 
loop_
_pdbx_nonpoly_scheme.asym_id 
_pdbx_nonpoly_scheme.entity_id 
_pdbx_nonpoly_scheme.mon_id 
_pdbx_nonpoly_scheme.ndb_seq_num 
_pdbx_nonpoly_scheme.pdb_seq_num 
_pdbx_nonpoly_scheme.auth_seq_num 
_pdbx_nonpoly_scheme.pdb_mon_id 
_pdbx_nonpoly_scheme.auth_mon_id 
_pdbx_nonpoly_scheme.pdb_strand_id 
_pdbx_nonpoly_scheme.pdb_ins_code 
B 2 HOH 1  201 2  HOH HOH A . 
B 2 HOH 2  202 23 HOH HOH A . 
B 2 HOH 3  203 72 HOH HOH A . 
B 2 HOH 4  204 73 HOH HOH A . 
B 2 HOH 5  205 8  HOH HOH A . 
B 2 HOH 6  206 27 HOH HOH A . 
B 2 HOH 7  207 62 HOH HOH A . 
B 2 HOH 8  208 60 HOH HOH A . 
B 2 HOH 9  209 75 HOH HOH A . 
B 2 HOH 10 210 41 HOH HOH A . 
B 2 HOH 11 211 42 HOH HOH A . 
B 2 HOH 12 212 16 HOH HOH A . 
B 2 HOH 13 213 69 HOH HOH A . 
B 2 HOH 14 214 29 HOH HOH A . 
B 2 HOH 15 215 19 HOH HOH A . 
B 2 HOH 16 216 43 HOH HOH A . 
B 2 HOH 17 217 10 HOH HOH A . 
B 2 HOH 18 218 38 HOH HOH A . 
B 2 HOH 19 219 3  HOH HOH A . 
B 2 HOH 20 220 17 HOH HOH A . 
B 2 HOH 21 221 7  HOH HOH A . 
B 2 HOH 22 222 78 HOH HOH A . 
B 2 HOH 23 223 40 HOH HOH A . 
B 2 HOH 24 224 71 HOH HOH A . 
B 2 HOH 25 225 13 HOH HOH A . 
B 2 HOH 26 226 80 HOH HOH A . 
B 2 HOH 27 227 85 HOH HOH A . 
B 2 HOH 28 228 76 HOH HOH A . 
B 2 HOH 29 229 20 HOH HOH A . 
B 2 HOH 30 230 5  HOH HOH A . 
B 2 HOH 31 231 36 HOH HOH A . 
B 2 HOH 32 232 45 HOH HOH A . 
B 2 HOH 33 233 65 HOH HOH A . 
B 2 HOH 34 234 15 HOH HOH A . 
B 2 HOH 35 235 25 HOH HOH A . 
B 2 HOH 36 236 46 HOH HOH A . 
B 2 HOH 37 237 9  HOH HOH A . 
B 2 HOH 38 238 37 HOH HOH A . 
B 2 HOH 39 239 26 HOH HOH A . 
B 2 HOH 40 240 34 HOH HOH A . 
B 2 HOH 41 241 68 HOH HOH A . 
B 2 HOH 42 242 22 HOH HOH A . 
B 2 HOH 43 243 59 HOH HOH A . 
B 2 HOH 44 244 24 HOH HOH A . 
B 2 HOH 45 245 11 HOH HOH A . 
B 2 HOH 46 246 50 HOH HOH A . 
B 2 HOH 47 247 83 HOH HOH A . 
B 2 HOH 48 248 4  HOH HOH A . 
B 2 HOH 49 249 74 HOH HOH A . 
B 2 HOH 50 250 14 HOH HOH A . 
B 2 HOH 51 251 35 HOH HOH A . 
B 2 HOH 52 252 28 HOH HOH A . 
B 2 HOH 53 253 32 HOH HOH A . 
B 2 HOH 54 254 63 HOH HOH A . 
B 2 HOH 55 255 21 HOH HOH A . 
B 2 HOH 56 256 52 HOH HOH A . 
B 2 HOH 57 257 30 HOH HOH A . 
B 2 HOH 58 258 58 HOH HOH A . 
B 2 HOH 59 259 55 HOH HOH A . 
B 2 HOH 60 260 86 HOH HOH A . 
B 2 HOH 61 261 33 HOH HOH A . 
B 2 HOH 62 262 70 HOH HOH A . 
B 2 HOH 63 263 64 HOH HOH A . 
B 2 HOH 64 264 49 HOH HOH A . 
B 2 HOH 65 265 31 HOH HOH A . 
B 2 HOH 66 266 61 HOH HOH A . 
B 2 HOH 67 267 77 HOH HOH A . 
B 2 HOH 68 268 67 HOH HOH A . 
B 2 HOH 69 269 6  HOH HOH A . 
B 2 HOH 70 270 53 HOH HOH A . 
B 2 HOH 71 271 12 HOH HOH A . 
B 2 HOH 72 272 39 HOH HOH A . 
B 2 HOH 73 273 51 HOH HOH A . 
B 2 HOH 74 274 84 HOH HOH A . 
B 2 HOH 75 275 82 HOH HOH A . 
B 2 HOH 76 276 81 HOH HOH A . 
B 2 HOH 77 277 1  HOH HOH A . 
B 2 HOH 78 278 54 HOH HOH A . 
B 2 HOH 79 279 66 HOH HOH A . 
B 2 HOH 80 280 56 HOH HOH A . 
B 2 HOH 81 281 44 HOH HOH A . 
B 2 HOH 82 282 18 HOH HOH A . 
B 2 HOH 83 283 48 HOH HOH A . 
B 2 HOH 84 284 87 HOH HOH A . 
B 2 HOH 85 285 79 HOH HOH A . 
B 2 HOH 86 286 47 HOH HOH A . 
B 2 HOH 87 287 57 HOH HOH A . 
# 
loop_
_pdbx_unobs_or_zero_occ_atoms.id 
_pdbx_unobs_or_zero_occ_atoms.PDB_model_num 
_pdbx_unobs_or_zero_occ_atoms.polymer_flag 
_pdbx_unobs_or_zero_occ_atoms.occupancy_flag 
_pdbx_unobs_or_zero_occ_atoms.auth_asym_id 
_pdbx_unobs_or_zero_occ_atoms.auth_comp_id 
_pdbx_unobs_or_zero_occ_atoms.auth_seq_id 
_pdbx_unobs_or_zero_occ_atoms.PDB_ins_code 
_pdbx_unobs_or_zero_occ_atoms.auth_atom_id 
_pdbx_unobs_or_zero_occ_atoms.label_alt_id 
_pdbx_unobs_or_zero_occ_atoms.label_asym_id 
_pdbx_unobs_or_zero_occ_atoms.label_comp_id 
_pdbx_unobs_or_zero_occ_atoms.label_seq_id 
_pdbx_unobs_or_zero_occ_atoms.label_atom_id 
1  1 Y 1 A LYS 9  ? CG ? A LYS 9  CG 
2  1 Y 1 A LYS 9  ? CD ? A LYS 9  CD 
3  1 Y 1 A LYS 9  ? CE ? A LYS 9  CE 
4  1 Y 1 A LYS 9  ? NZ ? A LYS 9  NZ 
5  1 Y 1 A CYS 23 ? SG ? A CYS 23 SG 
6  1 Y 1 A LYS 49 ? CB ? A LYS 49 CB 
7  1 Y 1 A LYS 49 ? CG ? A LYS 49 CG 
8  1 Y 1 A LYS 49 ? CD ? A LYS 49 CD 
9  1 Y 1 A LYS 49 ? CE ? A LYS 49 CE 
10 1 Y 1 A LYS 49 ? NZ ? A LYS 49 NZ 
11 1 Y 1 A LYS 92 ? CG ? A LYS 92 CG 
12 1 Y 1 A LYS 92 ? CD ? A LYS 92 CD 
13 1 Y 1 A LYS 92 ? CE ? A LYS 92 CE 
14 1 Y 1 A LYS 92 ? NZ ? A LYS 92 NZ 
# 
loop_
_software.citation_id 
_software.classification 
_software.compiler_name 
_software.compiler_version 
_software.contact_author 
_software.contact_author_email 
_software.date 
_software.description 
_software.dependencies 
_software.hardware 
_software.language 
_software.location 
_software.mods 
_software.name 
_software.os 
_software.os_version 
_software.type 
_software.version 
_software.pdbx_ordinal 
? refinement        ? ? ? ? ? ? ? ? ? ? ? PHENIX      ? ? ? 1.17.1_3660 1 
? 'data scaling'    ? ? ? ? ? ? ? ? ? ? ? ELVES       ? ? ? .           2 
? 'data extraction' ? ? ? ? ? ? ? ? ? ? ? PDB_EXTRACT ? ? ? 3.25        3 
? 'data reduction'  ? ? ? ? ? ? ? ? ? ? ? ELVES       ? ? ? .           4 
? phasing           ? ? ? ? ? ? ? ? ? ? ? AutoSol     ? ? ? .           5 
# 
_cell.angle_alpha                  90.000 
_cell.angle_alpha_esd              ? 
_cell.angle_beta                   104.712 
_cell.angle_beta_esd               ? 
_cell.angle_gamma                  90.000 
_cell.angle_gamma_esd              ? 
_cell.entry_id                     6WIN 
_cell.details                      ? 
_cell.formula_units_Z              ? 
_cell.length_a                     33.318 
_cell.length_a_esd                 ? 
_cell.length_b                     46.032 
_cell.length_b_esd                 ? 
_cell.length_c                     38.923 
_cell.length_c_esd                 ? 
_cell.volume                       57738.821 
_cell.volume_esd                   ? 
_cell.Z_PDB                        2 
_cell.reciprocal_angle_alpha       ? 
_cell.reciprocal_angle_beta        ? 
_cell.reciprocal_angle_gamma       ? 
_cell.reciprocal_angle_alpha_esd   ? 
_cell.reciprocal_angle_beta_esd    ? 
_cell.reciprocal_angle_gamma_esd   ? 
_cell.reciprocal_length_a          ? 
_cell.reciprocal_length_b          ? 
_cell.reciprocal_length_c          ? 
_cell.reciprocal_length_a_esd      ? 
_cell.reciprocal_length_b_esd      ? 
_cell.reciprocal_length_c_esd      ? 
_cell.pdbx_unique_axis             ? 
# 
_symmetry.entry_id                         6WIN 
_symmetry.cell_setting                     ? 
_symmetry.Int_Tables_number                4 
_symmetry.space_group_name_Hall            'P 2yb' 
_symmetry.space_group_name_H-M             'P 1 21 1' 
_symmetry.pdbx_full_space_group_name_H-M   ? 
# 
_exptl.absorpt_coefficient_mu     ? 
_exptl.absorpt_correction_T_max   ? 
_exptl.absorpt_correction_T_min   ? 
_exptl.absorpt_correction_type    ? 
_exptl.absorpt_process_details    ? 
_exptl.entry_id                   6WIN 
_exptl.crystals_number            1 
_exptl.details                    ? 
_exptl.method                     'X-RAY DIFFRACTION' 
_exptl.method_details             ? 
# 
_exptl_crystal.colour                      ? 
_exptl_crystal.density_diffrn              ? 
_exptl_crystal.density_Matthews            1.94 
_exptl_crystal.density_method              ? 
_exptl_crystal.density_percent_sol         32.83 
_exptl_crystal.description                 ? 
_exptl_crystal.F_000                       ? 
_exptl_crystal.id                          1 
_exptl_crystal.preparation                 ? 
_exptl_crystal.size_max                    ? 
_exptl_crystal.size_mid                    ? 
_exptl_crystal.size_min                    ? 
_exptl_crystal.size_rad                    ? 
_exptl_crystal.colour_lustre               ? 
_exptl_crystal.colour_modifier             ? 
_exptl_crystal.colour_primary              ? 
_exptl_crystal.density_meas                ? 
_exptl_crystal.density_meas_esd            ? 
_exptl_crystal.density_meas_gt             ? 
_exptl_crystal.density_meas_lt             ? 
_exptl_crystal.density_meas_temp           ? 
_exptl_crystal.density_meas_temp_esd       ? 
_exptl_crystal.density_meas_temp_gt        ? 
_exptl_crystal.density_meas_temp_lt        ? 
_exptl_crystal.pdbx_crystal_image_url      ? 
_exptl_crystal.pdbx_crystal_image_format   ? 
_exptl_crystal.pdbx_mosaicity              ? 
_exptl_crystal.pdbx_mosaicity_esd          ? 
# 
_exptl_crystal_grow.apparatus       ? 
_exptl_crystal_grow.atmosphere      ? 
_exptl_crystal_grow.crystal_id      1 
_exptl_crystal_grow.details         ? 
_exptl_crystal_grow.method          'VAPOR DIFFUSION, HANGING DROP' 
_exptl_crystal_grow.method_ref      ? 
_exptl_crystal_grow.pH              ? 
_exptl_crystal_grow.pressure        ? 
_exptl_crystal_grow.pressure_esd    ? 
_exptl_crystal_grow.seeding         ? 
_exptl_crystal_grow.seeding_ref     ? 
_exptl_crystal_grow.temp            298 
_exptl_crystal_grow.temp_details    ? 
_exptl_crystal_grow.temp_esd        ? 
_exptl_crystal_grow.time            ? 
_exptl_crystal_grow.pdbx_details    
;1M sodium citrate
0.1M MES pH 6.6
4% formamide
;
_exptl_crystal_grow.pdbx_pH_range   ? 
# 
_diffrn.ambient_environment              ? 
_diffrn.ambient_temp                     91 
_diffrn.ambient_temp_details             ? 
_diffrn.ambient_temp_esd                 ? 
_diffrn.crystal_id                       1 
_diffrn.crystal_support                  ? 
_diffrn.crystal_treatment                ? 
_diffrn.details                          ? 
_diffrn.id                               1 
_diffrn.ambient_pressure                 ? 
_diffrn.ambient_pressure_esd             ? 
_diffrn.ambient_pressure_gt              ? 
_diffrn.ambient_pressure_lt              ? 
_diffrn.ambient_temp_gt                  ? 
_diffrn.ambient_temp_lt                  ? 
_diffrn.pdbx_serial_crystal_experiment   N 
# 
_diffrn_detector.details                      ? 
_diffrn_detector.detector                     PIXEL 
_diffrn_detector.diffrn_id                    1 
_diffrn_detector.type                         'DECTRIS PILATUS3 S 6M' 
_diffrn_detector.area_resol_mean              ? 
_diffrn_detector.dtime                        ? 
_diffrn_detector.pdbx_frames_total            ? 
_diffrn_detector.pdbx_collection_time_total   ? 
_diffrn_detector.pdbx_collection_date         2017-12-22 
_diffrn_detector.pdbx_frequency               ? 
# 
_diffrn_radiation.collimation                      ? 
_diffrn_radiation.diffrn_id                        1 
_diffrn_radiation.filter_edge                      ? 
_diffrn_radiation.inhomogeneity                    ? 
_diffrn_radiation.monochromator                    ? 
_diffrn_radiation.polarisn_norm                    ? 
_diffrn_radiation.polarisn_ratio                   ? 
_diffrn_radiation.probe                            ? 
_diffrn_radiation.type                             ? 
_diffrn_radiation.xray_symbol                      ? 
_diffrn_radiation.wavelength_id                    1 
_diffrn_radiation.pdbx_monochromatic_or_laue_m_l   M 
_diffrn_radiation.pdbx_wavelength_list             ? 
_diffrn_radiation.pdbx_wavelength                  ? 
_diffrn_radiation.pdbx_diffrn_protocol             'SINGLE WAVELENGTH' 
_diffrn_radiation.pdbx_analyzer                    ? 
_diffrn_radiation.pdbx_scattering_type             x-ray 
# 
_diffrn_radiation_wavelength.id           1 
_diffrn_radiation_wavelength.wavelength   0.97954 
_diffrn_radiation_wavelength.wt           1.0 
# 
_diffrn_source.current                     ? 
_diffrn_source.details                     ? 
_diffrn_source.diffrn_id                   1 
_diffrn_source.power                       ? 
_diffrn_source.size                        ? 
_diffrn_source.source                      SYNCHROTRON 
_diffrn_source.target                      ? 
_diffrn_source.type                        'ALS BEAMLINE 8.3.1' 
_diffrn_source.voltage                     ? 
_diffrn_source.take-off_angle              ? 
_diffrn_source.pdbx_wavelength_list        0.97954 
_diffrn_source.pdbx_wavelength             ? 
_diffrn_source.pdbx_synchrotron_beamline   8.3.1 
_diffrn_source.pdbx_synchrotron_site       ALS 
# 
_reflns.B_iso_Wilson_estimate            20.74 
_reflns.entry_id                         6WIN 
_reflns.data_reduction_details           ? 
_reflns.data_reduction_method            ? 
_reflns.d_resolution_high                1.680 
_reflns.d_resolution_low                 46.030 
_reflns.details                          ? 
_reflns.limit_h_max                      ? 
_reflns.limit_h_min                      ? 
_reflns.limit_k_max                      ? 
_reflns.limit_k_min                      ? 
_reflns.limit_l_max                      ? 
_reflns.limit_l_min                      ? 
_reflns.number_all                       ? 
_reflns.number_obs                       9246 
_reflns.observed_criterion               ? 
_reflns.observed_criterion_F_max         ? 
_reflns.observed_criterion_F_min         ? 
_reflns.observed_criterion_I_max         ? 
_reflns.observed_criterion_I_min         ? 
_reflns.observed_criterion_sigma_F       ? 
_reflns.observed_criterion_sigma_I       ? 
_reflns.percent_possible_obs             70.400 
_reflns.R_free_details                   ? 
_reflns.Rmerge_F_all                     ? 
_reflns.Rmerge_F_obs                     ? 
_reflns.Friedel_coverage                 ? 
_reflns.number_gt                        ? 
_reflns.threshold_expression             ? 
_reflns.pdbx_redundancy                  5.700 
_reflns.pdbx_Rmerge_I_obs                0.089 
_reflns.pdbx_Rmerge_I_all                ? 
_reflns.pdbx_Rsym_value                  ? 
_reflns.pdbx_netI_over_av_sigmaI         ? 
_reflns.pdbx_netI_over_sigmaI            16.000 
_reflns.pdbx_res_netI_over_av_sigmaI_2   ? 
_reflns.pdbx_res_netI_over_sigmaI_2      ? 
_reflns.pdbx_chi_squared                 ? 
_reflns.pdbx_scaling_rejects             1 
_reflns.pdbx_d_res_high_opt              ? 
_reflns.pdbx_d_res_low_opt               ? 
_reflns.pdbx_d_res_opt_method            ? 
_reflns.phase_calculation_details        ? 
_reflns.pdbx_Rrim_I_all                  0.098 
_reflns.pdbx_Rpim_I_all                  0.039 
_reflns.pdbx_d_opt                       ? 
_reflns.pdbx_number_measured_all         52864 
_reflns.pdbx_diffrn_id                   1 
_reflns.pdbx_ordinal                     1 
_reflns.pdbx_CC_half                     0.997 
_reflns.pdbx_CC_star                     ? 
_reflns.pdbx_R_split                     ? 
# 
_reflns_shell.d_res_high                  1.680 
_reflns_shell.d_res_low                   1.710 
_reflns_shell.meanI_over_sigI_all         ? 
_reflns_shell.meanI_over_sigI_obs         ? 
_reflns_shell.number_measured_all         84 
_reflns_shell.number_measured_obs         ? 
_reflns_shell.number_possible             ? 
_reflns_shell.number_unique_all           ? 
_reflns_shell.number_unique_obs           37 
_reflns_shell.percent_possible_all        5.700 
_reflns_shell.percent_possible_obs        ? 
_reflns_shell.Rmerge_F_all                ? 
_reflns_shell.Rmerge_F_obs                ? 
_reflns_shell.Rmerge_I_all                ? 
_reflns_shell.Rmerge_I_obs                0.989 
_reflns_shell.meanI_over_sigI_gt          ? 
_reflns_shell.meanI_over_uI_all           ? 
_reflns_shell.meanI_over_uI_gt            ? 
_reflns_shell.number_measured_gt          ? 
_reflns_shell.number_unique_gt            ? 
_reflns_shell.percent_possible_gt         ? 
_reflns_shell.Rmerge_F_gt                 ? 
_reflns_shell.Rmerge_I_gt                 ? 
_reflns_shell.pdbx_redundancy             2.300 
_reflns_shell.pdbx_Rsym_value             ? 
_reflns_shell.pdbx_chi_squared            ? 
_reflns_shell.pdbx_netI_over_sigmaI_all   ? 
_reflns_shell.pdbx_netI_over_sigmaI_obs   1.400 
_reflns_shell.pdbx_Rrim_I_all             1.255 
_reflns_shell.pdbx_Rpim_I_all             0.757 
_reflns_shell.pdbx_rejects                ? 
_reflns_shell.pdbx_ordinal                1 
_reflns_shell.pdbx_diffrn_id              1 
_reflns_shell.pdbx_CC_half                0.443 
_reflns_shell.pdbx_CC_star                ? 
_reflns_shell.pdbx_R_split                ? 
# 
_refine.aniso_B[1][1]                            ? 
_refine.aniso_B[1][2]                            ? 
_refine.aniso_B[1][3]                            ? 
_refine.aniso_B[2][2]                            ? 
_refine.aniso_B[2][3]                            ? 
_refine.aniso_B[3][3]                            ? 
_refine.B_iso_max                                ? 
_refine.B_iso_mean                               23.85 
_refine.B_iso_min                                ? 
_refine.correlation_coeff_Fo_to_Fc               ? 
_refine.correlation_coeff_Fo_to_Fc_free          ? 
_refine.details                                  ? 
_refine.diff_density_max                         ? 
_refine.diff_density_max_esd                     ? 
_refine.diff_density_min                         ? 
_refine.diff_density_min_esd                     ? 
_refine.diff_density_rms                         ? 
_refine.diff_density_rms_esd                     ? 
_refine.entry_id                                 6WIN 
_refine.pdbx_refine_id                           'X-RAY DIFFRACTION' 
_refine.ls_abs_structure_details                 ? 
_refine.ls_abs_structure_Flack                   ? 
_refine.ls_abs_structure_Flack_esd               ? 
_refine.ls_abs_structure_Rogers                  ? 
_refine.ls_abs_structure_Rogers_esd              ? 
_refine.ls_d_res_high                            2.05 
_refine.ls_d_res_low                             37.65 
_refine.ls_extinction_coef                       ? 
_refine.ls_extinction_coef_esd                   ? 
_refine.ls_extinction_expression                 ? 
_refine.ls_extinction_method                     ? 
_refine.ls_goodness_of_fit_all                   ? 
_refine.ls_goodness_of_fit_all_esd               ? 
_refine.ls_goodness_of_fit_obs                   ? 
_refine.ls_goodness_of_fit_obs_esd               ? 
_refine.ls_hydrogen_treatment                    ? 
_refine.ls_matrix_type                           ? 
_refine.ls_number_constraints                    ? 
_refine.ls_number_parameters                     ? 
_refine.ls_number_reflns_all                     ? 
_refine.ls_number_reflns_obs                     7120 
_refine.ls_number_reflns_R_free                  712 
_refine.ls_number_reflns_R_work                  6408 
_refine.ls_number_restraints                     ? 
_refine.ls_percent_reflns_obs                    98.21 
_refine.ls_percent_reflns_R_free                 10.00 
_refine.ls_R_factor_all                          ? 
_refine.ls_R_factor_obs                          0.1795 
_refine.ls_R_factor_R_free                       0.2238 
_refine.ls_R_factor_R_free_error                 ? 
_refine.ls_R_factor_R_free_error_details         ? 
_refine.ls_R_factor_R_work                       0.1745 
_refine.ls_R_Fsqd_factor_obs                     ? 
_refine.ls_R_I_factor_obs                        ? 
_refine.ls_redundancy_reflns_all                 ? 
_refine.ls_redundancy_reflns_obs                 ? 
_refine.ls_restrained_S_all                      ? 
_refine.ls_restrained_S_obs                      ? 
_refine.ls_shift_over_esd_max                    ? 
_refine.ls_shift_over_esd_mean                   ? 
_refine.ls_structure_factor_coef                 ? 
_refine.ls_weighting_details                     ? 
_refine.ls_weighting_scheme                      ? 
_refine.ls_wR_factor_all                         ? 
_refine.ls_wR_factor_obs                         ? 
_refine.ls_wR_factor_R_free                      ? 
_refine.ls_wR_factor_R_work                      ? 
_refine.occupancy_max                            ? 
_refine.occupancy_min                            ? 
_refine.solvent_model_details                    'FLAT BULK SOLVENT MODEL' 
_refine.solvent_model_param_bsol                 ? 
_refine.solvent_model_param_ksol                 ? 
_refine.pdbx_R_complete                          ? 
_refine.ls_R_factor_gt                           ? 
_refine.ls_goodness_of_fit_gt                    ? 
_refine.ls_goodness_of_fit_ref                   ? 
_refine.ls_shift_over_su_max                     ? 
_refine.ls_shift_over_su_max_lt                  ? 
_refine.ls_shift_over_su_mean                    ? 
_refine.ls_shift_over_su_mean_lt                 ? 
_refine.pdbx_ls_sigma_I                          ? 
_refine.pdbx_ls_sigma_F                          0.32 
_refine.pdbx_ls_sigma_Fsqd                       ? 
_refine.pdbx_data_cutoff_high_absF               ? 
_refine.pdbx_data_cutoff_high_rms_absF           ? 
_refine.pdbx_data_cutoff_low_absF                ? 
_refine.pdbx_isotropic_thermal_model             ? 
_refine.pdbx_ls_cross_valid_method               'FREE R-VALUE' 
_refine.pdbx_method_to_determine_struct          SAD 
_refine.pdbx_starting_model                      ? 
_refine.pdbx_stereochemistry_target_values       'GeoStd + Monomer Library + CDL v1.2' 
_refine.pdbx_R_Free_selection_details            ? 
_refine.pdbx_stereochem_target_val_spec_case     ? 
_refine.pdbx_overall_ESU_R                       ? 
_refine.pdbx_overall_ESU_R_Free                  ? 
_refine.pdbx_solvent_vdw_probe_radii             1.1100 
_refine.pdbx_solvent_ion_probe_radii             ? 
_refine.pdbx_solvent_shrinkage_radii             0.9000 
_refine.pdbx_real_space_R                        ? 
_refine.pdbx_density_correlation                 ? 
_refine.pdbx_pd_number_of_powder_patterns        ? 
_refine.pdbx_pd_number_of_points                 ? 
_refine.pdbx_pd_meas_number_of_points            ? 
_refine.pdbx_pd_proc_ls_prof_R_factor            ? 
_refine.pdbx_pd_proc_ls_prof_wR_factor           ? 
_refine.pdbx_pd_Marquardt_correlation_coeff      ? 
_refine.pdbx_pd_Fsqrd_R_factor                   ? 
_refine.pdbx_pd_ls_matrix_band_width             ? 
_refine.pdbx_overall_phase_error                 26.3295 
_refine.pdbx_overall_SU_R_free_Cruickshank_DPI   ? 
_refine.pdbx_overall_SU_R_free_Blow_DPI          ? 
_refine.pdbx_overall_SU_R_Blow_DPI               ? 
_refine.pdbx_TLS_residual_ADP_flag               ? 
_refine.pdbx_diffrn_id                           1 
_refine.overall_SU_B                             ? 
_refine.overall_SU_ML                            0.2311 
_refine.overall_SU_R_Cruickshank_DPI             ? 
_refine.overall_SU_R_free                        ? 
_refine.overall_FOM_free_R_set                   ? 
_refine.overall_FOM_work_R_set                   ? 
_refine.pdbx_average_fsc_overall                 ? 
_refine.pdbx_average_fsc_work                    ? 
_refine.pdbx_average_fsc_free                    ? 
# 
_refine_hist.pdbx_refine_id                   'X-RAY DIFFRACTION' 
_refine_hist.cycle_id                         LAST 
_refine_hist.details                          ? 
_refine_hist.d_res_high                       2.05 
_refine_hist.d_res_low                        37.65 
_refine_hist.number_atoms_solvent             87 
_refine_hist.number_atoms_total               1196 
_refine_hist.number_reflns_all                ? 
_refine_hist.number_reflns_obs                ? 
_refine_hist.number_reflns_R_free             ? 
_refine_hist.number_reflns_R_work             ? 
_refine_hist.R_factor_all                     ? 
_refine_hist.R_factor_obs                     ? 
_refine_hist.R_factor_R_free                  ? 
_refine_hist.R_factor_R_work                  ? 
_refine_hist.pdbx_number_residues_total       ? 
_refine_hist.pdbx_B_iso_mean_ligand           ? 
_refine_hist.pdbx_B_iso_mean_solvent          ? 
_refine_hist.pdbx_number_atoms_protein        1109 
_refine_hist.pdbx_number_atoms_nucleic_acid   0 
_refine_hist.pdbx_number_atoms_ligand         0 
_refine_hist.pdbx_number_atoms_lipid          ? 
_refine_hist.pdbx_number_atoms_carb           ? 
_refine_hist.pdbx_pseudo_atom_details         ? 
# 
loop_
_refine_ls_restr.pdbx_refine_id 
_refine_ls_restr.criterion 
_refine_ls_restr.dev_ideal 
_refine_ls_restr.dev_ideal_target 
_refine_ls_restr.number 
_refine_ls_restr.rejects 
_refine_ls_restr.type 
_refine_ls_restr.weight 
_refine_ls_restr.pdbx_restraint_function 
'X-RAY DIFFRACTION' ? 0.0072  ? 1140 ? f_bond_d           ? ? 
'X-RAY DIFFRACTION' ? 0.8112  ? 1549 ? f_angle_d          ? ? 
'X-RAY DIFFRACTION' ? 0.0560  ? 159  ? f_chiral_restr     ? ? 
'X-RAY DIFFRACTION' ? 0.0043  ? 206  ? f_plane_restr      ? ? 
'X-RAY DIFFRACTION' ? 29.6374 ? 153  ? f_dihedral_angle_d ? ? 
# 
loop_
_refine_ls_shell.pdbx_refine_id 
_refine_ls_shell.d_res_high 
_refine_ls_shell.d_res_low 
_refine_ls_shell.number_reflns_all 
_refine_ls_shell.number_reflns_obs 
_refine_ls_shell.number_reflns_R_free 
_refine_ls_shell.number_reflns_R_work 
_refine_ls_shell.percent_reflns_obs 
_refine_ls_shell.percent_reflns_R_free 
_refine_ls_shell.R_factor_all 
_refine_ls_shell.R_factor_obs 
_refine_ls_shell.R_factor_R_free 
_refine_ls_shell.R_factor_R_free_error 
_refine_ls_shell.R_factor_R_work 
_refine_ls_shell.redundancy_reflns_all 
_refine_ls_shell.redundancy_reflns_obs 
_refine_ls_shell.wR_factor_all 
_refine_ls_shell.wR_factor_obs 
_refine_ls_shell.wR_factor_R_free 
_refine_ls_shell.wR_factor_R_work 
_refine_ls_shell.pdbx_R_complete 
_refine_ls_shell.pdbx_total_number_of_bins_used 
_refine_ls_shell.pdbx_phase_error 
_refine_ls_shell.pdbx_fsc_work 
_refine_ls_shell.pdbx_fsc_free 
'X-RAY DIFFRACTION' 2.05 2.21  . . 132 1196 92.09 . . . 0.2881 . 0.1949 . . . . . . . . . . . 
'X-RAY DIFFRACTION' 2.21 2.43  . . 143 1284 99.65 . . . 0.2351 . 0.1858 . . . . . . . . . . . 
'X-RAY DIFFRACTION' 2.43 2.78  . . 144 1303 99.59 . . . 0.2618 . 0.1883 . . . . . . . . . . . 
'X-RAY DIFFRACTION' 2.78 3.50  . . 144 1289 99.79 . . . 0.2335 . 0.1810 . . . . . . . . . . . 
'X-RAY DIFFRACTION' 3.51 37.65 . . 149 1336 99.93 . . . 0.1831 . 0.1558 . . . . . . . . . . . 
# 
_struct.entry_id                     6WIN 
_struct.title                        'Type 6 secretion amidase effector 2 (Tae2)' 
_struct.pdbx_model_details           ? 
_struct.pdbx_formula_weight          ? 
_struct.pdbx_formula_weight_method   ? 
_struct.pdbx_model_type_details      ? 
_struct.pdbx_CASP_flag               N 
# 
_struct_keywords.entry_id        6WIN 
_struct_keywords.text            'amidase, toxin, peptidoglycan hydrolase, ANTIMICROBIAL PROTEIN' 
_struct_keywords.pdbx_keywords   'ANTIMICROBIAL PROTEIN' 
# 
loop_
_struct_asym.id 
_struct_asym.pdbx_blank_PDB_chainid_flag 
_struct_asym.pdbx_modified 
_struct_asym.entity_id 
_struct_asym.details 
A N N 1 ? 
B N N 2 ? 
# 
_struct_ref.id                         1 
_struct_ref.db_name                    UNP 
_struct_ref.db_code                    Q8Z969_SALTI 
_struct_ref.pdbx_db_accession          Q8Z969 
_struct_ref.pdbx_db_isoform            ? 
_struct_ref.entity_id                  1 
_struct_ref.pdbx_seq_one_letter_code   
;PYVYANAKALQDTEKVGNHHQCVELIQHYIRVGQASTWQQGAAVFGNKNIEVGTVIATFVNGRYPNHNSGNHAAFFLGQD
TGGIWVMDQWKDDIAKPRVSKRYIRKLHNGSVRSDGTYIRMSNNAEAYFIVE
;
_struct_ref.pdbx_align_begin           2 
# 
_struct_ref_seq.align_id                      1 
_struct_ref_seq.ref_id                        1 
_struct_ref_seq.pdbx_PDB_id_code              6WIN 
_struct_ref_seq.pdbx_strand_id                A 
_struct_ref_seq.seq_align_beg                 2 
_struct_ref_seq.pdbx_seq_align_beg_ins_code   ? 
_struct_ref_seq.seq_align_end                 133 
_struct_ref_seq.pdbx_seq_align_end_ins_code   ? 
_struct_ref_seq.pdbx_db_accession             Q8Z969 
_struct_ref_seq.db_align_beg                  2 
_struct_ref_seq.pdbx_db_align_beg_ins_code    ? 
_struct_ref_seq.db_align_end                  133 
_struct_ref_seq.pdbx_db_align_end_ins_code    ? 
_struct_ref_seq.pdbx_auth_seq_align_beg       2 
_struct_ref_seq.pdbx_auth_seq_align_end       133 
# 
loop_
_struct_ref_seq_dif.align_id 
_struct_ref_seq_dif.pdbx_pdb_id_code 
_struct_ref_seq_dif.mon_id 
_struct_ref_seq_dif.pdbx_pdb_strand_id 
_struct_ref_seq_dif.seq_num 
_struct_ref_seq_dif.pdbx_pdb_ins_code 
_struct_ref_seq_dif.pdbx_seq_db_name 
_struct_ref_seq_dif.pdbx_seq_db_accession_code 
_struct_ref_seq_dif.db_mon_id 
_struct_ref_seq_dif.pdbx_seq_db_seq_num 
_struct_ref_seq_dif.details 
_struct_ref_seq_dif.pdbx_auth_seq_num 
_struct_ref_seq_dif.pdbx_ordinal 
1 6WIN ALA A 1   ? UNP Q8Z969 ? ? 'expression tag' 1   1 
1 6WIN LEU A 134 ? UNP Q8Z969 ? ? 'expression tag' 134 2 
1 6WIN GLU A 135 ? UNP Q8Z969 ? ? 'expression tag' 135 3 
1 6WIN HIS A 136 ? UNP Q8Z969 ? ? 'expression tag' 136 4 
1 6WIN HIS A 137 ? UNP Q8Z969 ? ? 'expression tag' 137 5 
1 6WIN HIS A 138 ? UNP Q8Z969 ? ? 'expression tag' 138 6 
1 6WIN HIS A 139 ? UNP Q8Z969 ? ? 'expression tag' 139 7 
1 6WIN HIS A 140 ? UNP Q8Z969 ? ? 'expression tag' 140 8 
# 
_pdbx_struct_assembly.id                   1 
_pdbx_struct_assembly.details              author_and_software_defined_assembly 
_pdbx_struct_assembly.method_details       PISA 
_pdbx_struct_assembly.oligomeric_details   monomeric 
_pdbx_struct_assembly.oligomeric_count     1 
# 
_pdbx_struct_assembly_gen.assembly_id       1 
_pdbx_struct_assembly_gen.oper_expression   1 
_pdbx_struct_assembly_gen.asym_id_list      A,B 
# 
_pdbx_struct_assembly_auth_evidence.id                     1 
_pdbx_struct_assembly_auth_evidence.assembly_id            1 
_pdbx_struct_assembly_auth_evidence.experimental_support   none 
_pdbx_struct_assembly_auth_evidence.details                ? 
# 
_pdbx_struct_oper_list.id                   1 
_pdbx_struct_oper_list.type                 'identity operation' 
_pdbx_struct_oper_list.name                 1_555 
_pdbx_struct_oper_list.symmetry_operation   x,y,z 
_pdbx_struct_oper_list.matrix[1][1]         1.0000000000 
_pdbx_struct_oper_list.matrix[1][2]         0.0000000000 
_pdbx_struct_oper_list.matrix[1][3]         0.0000000000 
_pdbx_struct_oper_list.vector[1]            0.0000000000 
_pdbx_struct_oper_list.matrix[2][1]         0.0000000000 
_pdbx_struct_oper_list.matrix[2][2]         1.0000000000 
_pdbx_struct_oper_list.matrix[2][3]         0.0000000000 
_pdbx_struct_oper_list.vector[2]            0.0000000000 
_pdbx_struct_oper_list.matrix[3][1]         0.0000000000 
_pdbx_struct_oper_list.matrix[3][2]         0.0000000000 
_pdbx_struct_oper_list.matrix[3][3]         1.0000000000 
_pdbx_struct_oper_list.vector[3]            0.0000000000 
# 
loop_
_struct_conf.conf_type_id 
_struct_conf.id 
_struct_conf.pdbx_PDB_helix_id 
_struct_conf.beg_label_comp_id 
_struct_conf.beg_label_asym_id 
_struct_conf.beg_label_seq_id 
_struct_conf.pdbx_beg_PDB_ins_code 
_struct_conf.end_label_comp_id 
_struct_conf.end_label_asym_id 
_struct_conf.end_label_seq_id 
_struct_conf.pdbx_end_PDB_ins_code 
_struct_conf.beg_auth_comp_id 
_struct_conf.beg_auth_asym_id 
_struct_conf.beg_auth_seq_id 
_struct_conf.end_auth_comp_id 
_struct_conf.end_auth_asym_id 
_struct_conf.end_auth_seq_id 
_struct_conf.pdbx_PDB_helix_class 
_struct_conf.details 
_struct_conf.pdbx_PDB_helix_length 
HELX_P HELX_P1 AA1 ASN A 7   ? GLN A 12  ? ASN A 7   GLN A 12  5 ? 6  
HELX_P HELX_P2 AA2 GLN A 22  ? ILE A 31  ? GLN A 22  ILE A 31  1 ? 10 
HELX_P HELX_P3 AA3 GLN A 35  ? TRP A 39  ? GLN A 35  TRP A 39  5 ? 5  
HELX_P HELX_P4 AA4 ARG A 121 ? GLU A 127 ? ARG A 121 GLU A 127 5 ? 7  
# 
_struct_conf_type.id          HELX_P 
_struct_conf_type.criteria    ? 
_struct_conf_type.reference   ? 
# 
loop_
_struct_conn.id 
_struct_conn.conn_type_id 
_struct_conn.pdbx_leaving_atom_flag 
_struct_conn.pdbx_PDB_id 
_struct_conn.ptnr1_label_asym_id 
_struct_conn.ptnr1_label_comp_id 
_struct_conn.ptnr1_label_seq_id 
_struct_conn.ptnr1_label_atom_id 
_struct_conn.pdbx_ptnr1_label_alt_id 
_struct_conn.pdbx_ptnr1_PDB_ins_code 
_struct_conn.pdbx_ptnr1_standard_comp_id 
_struct_conn.ptnr1_symmetry 
_struct_conn.ptnr2_label_asym_id 
_struct_conn.ptnr2_label_comp_id 
_struct_conn.ptnr2_label_seq_id 
_struct_conn.ptnr2_label_atom_id 
_struct_conn.pdbx_ptnr2_label_alt_id 
_struct_conn.pdbx_ptnr2_PDB_ins_code 
_struct_conn.ptnr1_auth_asym_id 
_struct_conn.ptnr1_auth_comp_id 
_struct_conn.ptnr1_auth_seq_id 
_struct_conn.ptnr2_auth_asym_id 
_struct_conn.ptnr2_auth_comp_id 
_struct_conn.ptnr2_auth_seq_id 
_struct_conn.ptnr2_symmetry 
_struct_conn.pdbx_ptnr3_label_atom_id 
_struct_conn.pdbx_ptnr3_label_seq_id 
_struct_conn.pdbx_ptnr3_label_comp_id 
_struct_conn.pdbx_ptnr3_label_asym_id 
_struct_conn.pdbx_ptnr3_label_alt_id 
_struct_conn.pdbx_ptnr3_PDB_ins_code 
_struct_conn.details 
_struct_conn.pdbx_dist_value 
_struct_conn.pdbx_value_order 
_struct_conn.pdbx_role 
covale1 covale both ? A VAL 87  C ? ? ? 1_555 A MSE 88  N ? ? A VAL 87  A MSE 88  1_555 ? ? ? ? ? ? ? 1.330 ? ? 
covale2 covale both ? A MSE 88  C ? ? ? 1_555 A ASP 89  N ? ? A MSE 88  A ASP 89  1_555 ? ? ? ? ? ? ? 1.335 ? ? 
covale3 covale both ? A ARG 121 C ? ? ? 1_555 A MSE 122 N ? ? A ARG 121 A MSE 122 1_555 ? ? ? ? ? ? ? 1.330 ? ? 
covale4 covale both ? A MSE 122 C ? ? ? 1_555 A SER 123 N ? ? A MSE 122 A SER 123 1_555 ? ? ? ? ? ? ? 1.337 ? ? 
# 
_struct_conn_type.id          covale 
_struct_conn_type.criteria    ? 
_struct_conn_type.reference   ? 
# 
loop_
_pdbx_modification_feature.ordinal 
_pdbx_modification_feature.label_comp_id 
_pdbx_modification_feature.label_asym_id 
_pdbx_modification_feature.label_seq_id 
_pdbx_modification_feature.label_alt_id 
_pdbx_modification_feature.modified_residue_label_comp_id 
_pdbx_modification_feature.modified_residue_label_asym_id 
_pdbx_modification_feature.modified_residue_label_seq_id 
_pdbx_modification_feature.modified_residue_label_alt_id 
_pdbx_modification_feature.auth_comp_id 
_pdbx_modification_feature.auth_asym_id 
_pdbx_modification_feature.auth_seq_id 
_pdbx_modification_feature.PDB_ins_code 
_pdbx_modification_feature.symmetry 
_pdbx_modification_feature.modified_residue_auth_comp_id 
_pdbx_modification_feature.modified_residue_auth_asym_id 
_pdbx_modification_feature.modified_residue_auth_seq_id 
_pdbx_modification_feature.modified_residue_PDB_ins_code 
_pdbx_modification_feature.modified_residue_symmetry 
_pdbx_modification_feature.comp_id_linking_atom 
_pdbx_modification_feature.modified_residue_id_linking_atom 
_pdbx_modification_feature.modified_residue_id 
_pdbx_modification_feature.ref_pcm_id 
_pdbx_modification_feature.ref_comp_id 
_pdbx_modification_feature.type 
_pdbx_modification_feature.category 
1 MSE A 88  ? . . . . MSE A 88  ? 1_555 . . . . . . . MET 1 MSE Selenomethionine 'Named protein modification' 
2 MSE A 122 ? . . . . MSE A 122 ? 1_555 . . . . . . . MET 1 MSE Selenomethionine 'Named protein modification' 
# 
_struct_sheet.id               AA1 
_struct_sheet.type             ? 
_struct_sheet.number_strands   6 
_struct_sheet.details          ? 
# 
loop_
_struct_sheet_order.sheet_id 
_struct_sheet_order.range_id_1 
_struct_sheet_order.range_id_2 
_struct_sheet_order.offset 
_struct_sheet_order.sense 
AA1 1 2 ? anti-parallel 
AA1 2 3 ? anti-parallel 
AA1 3 4 ? anti-parallel 
AA1 4 5 ? anti-parallel 
AA1 5 6 ? anti-parallel 
# 
loop_
_struct_sheet_range.sheet_id 
_struct_sheet_range.id 
_struct_sheet_range.beg_label_comp_id 
_struct_sheet_range.beg_label_asym_id 
_struct_sheet_range.beg_label_seq_id 
_struct_sheet_range.pdbx_beg_PDB_ins_code 
_struct_sheet_range.end_label_comp_id 
_struct_sheet_range.end_label_asym_id 
_struct_sheet_range.end_label_seq_id 
_struct_sheet_range.pdbx_end_PDB_ins_code 
_struct_sheet_range.beg_auth_comp_id 
_struct_sheet_range.beg_auth_asym_id 
_struct_sheet_range.beg_auth_seq_id 
_struct_sheet_range.end_auth_comp_id 
_struct_sheet_range.end_auth_asym_id 
_struct_sheet_range.end_auth_seq_id 
AA1 1 GLN A 40  ? ALA A 44  ? GLN A 40  ALA A 44  
AA1 2 TYR A 129 ? GLU A 133 ? TYR A 129 GLU A 133 
AA1 3 VAL A 56  ? THR A 59  ? VAL A 56  THR A 59  
AA1 4 ALA A 74  ? ASP A 81  ? ALA A 74  ASP A 81  
AA1 5 GLY A 84  ? ASP A 89  ? GLY A 84  ASP A 89  
AA1 6 SER A 101 ? ARG A 106 ? SER A 101 ARG A 106 
# 
loop_
_pdbx_struct_sheet_hbond.sheet_id 
_pdbx_struct_sheet_hbond.range_id_1 
_pdbx_struct_sheet_hbond.range_id_2 
_pdbx_struct_sheet_hbond.range_1_label_atom_id 
_pdbx_struct_sheet_hbond.range_1_label_comp_id 
_pdbx_struct_sheet_hbond.range_1_label_asym_id 
_pdbx_struct_sheet_hbond.range_1_label_seq_id 
_pdbx_struct_sheet_hbond.range_1_PDB_ins_code 
_pdbx_struct_sheet_hbond.range_1_auth_atom_id 
_pdbx_struct_sheet_hbond.range_1_auth_comp_id 
_pdbx_struct_sheet_hbond.range_1_auth_asym_id 
_pdbx_struct_sheet_hbond.range_1_auth_seq_id 
_pdbx_struct_sheet_hbond.range_2_label_atom_id 
_pdbx_struct_sheet_hbond.range_2_label_comp_id 
_pdbx_struct_sheet_hbond.range_2_label_asym_id 
_pdbx_struct_sheet_hbond.range_2_label_seq_id 
_pdbx_struct_sheet_hbond.range_2_PDB_ins_code 
_pdbx_struct_sheet_hbond.range_2_auth_atom_id 
_pdbx_struct_sheet_hbond.range_2_auth_comp_id 
_pdbx_struct_sheet_hbond.range_2_auth_asym_id 
_pdbx_struct_sheet_hbond.range_2_auth_seq_id 
AA1 1 2 N GLN A 40  ? N GLN A 40  O GLU A 133 ? O GLU A 133 
AA1 2 3 O PHE A 130 ? O PHE A 130 N ALA A 58  ? N ALA A 58  
AA1 3 4 N ILE A 57  ? N ILE A 57  O ALA A 75  ? O ALA A 75  
AA1 4 5 N GLY A 79  ? N GLY A 79  O TRP A 86  ? O TRP A 86  
AA1 5 6 N ILE A 85  ? N ILE A 85  O ILE A 105 ? O ILE A 105 
# 
_pdbx_entry_details.entry_id                   6WIN 
_pdbx_entry_details.has_ligand_of_interest     N 
_pdbx_entry_details.compound_details           ? 
_pdbx_entry_details.source_details             ? 
_pdbx_entry_details.nonpolymer_details         ? 
_pdbx_entry_details.sequence_details           ? 
_pdbx_entry_details.has_protein_modification   Y 
# 
loop_
_pdbx_struct_mod_residue.id 
_pdbx_struct_mod_residue.label_asym_id 
_pdbx_struct_mod_residue.label_comp_id 
_pdbx_struct_mod_residue.label_seq_id 
_pdbx_struct_mod_residue.auth_asym_id 
_pdbx_struct_mod_residue.auth_comp_id 
_pdbx_struct_mod_residue.auth_seq_id 
_pdbx_struct_mod_residue.PDB_ins_code 
_pdbx_struct_mod_residue.parent_comp_id 
_pdbx_struct_mod_residue.details 
1 A MSE 88  A MSE 88  ? MET 'modified residue' 
2 A MSE 122 A MSE 122 ? MET 'modified residue' 
# 
loop_
_chem_comp_atom.comp_id 
_chem_comp_atom.atom_id 
_chem_comp_atom.type_symbol 
_chem_comp_atom.pdbx_aromatic_flag 
_chem_comp_atom.pdbx_stereo_config 
_chem_comp_atom.pdbx_ordinal 
ALA N    N  N N 1   
ALA CA   C  N S 2   
ALA C    C  N N 3   
ALA O    O  N N 4   
ALA CB   C  N N 5   
ALA OXT  O  N N 6   
ALA H    H  N N 7   
ALA H2   H  N N 8   
ALA HA   H  N N 9   
ALA HB1  H  N N 10  
ALA HB2  H  N N 11  
ALA HB3  H  N N 12  
ALA HXT  H  N N 13  
ARG N    N  N N 14  
ARG CA   C  N S 15  
ARG C    C  N N 16  
ARG O    O  N N 17  
ARG CB   C  N N 18  
ARG CG   C  N N 19  
ARG CD   C  N N 20  
ARG NE   N  N N 21  
ARG CZ   C  N N 22  
ARG NH1  N  N N 23  
ARG NH2  N  N N 24  
ARG OXT  O  N N 25  
ARG H    H  N N 26  
ARG H2   H  N N 27  
ARG HA   H  N N 28  
ARG HB2  H  N N 29  
ARG HB3  H  N N 30  
ARG HG2  H  N N 31  
ARG HG3  H  N N 32  
ARG HD2  H  N N 33  
ARG HD3  H  N N 34  
ARG HE   H  N N 35  
ARG HH11 H  N N 36  
ARG HH12 H  N N 37  
ARG HH21 H  N N 38  
ARG HH22 H  N N 39  
ARG HXT  H  N N 40  
ASN N    N  N N 41  
ASN CA   C  N S 42  
ASN C    C  N N 43  
ASN O    O  N N 44  
ASN CB   C  N N 45  
ASN CG   C  N N 46  
ASN OD1  O  N N 47  
ASN ND2  N  N N 48  
ASN OXT  O  N N 49  
ASN H    H  N N 50  
ASN H2   H  N N 51  
ASN HA   H  N N 52  
ASN HB2  H  N N 53  
ASN HB3  H  N N 54  
ASN HD21 H  N N 55  
ASN HD22 H  N N 56  
ASN HXT  H  N N 57  
ASP N    N  N N 58  
ASP CA   C  N S 59  
ASP C    C  N N 60  
ASP O    O  N N 61  
ASP CB   C  N N 62  
ASP CG   C  N N 63  
ASP OD1  O  N N 64  
ASP OD2  O  N N 65  
ASP OXT  O  N N 66  
ASP H    H  N N 67  
ASP H2   H  N N 68  
ASP HA   H  N N 69  
ASP HB2  H  N N 70  
ASP HB3  H  N N 71  
ASP HD2  H  N N 72  
ASP HXT  H  N N 73  
CYS N    N  N N 74  
CYS CA   C  N R 75  
CYS C    C  N N 76  
CYS O    O  N N 77  
CYS CB   C  N N 78  
CYS SG   S  N N 79  
CYS OXT  O  N N 80  
CYS H    H  N N 81  
CYS H2   H  N N 82  
CYS HA   H  N N 83  
CYS HB2  H  N N 84  
CYS HB3  H  N N 85  
CYS HG   H  N N 86  
CYS HXT  H  N N 87  
GLN N    N  N N 88  
GLN CA   C  N S 89  
GLN C    C  N N 90  
GLN O    O  N N 91  
GLN CB   C  N N 92  
GLN CG   C  N N 93  
GLN CD   C  N N 94  
GLN OE1  O  N N 95  
GLN NE2  N  N N 96  
GLN OXT  O  N N 97  
GLN H    H  N N 98  
GLN H2   H  N N 99  
GLN HA   H  N N 100 
GLN HB2  H  N N 101 
GLN HB3  H  N N 102 
GLN HG2  H  N N 103 
GLN HG3  H  N N 104 
GLN HE21 H  N N 105 
GLN HE22 H  N N 106 
GLN HXT  H  N N 107 
GLU N    N  N N 108 
GLU CA   C  N S 109 
GLU C    C  N N 110 
GLU O    O  N N 111 
GLU CB   C  N N 112 
GLU CG   C  N N 113 
GLU CD   C  N N 114 
GLU OE1  O  N N 115 
GLU OE2  O  N N 116 
GLU OXT  O  N N 117 
GLU H    H  N N 118 
GLU H2   H  N N 119 
GLU HA   H  N N 120 
GLU HB2  H  N N 121 
GLU HB3  H  N N 122 
GLU HG2  H  N N 123 
GLU HG3  H  N N 124 
GLU HE2  H  N N 125 
GLU HXT  H  N N 126 
GLY N    N  N N 127 
GLY CA   C  N N 128 
GLY C    C  N N 129 
GLY O    O  N N 130 
GLY OXT  O  N N 131 
GLY H    H  N N 132 
GLY H2   H  N N 133 
GLY HA2  H  N N 134 
GLY HA3  H  N N 135 
GLY HXT  H  N N 136 
HIS N    N  N N 137 
HIS CA   C  N S 138 
HIS C    C  N N 139 
HIS O    O  N N 140 
HIS CB   C  N N 141 
HIS CG   C  Y N 142 
HIS ND1  N  Y N 143 
HIS CD2  C  Y N 144 
HIS CE1  C  Y N 145 
HIS NE2  N  Y N 146 
HIS OXT  O  N N 147 
HIS H    H  N N 148 
HIS H2   H  N N 149 
HIS HA   H  N N 150 
HIS HB2  H  N N 151 
HIS HB3  H  N N 152 
HIS HD1  H  N N 153 
HIS HD2  H  N N 154 
HIS HE1  H  N N 155 
HIS HE2  H  N N 156 
HIS HXT  H  N N 157 
HOH O    O  N N 158 
HOH H1   H  N N 159 
HOH H2   H  N N 160 
ILE N    N  N N 161 
ILE CA   C  N S 162 
ILE C    C  N N 163 
ILE O    O  N N 164 
ILE CB   C  N S 165 
ILE CG1  C  N N 166 
ILE CG2  C  N N 167 
ILE CD1  C  N N 168 
ILE OXT  O  N N 169 
ILE H    H  N N 170 
ILE H2   H  N N 171 
ILE HA   H  N N 172 
ILE HB   H  N N 173 
ILE HG12 H  N N 174 
ILE HG13 H  N N 175 
ILE HG21 H  N N 176 
ILE HG22 H  N N 177 
ILE HG23 H  N N 178 
ILE HD11 H  N N 179 
ILE HD12 H  N N 180 
ILE HD13 H  N N 181 
ILE HXT  H  N N 182 
LEU N    N  N N 183 
LEU CA   C  N S 184 
LEU C    C  N N 185 
LEU O    O  N N 186 
LEU CB   C  N N 187 
LEU CG   C  N N 188 
LEU CD1  C  N N 189 
LEU CD2  C  N N 190 
LEU OXT  O  N N 191 
LEU H    H  N N 192 
LEU H2   H  N N 193 
LEU HA   H  N N 194 
LEU HB2  H  N N 195 
LEU HB3  H  N N 196 
LEU HG   H  N N 197 
LEU HD11 H  N N 198 
LEU HD12 H  N N 199 
LEU HD13 H  N N 200 
LEU HD21 H  N N 201 
LEU HD22 H  N N 202 
LEU HD23 H  N N 203 
LEU HXT  H  N N 204 
LYS N    N  N N 205 
LYS CA   C  N S 206 
LYS C    C  N N 207 
LYS O    O  N N 208 
LYS CB   C  N N 209 
LYS CG   C  N N 210 
LYS CD   C  N N 211 
LYS CE   C  N N 212 
LYS NZ   N  N N 213 
LYS OXT  O  N N 214 
LYS H    H  N N 215 
LYS H2   H  N N 216 
LYS HA   H  N N 217 
LYS HB2  H  N N 218 
LYS HB3  H  N N 219 
LYS HG2  H  N N 220 
LYS HG3  H  N N 221 
LYS HD2  H  N N 222 
LYS HD3  H  N N 223 
LYS HE2  H  N N 224 
LYS HE3  H  N N 225 
LYS HZ1  H  N N 226 
LYS HZ2  H  N N 227 
LYS HZ3  H  N N 228 
LYS HXT  H  N N 229 
MSE N    N  N N 230 
MSE CA   C  N S 231 
MSE C    C  N N 232 
MSE O    O  N N 233 
MSE OXT  O  N N 234 
MSE CB   C  N N 235 
MSE CG   C  N N 236 
MSE SE   SE N N 237 
MSE CE   C  N N 238 
MSE H    H  N N 239 
MSE H2   H  N N 240 
MSE HA   H  N N 241 
MSE HXT  H  N N 242 
MSE HB2  H  N N 243 
MSE HB3  H  N N 244 
MSE HG2  H  N N 245 
MSE HG3  H  N N 246 
MSE HE1  H  N N 247 
MSE HE2  H  N N 248 
MSE HE3  H  N N 249 
PHE N    N  N N 250 
PHE CA   C  N S 251 
PHE C    C  N N 252 
PHE O    O  N N 253 
PHE CB   C  N N 254 
PHE CG   C  Y N 255 
PHE CD1  C  Y N 256 
PHE CD2  C  Y N 257 
PHE CE1  C  Y N 258 
PHE CE2  C  Y N 259 
PHE CZ   C  Y N 260 
PHE OXT  O  N N 261 
PHE H    H  N N 262 
PHE H2   H  N N 263 
PHE HA   H  N N 264 
PHE HB2  H  N N 265 
PHE HB3  H  N N 266 
PHE HD1  H  N N 267 
PHE HD2  H  N N 268 
PHE HE1  H  N N 269 
PHE HE2  H  N N 270 
PHE HZ   H  N N 271 
PHE HXT  H  N N 272 
PRO N    N  N N 273 
PRO CA   C  N S 274 
PRO C    C  N N 275 
PRO O    O  N N 276 
PRO CB   C  N N 277 
PRO CG   C  N N 278 
PRO CD   C  N N 279 
PRO OXT  O  N N 280 
PRO H    H  N N 281 
PRO HA   H  N N 282 
PRO HB2  H  N N 283 
PRO HB3  H  N N 284 
PRO HG2  H  N N 285 
PRO HG3  H  N N 286 
PRO HD2  H  N N 287 
PRO HD3  H  N N 288 
PRO HXT  H  N N 289 
SER N    N  N N 290 
SER CA   C  N S 291 
SER C    C  N N 292 
SER O    O  N N 293 
SER CB   C  N N 294 
SER OG   O  N N 295 
SER OXT  O  N N 296 
SER H    H  N N 297 
SER H2   H  N N 298 
SER HA   H  N N 299 
SER HB2  H  N N 300 
SER HB3  H  N N 301 
SER HG   H  N N 302 
SER HXT  H  N N 303 
THR N    N  N N 304 
THR CA   C  N S 305 
THR C    C  N N 306 
THR O    O  N N 307 
THR CB   C  N R 308 
THR OG1  O  N N 309 
THR CG2  C  N N 310 
THR OXT  O  N N 311 
THR H    H  N N 312 
THR H2   H  N N 313 
THR HA   H  N N 314 
THR HB   H  N N 315 
THR HG1  H  N N 316 
THR HG21 H  N N 317 
THR HG22 H  N N 318 
THR HG23 H  N N 319 
THR HXT  H  N N 320 
TRP N    N  N N 321 
TRP CA   C  N S 322 
TRP C    C  N N 323 
TRP O    O  N N 324 
TRP CB   C  N N 325 
TRP CG   C  Y N 326 
TRP CD1  C  Y N 327 
TRP CD2  C  Y N 328 
TRP NE1  N  Y N 329 
TRP CE2  C  Y N 330 
TRP CE3  C  Y N 331 
TRP CZ2  C  Y N 332 
TRP CZ3  C  Y N 333 
TRP CH2  C  Y N 334 
TRP OXT  O  N N 335 
TRP H    H  N N 336 
TRP H2   H  N N 337 
TRP HA   H  N N 338 
TRP HB2  H  N N 339 
TRP HB3  H  N N 340 
TRP HD1  H  N N 341 
TRP HE1  H  N N 342 
TRP HE3  H  N N 343 
TRP HZ2  H  N N 344 
TRP HZ3  H  N N 345 
TRP HH2  H  N N 346 
TRP HXT  H  N N 347 
TYR N    N  N N 348 
TYR CA   C  N S 349 
TYR C    C  N N 350 
TYR O    O  N N 351 
TYR CB   C  N N 352 
TYR CG   C  Y N 353 
TYR CD1  C  Y N 354 
TYR CD2  C  Y N 355 
TYR CE1  C  Y N 356 
TYR CE2  C  Y N 357 
TYR CZ   C  Y N 358 
TYR OH   O  N N 359 
TYR OXT  O  N N 360 
TYR H    H  N N 361 
TYR H2   H  N N 362 
TYR HA   H  N N 363 
TYR HB2  H  N N 364 
TYR HB3  H  N N 365 
TYR HD1  H  N N 366 
TYR HD2  H  N N 367 
TYR HE1  H  N N 368 
TYR HE2  H  N N 369 
TYR HH   H  N N 370 
TYR HXT  H  N N 371 
VAL N    N  N N 372 
VAL CA   C  N S 373 
VAL C    C  N N 374 
VAL O    O  N N 375 
VAL CB   C  N N 376 
VAL CG1  C  N N 377 
VAL CG2  C  N N 378 
VAL OXT  O  N N 379 
VAL H    H  N N 380 
VAL H2   H  N N 381 
VAL HA   H  N N 382 
VAL HB   H  N N 383 
VAL HG11 H  N N 384 
VAL HG12 H  N N 385 
VAL HG13 H  N N 386 
VAL HG21 H  N N 387 
VAL HG22 H  N N 388 
VAL HG23 H  N N 389 
VAL HXT  H  N N 390 
# 
loop_
_chem_comp_bond.comp_id 
_chem_comp_bond.atom_id_1 
_chem_comp_bond.atom_id_2 
_chem_comp_bond.value_order 
_chem_comp_bond.pdbx_aromatic_flag 
_chem_comp_bond.pdbx_stereo_config 
_chem_comp_bond.pdbx_ordinal 
ALA N   CA   sing N N 1   
ALA N   H    sing N N 2   
ALA N   H2   sing N N 3   
ALA CA  C    sing N N 4   
ALA CA  CB   sing N N 5   
ALA CA  HA   sing N N 6   
ALA C   O    doub N N 7   
ALA C   OXT  sing N N 8   
ALA CB  HB1  sing N N 9   
ALA CB  HB2  sing N N 10  
ALA CB  HB3  sing N N 11  
ALA OXT HXT  sing N N 12  
ARG N   CA   sing N N 13  
ARG N   H    sing N N 14  
ARG N   H2   sing N N 15  
ARG CA  C    sing N N 16  
ARG CA  CB   sing N N 17  
ARG CA  HA   sing N N 18  
ARG C   O    doub N N 19  
ARG C   OXT  sing N N 20  
ARG CB  CG   sing N N 21  
ARG CB  HB2  sing N N 22  
ARG CB  HB3  sing N N 23  
ARG CG  CD   sing N N 24  
ARG CG  HG2  sing N N 25  
ARG CG  HG3  sing N N 26  
ARG CD  NE   sing N N 27  
ARG CD  HD2  sing N N 28  
ARG CD  HD3  sing N N 29  
ARG NE  CZ   sing N N 30  
ARG NE  HE   sing N N 31  
ARG CZ  NH1  sing N N 32  
ARG CZ  NH2  doub N N 33  
ARG NH1 HH11 sing N N 34  
ARG NH1 HH12 sing N N 35  
ARG NH2 HH21 sing N N 36  
ARG NH2 HH22 sing N N 37  
ARG OXT HXT  sing N N 38  
ASN N   CA   sing N N 39  
ASN N   H    sing N N 40  
ASN N   H2   sing N N 41  
ASN CA  C    sing N N 42  
ASN CA  CB   sing N N 43  
ASN CA  HA   sing N N 44  
ASN C   O    doub N N 45  
ASN C   OXT  sing N N 46  
ASN CB  CG   sing N N 47  
ASN CB  HB2  sing N N 48  
ASN CB  HB3  sing N N 49  
ASN CG  OD1  doub N N 50  
ASN CG  ND2  sing N N 51  
ASN ND2 HD21 sing N N 52  
ASN ND2 HD22 sing N N 53  
ASN OXT HXT  sing N N 54  
ASP N   CA   sing N N 55  
ASP N   H    sing N N 56  
ASP N   H2   sing N N 57  
ASP CA  C    sing N N 58  
ASP CA  CB   sing N N 59  
ASP CA  HA   sing N N 60  
ASP C   O    doub N N 61  
ASP C   OXT  sing N N 62  
ASP CB  CG   sing N N 63  
ASP CB  HB2  sing N N 64  
ASP CB  HB3  sing N N 65  
ASP CG  OD1  doub N N 66  
ASP CG  OD2  sing N N 67  
ASP OD2 HD2  sing N N 68  
ASP OXT HXT  sing N N 69  
CYS N   CA   sing N N 70  
CYS N   H    sing N N 71  
CYS N   H2   sing N N 72  
CYS CA  C    sing N N 73  
CYS CA  CB   sing N N 74  
CYS CA  HA   sing N N 75  
CYS C   O    doub N N 76  
CYS C   OXT  sing N N 77  
CYS CB  SG   sing N N 78  
CYS CB  HB2  sing N N 79  
CYS CB  HB3  sing N N 80  
CYS SG  HG   sing N N 81  
CYS OXT HXT  sing N N 82  
GLN N   CA   sing N N 83  
GLN N   H    sing N N 84  
GLN N   H2   sing N N 85  
GLN CA  C    sing N N 86  
GLN CA  CB   sing N N 87  
GLN CA  HA   sing N N 88  
GLN C   O    doub N N 89  
GLN C   OXT  sing N N 90  
GLN CB  CG   sing N N 91  
GLN CB  HB2  sing N N 92  
GLN CB  HB3  sing N N 93  
GLN CG  CD   sing N N 94  
GLN CG  HG2  sing N N 95  
GLN CG  HG3  sing N N 96  
GLN CD  OE1  doub N N 97  
GLN CD  NE2  sing N N 98  
GLN NE2 HE21 sing N N 99  
GLN NE2 HE22 sing N N 100 
GLN OXT HXT  sing N N 101 
GLU N   CA   sing N N 102 
GLU N   H    sing N N 103 
GLU N   H2   sing N N 104 
GLU CA  C    sing N N 105 
GLU CA  CB   sing N N 106 
GLU CA  HA   sing N N 107 
GLU C   O    doub N N 108 
GLU C   OXT  sing N N 109 
GLU CB  CG   sing N N 110 
GLU CB  HB2  sing N N 111 
GLU CB  HB3  sing N N 112 
GLU CG  CD   sing N N 113 
GLU CG  HG2  sing N N 114 
GLU CG  HG3  sing N N 115 
GLU CD  OE1  doub N N 116 
GLU CD  OE2  sing N N 117 
GLU OE2 HE2  sing N N 118 
GLU OXT HXT  sing N N 119 
GLY N   CA   sing N N 120 
GLY N   H    sing N N 121 
GLY N   H2   sing N N 122 
GLY CA  C    sing N N 123 
GLY CA  HA2  sing N N 124 
GLY CA  HA3  sing N N 125 
GLY C   O    doub N N 126 
GLY C   OXT  sing N N 127 
GLY OXT HXT  sing N N 128 
HIS N   CA   sing N N 129 
HIS N   H    sing N N 130 
HIS N   H2   sing N N 131 
HIS CA  C    sing N N 132 
HIS CA  CB   sing N N 133 
HIS CA  HA   sing N N 134 
HIS C   O    doub N N 135 
HIS C   OXT  sing N N 136 
HIS CB  CG   sing N N 137 
HIS CB  HB2  sing N N 138 
HIS CB  HB3  sing N N 139 
HIS CG  ND1  sing Y N 140 
HIS CG  CD2  doub Y N 141 
HIS ND1 CE1  doub Y N 142 
HIS ND1 HD1  sing N N 143 
HIS CD2 NE2  sing Y N 144 
HIS CD2 HD2  sing N N 145 
HIS CE1 NE2  sing Y N 146 
HIS CE1 HE1  sing N N 147 
HIS NE2 HE2  sing N N 148 
HIS OXT HXT  sing N N 149 
HOH O   H1   sing N N 150 
HOH O   H2   sing N N 151 
ILE N   CA   sing N N 152 
ILE N   H    sing N N 153 
ILE N   H2   sing N N 154 
ILE CA  C    sing N N 155 
ILE CA  CB   sing N N 156 
ILE CA  HA   sing N N 157 
ILE C   O    doub N N 158 
ILE C   OXT  sing N N 159 
ILE CB  CG1  sing N N 160 
ILE CB  CG2  sing N N 161 
ILE CB  HB   sing N N 162 
ILE CG1 CD1  sing N N 163 
ILE CG1 HG12 sing N N 164 
ILE CG1 HG13 sing N N 165 
ILE CG2 HG21 sing N N 166 
ILE CG2 HG22 sing N N 167 
ILE CG2 HG23 sing N N 168 
ILE CD1 HD11 sing N N 169 
ILE CD1 HD12 sing N N 170 
ILE CD1 HD13 sing N N 171 
ILE OXT HXT  sing N N 172 
LEU N   CA   sing N N 173 
LEU N   H    sing N N 174 
LEU N   H2   sing N N 175 
LEU CA  C    sing N N 176 
LEU CA  CB   sing N N 177 
LEU CA  HA   sing N N 178 
LEU C   O    doub N N 179 
LEU C   OXT  sing N N 180 
LEU CB  CG   sing N N 181 
LEU CB  HB2  sing N N 182 
LEU CB  HB3  sing N N 183 
LEU CG  CD1  sing N N 184 
LEU CG  CD2  sing N N 185 
LEU CG  HG   sing N N 186 
LEU CD1 HD11 sing N N 187 
LEU CD1 HD12 sing N N 188 
LEU CD1 HD13 sing N N 189 
LEU CD2 HD21 sing N N 190 
LEU CD2 HD22 sing N N 191 
LEU CD2 HD23 sing N N 192 
LEU OXT HXT  sing N N 193 
LYS N   CA   sing N N 194 
LYS N   H    sing N N 195 
LYS N   H2   sing N N 196 
LYS CA  C    sing N N 197 
LYS CA  CB   sing N N 198 
LYS CA  HA   sing N N 199 
LYS C   O    doub N N 200 
LYS C   OXT  sing N N 201 
LYS CB  CG   sing N N 202 
LYS CB  HB2  sing N N 203 
LYS CB  HB3  sing N N 204 
LYS CG  CD   sing N N 205 
LYS CG  HG2  sing N N 206 
LYS CG  HG3  sing N N 207 
LYS CD  CE   sing N N 208 
LYS CD  HD2  sing N N 209 
LYS CD  HD3  sing N N 210 
LYS CE  NZ   sing N N 211 
LYS CE  HE2  sing N N 212 
LYS CE  HE3  sing N N 213 
LYS NZ  HZ1  sing N N 214 
LYS NZ  HZ2  sing N N 215 
LYS NZ  HZ3  sing N N 216 
LYS OXT HXT  sing N N 217 
MSE N   CA   sing N N 218 
MSE N   H    sing N N 219 
MSE N   H2   sing N N 220 
MSE CA  C    sing N N 221 
MSE CA  CB   sing N N 222 
MSE CA  HA   sing N N 223 
MSE C   O    doub N N 224 
MSE C   OXT  sing N N 225 
MSE OXT HXT  sing N N 226 
MSE CB  CG   sing N N 227 
MSE CB  HB2  sing N N 228 
MSE CB  HB3  sing N N 229 
MSE CG  SE   sing N N 230 
MSE CG  HG2  sing N N 231 
MSE CG  HG3  sing N N 232 
MSE SE  CE   sing N N 233 
MSE CE  HE1  sing N N 234 
MSE CE  HE2  sing N N 235 
MSE CE  HE3  sing N N 236 
PHE N   CA   sing N N 237 
PHE N   H    sing N N 238 
PHE N   H2   sing N N 239 
PHE CA  C    sing N N 240 
PHE CA  CB   sing N N 241 
PHE CA  HA   sing N N 242 
PHE C   O    doub N N 243 
PHE C   OXT  sing N N 244 
PHE CB  CG   sing N N 245 
PHE CB  HB2  sing N N 246 
PHE CB  HB3  sing N N 247 
PHE CG  CD1  doub Y N 248 
PHE CG  CD2  sing Y N 249 
PHE CD1 CE1  sing Y N 250 
PHE CD1 HD1  sing N N 251 
PHE CD2 CE2  doub Y N 252 
PHE CD2 HD2  sing N N 253 
PHE CE1 CZ   doub Y N 254 
PHE CE1 HE1  sing N N 255 
PHE CE2 CZ   sing Y N 256 
PHE CE2 HE2  sing N N 257 
PHE CZ  HZ   sing N N 258 
PHE OXT HXT  sing N N 259 
PRO N   CA   sing N N 260 
PRO N   CD   sing N N 261 
PRO N   H    sing N N 262 
PRO CA  C    sing N N 263 
PRO CA  CB   sing N N 264 
PRO CA  HA   sing N N 265 
PRO C   O    doub N N 266 
PRO C   OXT  sing N N 267 
PRO CB  CG   sing N N 268 
PRO CB  HB2  sing N N 269 
PRO CB  HB3  sing N N 270 
PRO CG  CD   sing N N 271 
PRO CG  HG2  sing N N 272 
PRO CG  HG3  sing N N 273 
PRO CD  HD2  sing N N 274 
PRO CD  HD3  sing N N 275 
PRO OXT HXT  sing N N 276 
SER N   CA   sing N N 277 
SER N   H    sing N N 278 
SER N   H2   sing N N 279 
SER CA  C    sing N N 280 
SER CA  CB   sing N N 281 
SER CA  HA   sing N N 282 
SER C   O    doub N N 283 
SER C   OXT  sing N N 284 
SER CB  OG   sing N N 285 
SER CB  HB2  sing N N 286 
SER CB  HB3  sing N N 287 
SER OG  HG   sing N N 288 
SER OXT HXT  sing N N 289 
THR N   CA   sing N N 290 
THR N   H    sing N N 291 
THR N   H2   sing N N 292 
THR CA  C    sing N N 293 
THR CA  CB   sing N N 294 
THR CA  HA   sing N N 295 
THR C   O    doub N N 296 
THR C   OXT  sing N N 297 
THR CB  OG1  sing N N 298 
THR CB  CG2  sing N N 299 
THR CB  HB   sing N N 300 
THR OG1 HG1  sing N N 301 
THR CG2 HG21 sing N N 302 
THR CG2 HG22 sing N N 303 
THR CG2 HG23 sing N N 304 
THR OXT HXT  sing N N 305 
TRP N   CA   sing N N 306 
TRP N   H    sing N N 307 
TRP N   H2   sing N N 308 
TRP CA  C    sing N N 309 
TRP CA  CB   sing N N 310 
TRP CA  HA   sing N N 311 
TRP C   O    doub N N 312 
TRP C   OXT  sing N N 313 
TRP CB  CG   sing N N 314 
TRP CB  HB2  sing N N 315 
TRP CB  HB3  sing N N 316 
TRP CG  CD1  doub Y N 317 
TRP CG  CD2  sing Y N 318 
TRP CD1 NE1  sing Y N 319 
TRP CD1 HD1  sing N N 320 
TRP CD2 CE2  doub Y N 321 
TRP CD2 CE3  sing Y N 322 
TRP NE1 CE2  sing Y N 323 
TRP NE1 HE1  sing N N 324 
TRP CE2 CZ2  sing Y N 325 
TRP CE3 CZ3  doub Y N 326 
TRP CE3 HE3  sing N N 327 
TRP CZ2 CH2  doub Y N 328 
TRP CZ2 HZ2  sing N N 329 
TRP CZ3 CH2  sing Y N 330 
TRP CZ3 HZ3  sing N N 331 
TRP CH2 HH2  sing N N 332 
TRP OXT HXT  sing N N 333 
TYR N   CA   sing N N 334 
TYR N   H    sing N N 335 
TYR N   H2   sing N N 336 
TYR CA  C    sing N N 337 
TYR CA  CB   sing N N 338 
TYR CA  HA   sing N N 339 
TYR C   O    doub N N 340 
TYR C   OXT  sing N N 341 
TYR CB  CG   sing N N 342 
TYR CB  HB2  sing N N 343 
TYR CB  HB3  sing N N 344 
TYR CG  CD1  doub Y N 345 
TYR CG  CD2  sing Y N 346 
TYR CD1 CE1  sing Y N 347 
TYR CD1 HD1  sing N N 348 
TYR CD2 CE2  doub Y N 349 
TYR CD2 HD2  sing N N 350 
TYR CE1 CZ   doub Y N 351 
TYR CE1 HE1  sing N N 352 
TYR CE2 CZ   sing Y N 353 
TYR CE2 HE2  sing N N 354 
TYR CZ  OH   sing N N 355 
TYR OH  HH   sing N N 356 
TYR OXT HXT  sing N N 357 
VAL N   CA   sing N N 358 
VAL N   H    sing N N 359 
VAL N   H2   sing N N 360 
VAL CA  C    sing N N 361 
VAL CA  CB   sing N N 362 
VAL CA  HA   sing N N 363 
VAL C   O    doub N N 364 
VAL C   OXT  sing N N 365 
VAL CB  CG1  sing N N 366 
VAL CB  CG2  sing N N 367 
VAL CB  HB   sing N N 368 
VAL CG1 HG11 sing N N 369 
VAL CG1 HG12 sing N N 370 
VAL CG1 HG13 sing N N 371 
VAL CG2 HG21 sing N N 372 
VAL CG2 HG22 sing N N 373 
VAL CG2 HG23 sing N N 374 
VAL OXT HXT  sing N N 375 
# 
_pdbx_audit_support.funding_organization   
'National Institutes of Health/National Institute Of Allergy and Infectious Diseases (NIH/NIAID)' 
_pdbx_audit_support.country                'United States' 
_pdbx_audit_support.grant_number           R01AI132851 
_pdbx_audit_support.ordinal                1 
# 
_atom_sites.entry_id                    6WIN 
_atom_sites.Cartn_transf_matrix[1][1]   ? 
_atom_sites.Cartn_transf_matrix[1][2]   ? 
_atom_sites.Cartn_transf_matrix[1][3]   ? 
_atom_sites.Cartn_transf_matrix[2][1]   ? 
_atom_sites.Cartn_transf_matrix[2][2]   ? 
_atom_sites.Cartn_transf_matrix[2][3]   ? 
_atom_sites.Cartn_transf_matrix[3][1]   ? 
_atom_sites.Cartn_transf_matrix[3][2]   ? 
_atom_sites.Cartn_transf_matrix[3][3]   ? 
_atom_sites.Cartn_transf_vector[1]      ? 
_atom_sites.Cartn_transf_vector[2]      ? 
_atom_sites.Cartn_transf_vector[3]      ? 
_atom_sites.fract_transf_matrix[1][1]   0.02449620 
_atom_sites.fract_transf_matrix[1][2]   -0.01903267 
_atom_sites.fract_transf_matrix[1][3]   -0.00080251 
_atom_sites.fract_transf_matrix[2][1]   -0.00003030 
_atom_sites.fract_transf_matrix[2][2]   0.00087623 
_atom_sites.fract_transf_matrix[2][3]   -0.02170630 
_atom_sites.fract_transf_matrix[3][1]   0.02109722 
_atom_sites.fract_transf_matrix[3][2]   0.01612805 
_atom_sites.fract_transf_matrix[3][3]   0.00062160 
_atom_sites.fract_transf_vector[1]      0.874815 
_atom_sites.fract_transf_vector[2]      0.278337 
_atom_sites.fract_transf_vector[3]      0.269702 
_atom_sites.solution_primary            ? 
_atom_sites.solution_secondary          ? 
_atom_sites.solution_hydrogens          ? 
_atom_sites.special_details             ? 
# 
loop_
_atom_type.symbol 
C  
N  
O  
SE 
# 
loop_
_atom_site.group_PDB 
_atom_site.id 
_atom_site.type_symbol 
_atom_site.label_atom_id 
_atom_site.label_alt_id 
_atom_site.label_comp_id 
_atom_site.label_asym_id 
_atom_site.label_entity_id 
_atom_site.label_seq_id 
_atom_site.pdbx_PDB_ins_code 
_atom_site.Cartn_x 
_atom_site.Cartn_y 
_atom_site.Cartn_z 
_atom_site.occupancy 
_atom_site.B_iso_or_equiv 
_atom_site.pdbx_formal_charge 
_atom_site.auth_seq_id 
_atom_site.auth_comp_id 
_atom_site.auth_asym_id 
_atom_site.auth_atom_id 
_atom_site.pdbx_PDB_model_num 
ATOM   1    N  N   . ALA A 1 1   ? 5.16237   -8.14228  7.88416   1.000 44.18975 ? 1   ALA A N   1 
ATOM   2    C  CA  . ALA A 1 1   ? 4.65284   -9.17698  7.00459   1.000 9.30835  ? 1   ALA A CA  1 
ATOM   3    C  C   . ALA A 1 1   ? 3.62075   -10.04344 7.70856   1.000 34.29845 ? 1   ALA A C   1 
ATOM   4    O  O   . ALA A 1 1   ? 3.91561   -11.20356 8.00579   1.000 32.27300 ? 1   ALA A O   1 
ATOM   5    C  CB  . ALA A 1 1   ? 5.74960   -10.01819 6.54693   1.000 20.34680 ? 1   ALA A CB  1 
ATOM   6    N  N   . PRO A 1 2   ? 2.41337   -9.51418  8.00393   1.000 30.34536 ? 2   PRO A N   1 
ATOM   7    C  CA  . PRO A 1 2   ? 1.35862   -10.41402 8.46413   1.000 36.59819 ? 2   PRO A CA  1 
ATOM   8    C  C   . PRO A 1 2   ? 0.44458   -10.81357 7.32965   1.000 22.69794 ? 2   PRO A C   1 
ATOM   9    O  O   . PRO A 1 2   ? -0.24262  -11.81253 7.48879   1.000 27.08269 ? 2   PRO A O   1 
ATOM   10   C  CB  . PRO A 1 2   ? 0.61671   -9.58517  9.50774   1.000 28.73188 ? 2   PRO A CB  1 
ATOM   11   C  CG  . PRO A 1 2   ? 0.58479   -8.30848  8.86405   1.000 37.00187 ? 2   PRO A CG  1 
ATOM   12   C  CD  . PRO A 1 2   ? 1.95050   -8.12860  8.14319   1.000 34.47512 ? 2   PRO A CD  1 
ATOM   13   N  N   . TYR A 1 3   ? 0.40355   -10.07489 6.21218   1.000 20.42965 ? 3   TYR A N   1 
ATOM   14   C  CA  . TYR A 1 3   ? -0.27690  -10.53593 5.00076   1.000 19.08895 ? 3   TYR A CA  1 
ATOM   15   C  C   . TYR A 1 3   ? 0.71643   -10.54429 3.84427   1.000 20.17895 ? 3   TYR A C   1 
ATOM   16   O  O   . TYR A 1 3   ? 1.34802   -9.52160  3.55023   1.000 19.22080 ? 3   TYR A O   1 
ATOM   17   C  CB  . TYR A 1 3   ? -1.48952  -9.66655  4.63805   1.000 14.89911 ? 3   TYR A CB  1 
ATOM   18   C  CG  . TYR A 1 3   ? -2.61867  -9.63763  5.64975   1.000 19.77799 ? 3   TYR A CG  1 
ATOM   19   C  CD1 . TYR A 1 3   ? -3.52046  -10.69595 5.75339   1.000 15.73648 ? 3   TYR A CD1 1 
ATOM   20   C  CD2 . TYR A 1 3   ? -2.79236  -8.54560  6.49521   1.000 17.63727 ? 3   TYR A CD2 1 
ATOM   21   C  CE1 . TYR A 1 3   ? -4.56635  -10.66068 6.66609   1.000 16.76625 ? 3   TYR A CE1 1 
ATOM   22   C  CE2 . TYR A 1 3   ? -3.82878  -8.49921  7.41312   1.000 17.17699 ? 3   TYR A CE2 1 
ATOM   23   C  CZ  . TYR A 1 3   ? -4.71389  -9.56266  7.49847   1.000 19.16662 ? 3   TYR A CZ  1 
ATOM   24   O  OH  . TYR A 1 3   ? -5.75336  -9.52083  8.40051   1.000 14.74993 ? 3   TYR A OH  1 
ATOM   25   N  N   . VAL A 1 4   ? 0.84836   -11.70115 3.19338   1.000 20.86265 ? 4   VAL A N   1 
ATOM   26   C  CA  . VAL A 1 4   ? 1.78587   -11.92226 2.09743   1.000 18.84010 ? 4   VAL A CA  1 
ATOM   27   C  C   . VAL A 1 4   ? 1.07291   -12.79461 1.06363   1.000 22.67970 ? 4   VAL A C   1 
ATOM   28   O  O   . VAL A 1 4   ? 0.82763   -13.98090 1.31428   1.000 21.78170 ? 4   VAL A O   1 
ATOM   29   C  CB  . VAL A 1 4   ? 3.08820   -12.59604 2.56717   1.000 19.16050 ? 4   VAL A CB  1 
ATOM   30   C  CG1 . VAL A 1 4   ? 4.03697   -12.83847 1.37975   1.000 16.56105 ? 4   VAL A CG1 1 
ATOM   31   C  CG2 . VAL A 1 4   ? 3.78127   -11.76626 3.66760   1.000 18.93063 ? 4   VAL A CG2 1 
ATOM   32   N  N   . TYR A 1 5   ? 0.72470   -12.21017 -0.08812  1.000 19.19314 ? 5   TYR A N   1 
ATOM   33   C  CA  . TYR A 1 5   ? 0.14520   -12.96443 -1.19975  1.000 23.21458 ? 5   TYR A CA  1 
ATOM   34   C  C   . TYR A 1 5   ? 1.28535   -13.43722 -2.08984  1.000 18.73534 ? 5   TYR A C   1 
ATOM   35   O  O   . TYR A 1 5   ? 1.88998   -12.63945 -2.81472  1.000 19.79865 ? 5   TYR A O   1 
ATOM   36   C  CB  . TYR A 1 5   ? -0.85647  -12.12377 -1.98828  1.000 17.63412 ? 5   TYR A CB  1 
ATOM   37   C  CG  . TYR A 1 5   ? -1.58341  -12.88423 -3.08780  1.000 17.11533 ? 5   TYR A CG  1 
ATOM   38   C  CD1 . TYR A 1 5   ? -1.94379  -14.22081 -2.92269  1.000 19.67502 ? 5   TYR A CD1 1 
ATOM   39   C  CD2 . TYR A 1 5   ? -1.91637  -12.26144 -4.29129  1.000 22.00827 ? 5   TYR A CD2 1 
ATOM   40   C  CE1 . TYR A 1 5   ? -2.61132  -14.92013 -3.92040  1.000 18.08436 ? 5   TYR A CE1 1 
ATOM   41   C  CE2 . TYR A 1 5   ? -2.59130  -12.95770 -5.30749  1.000 23.43038 ? 5   TYR A CE2 1 
ATOM   42   C  CZ  . TYR A 1 5   ? -2.93528  -14.28706 -5.10848  1.000 17.10520 ? 5   TYR A CZ  1 
ATOM   43   O  OH  . TYR A 1 5   ? -3.59039  -14.98838 -6.09260  1.000 21.18453 ? 5   TYR A OH  1 
ATOM   44   N  N   . ALA A 1 6   ? 1.58235   -14.73466 -2.02283  1.000 20.05244 ? 6   ALA A N   1 
ATOM   45   C  CA  . ALA A 1 6   ? 2.71276   -15.30873 -2.74137  1.000 29.16353 ? 6   ALA A CA  1 
ATOM   46   C  C   . ALA A 1 6   ? 2.55091   -15.23710 -4.25550  1.000 29.09699 ? 6   ALA A C   1 
ATOM   47   O  O   . ALA A 1 6   ? 3.52002   -15.47785 -4.98291  1.000 27.27443 ? 6   ALA A O   1 
ATOM   48   C  CB  . ALA A 1 6   ? 2.90557   -16.76663 -2.31505  1.000 24.11159 ? 6   ALA A CB  1 
ATOM   49   N  N   . ASN A 1 7   ? 1.35840   -14.92524 -4.74969  1.000 21.12439 ? 7   ASN A N   1 
ATOM   50   C  CA  . ASN A 1 7   ? 1.12616   -14.83054 -6.18056  1.000 27.96889 ? 7   ASN A CA  1 
ATOM   51   C  C   . ASN A 1 7   ? 0.88039   -13.39581 -6.62830  1.000 27.41830 ? 7   ASN A C   1 
ATOM   52   O  O   . ASN A 1 7   ? 0.39925   -13.17326 -7.74513  1.000 22.32417 ? 7   ASN A O   1 
ATOM   53   C  CB  . ASN A 1 7   ? -0.04198  -15.72882 -6.57946  1.000 27.72235 ? 7   ASN A CB  1 
ATOM   54   C  CG  . ASN A 1 7   ? 0.41692   -17.08325 -7.05083  1.000 32.37237 ? 7   ASN A CG  1 
ATOM   55   O  OD1 . ASN A 1 7   ? 0.78697   -17.24591 -8.21359  1.000 37.52522 ? 7   ASN A OD1 1 
ATOM   56   N  ND2 . ASN A 1 7   ? 0.39218   -18.07429 -6.15282  1.000 31.07741 ? 7   ASN A ND2 1 
ATOM   57   N  N   . ALA A 1 8   ? 1.20748   -12.41918 -5.77308  1.000 23.27945 ? 8   ALA A N   1 
ATOM   58   C  CA  . ALA A 1 8   ? 0.99720   -11.01977 -6.12270  1.000 20.67911 ? 8   ALA A CA  1 
ATOM   59   C  C   . ALA A 1 8   ? 1.69965   -10.66510 -7.42484  1.000 19.32771 ? 8   ALA A C   1 
ATOM   60   O  O   . ALA A 1 8   ? 1.19075   -9.85838  -8.21120  1.000 22.59708 ? 8   ALA A O   1 
ATOM   61   C  CB  . ALA A 1 8   ? 1.48001   -10.11527 -4.98461  1.000 20.64963 ? 8   ALA A CB  1 
ATOM   62   N  N   . LYS A 1 9   ? 2.86751   -11.26298 -7.67857  1.000 22.18343 ? 9   LYS A N   1 
ATOM   63   C  CA  . LYS A 1 9   ? 3.58238   -10.95940 -8.91243  1.000 23.72973 ? 9   LYS A CA  1 
ATOM   64   C  C   . LYS A 1 9   ? 2.80590   -11.40786 -10.14063 1.000 27.70354 ? 9   LYS A C   1 
ATOM   65   O  O   . LYS A 1 9   ? 2.99443   -10.84347 -11.22317 1.000 26.46751 ? 9   LYS A O   1 
ATOM   66   C  CB  . LYS A 1 9   ? 4.97185   -11.59981 -8.89153  1.000 32.91016 ? 9   LYS A CB  1 
ATOM   67   N  N   . ALA A 1 10  ? 1.90815   -12.38331 -9.99483  1.000 24.57281 ? 10  ALA A N   1 
ATOM   68   C  CA  . ALA A 1 10  ? 1.15545   -12.89007 -11.13064 1.000 20.67875 ? 10  ALA A CA  1 
ATOM   69   C  C   . ALA A 1 10  ? -0.01304  -11.99166 -11.52267 1.000 24.26790 ? 10  ALA A C   1 
ATOM   70   O  O   . ALA A 1 10  ? -0.58852  -12.19297 -12.59956 1.000 22.52979 ? 10  ALA A O   1 
ATOM   71   C  CB  . ALA A 1 10  ? 0.64906   -14.30177 -10.81839 1.000 22.66655 ? 10  ALA A CB  1 
ATOM   72   N  N   . LEU A 1 11  ? -0.37038  -10.99908 -10.69652 1.000 18.04322 ? 11  LEU A N   1 
ATOM   73   C  CA  . LEU A 1 11  ? -1.55921  -10.18523 -10.96669 1.000 17.35974 ? 11  LEU A CA  1 
ATOM   74   C  C   . LEU A 1 11  ? -1.40618  -9.24546  -12.16454 1.000 18.86445 ? 11  LEU A C   1 
ATOM   75   O  O   . LEU A 1 11  ? -2.40878  -8.65744  -12.59687 1.000 15.19318 ? 11  LEU A O   1 
ATOM   76   C  CB  . LEU A 1 11  ? -1.91915  -9.34404  -9.74222  1.000 17.41761 ? 11  LEU A CB  1 
ATOM   77   C  CG  . LEU A 1 11  ? -2.32512  -10.07952 -8.46614  1.000 19.69951 ? 11  LEU A CG  1 
ATOM   78   C  CD1 . LEU A 1 11  ? -2.22846  -9.14212  -7.26564  1.000 18.98797 ? 11  LEU A CD1 1 
ATOM   79   C  CD2 . LEU A 1 11  ? -3.73257  -10.65289 -8.59461  1.000 16.45991 ? 11  LEU A CD2 1 
ATOM   80   N  N   . GLN A 1 12  ? -0.19389  -9.04235  -12.67502 1.000 15.38303 ? 12  GLN A N   1 
ATOM   81   C  CA  . GLN A 1 12  ? -0.02628  -8.11670  -13.78707 1.000 18.47467 ? 12  GLN A CA  1 
ATOM   82   C  C   . GLN A 1 12  ? -0.98057  -8.48667  -14.91750 1.000 20.80938 ? 12  GLN A C   1 
ATOM   83   O  O   . GLN A 1 12  ? -1.10590  -9.65726  -15.28082 1.000 19.14717 ? 12  GLN A O   1 
ATOM   84   C  CB  . GLN A 1 12  ? 1.41359   -8.13090  -14.28761 1.000 19.69158 ? 12  GLN A CB  1 
ATOM   85   C  CG  . GLN A 1 12  ? 1.60298   -7.36869  -15.60023 1.000 16.28569 ? 12  GLN A CG  1 
ATOM   86   C  CD  . GLN A 1 12  ? 1.74327   -5.86663  -15.38339 1.000 23.35256 ? 12  GLN A CD  1 
ATOM   87   O  OE1 . GLN A 1 12  ? 1.84290   -5.40082  -14.24734 1.000 21.93117 ? 12  GLN A OE1 1 
ATOM   88   N  NE2 . GLN A 1 12  ? 1.76111   -5.10657  -16.47105 1.000 23.47471 ? 12  GLN A NE2 1 
ATOM   89   N  N   . ASP A 1 13  ? -1.70315  -7.48773  -15.41790 1.000 18.22673 ? 13  ASP A N   1 
ATOM   90   C  CA  . ASP A 1 13  ? -2.59257  -7.57993  -16.55906 1.000 20.70139 ? 13  ASP A CA  1 
ATOM   91   C  C   . ASP A 1 13  ? -3.90824  -8.26633  -16.22700 1.000 20.96116 ? 13  ASP A C   1 
ATOM   92   O  O   . ASP A 1 13  ? -4.70641  -8.46897  -17.14041 1.000 19.25670 ? 13  ASP A O   1 
ATOM   93   C  CB  . ASP A 1 13  ? -1.94246  -8.30723  -17.73702 1.000 19.60072 ? 13  ASP A CB  1 
ATOM   94   C  CG  . ASP A 1 13  ? -1.03169  -7.40757  -18.52561 1.000 22.86493 ? 13  ASP A CG  1 
ATOM   95   O  OD1 . ASP A 1 13  ? -1.07103  -6.18579  -18.27064 1.000 23.95198 ? 13  ASP A OD1 1 
ATOM   96   O  OD2 . ASP A 1 13  ? -0.28780  -7.91745  -19.39246 1.000 26.41824 ? 13  ASP A OD2 1 
ATOM   97   N  N   . THR A 1 14  ? -4.17231  -8.61779  -14.96733 1.000 15.46997 ? 14  THR A N   1 
ATOM   98   C  CA  . THR A 1 14  ? -5.47443  -9.19215  -14.67182 1.000 16.39253 ? 14  THR A CA  1 
ATOM   99   C  C   . THR A 1 14  ? -6.54216  -8.10399  -14.69022 1.000 18.03237 ? 14  THR A C   1 
ATOM   100  O  O   . THR A 1 14  ? -6.24970  -6.90623  -14.66777 1.000 18.07800 ? 14  THR A O   1 
ATOM   101  C  CB  . THR A 1 14  ? -5.49222  -9.92183  -13.31827 1.000 20.01493 ? 14  THR A CB  1 
ATOM   102  O  OG1 . THR A 1 14  ? -5.04114  -9.05063  -12.26968 1.000 17.82031 ? 14  THR A OG1 1 
ATOM   103  C  CG2 . THR A 1 14  ? -4.61337  -11.16337 -13.35345 1.000 19.26475 ? 14  THR A CG2 1 
ATOM   104  N  N   . GLU A 1 15  ? -7.79596  -8.53594  -14.75492 1.000 18.36888 ? 15  GLU A N   1 
ATOM   105  C  CA  . GLU A 1 15  ? -8.91075  -7.60233  -14.68292 1.000 17.72132 ? 15  GLU A CA  1 
ATOM   106  C  C   . GLU A 1 15  ? -9.04140  -7.04454  -13.27203 1.000 20.53074 ? 15  GLU A C   1 
ATOM   107  O  O   . GLU A 1 15  ? -8.81345  -7.74653  -12.28777 1.000 21.81959 ? 15  GLU A O   1 
ATOM   108  C  CB  . GLU A 1 15  ? -10.20892 -8.28886  -15.10195 1.000 19.36583 ? 15  GLU A CB  1 
ATOM   109  C  CG  . GLU A 1 15  ? -10.29456 -8.55413  -16.60086 1.000 21.04815 ? 15  GLU A CG  1 
ATOM   110  C  CD  . GLU A 1 15  ? -10.17362 -7.28024  -17.40393 1.000 26.05193 ? 15  GLU A CD  1 
ATOM   111  O  OE1 . GLU A 1 15  ? -11.13487 -6.47640  -17.39151 1.000 28.32856 ? 15  GLU A OE1 1 
ATOM   112  O  OE2 . GLU A 1 15  ? -9.11020  -7.07086  -18.02592 1.000 21.69768 ? 15  GLU A OE2 1 
ATOM   113  N  N   . LYS A 1 16  ? -9.37224  -5.75847  -13.18477 1.000 23.89757 ? 16  LYS A N   1 
ATOM   114  C  CA  . LYS A 1 16  ? -9.61070  -5.12986  -11.89771 1.000 21.01900 ? 16  LYS A CA  1 
ATOM   115  C  C   . LYS A 1 16  ? -10.82760 -5.75687  -11.23765 1.000 19.28643 ? 16  LYS A C   1 
ATOM   116  O  O   . LYS A 1 16  ? -11.72560 -6.26693  -11.91036 1.000 24.11014 ? 16  LYS A O   1 
ATOM   117  C  CB  . LYS A 1 16  ? -9.80358  -3.62457  -12.07805 1.000 21.03986 ? 16  LYS A CB  1 
ATOM   118  C  CG  . LYS A 1 16  ? -8.58000  -2.93686  -12.65449 1.000 18.77649 ? 16  LYS A CG  1 
ATOM   119  C  CD  . LYS A 1 16  ? -8.64418  -1.43196  -12.45623 1.000 25.55056 ? 16  LYS A CD  1 
ATOM   120  C  CE  . LYS A 1 16  ? -9.72937  -0.81262  -13.31896 1.000 22.90601 ? 16  LYS A CE  1 
ATOM   121  N  NZ  . LYS A 1 16  ? -9.73604  0.66652   -13.23592 1.000 20.81720 ? 16  LYS A NZ  1 
ATOM   122  N  N   . VAL A 1 17  ? -10.84624 -5.72197  -9.90461  1.000 22.71306 ? 17  VAL A N   1 
ATOM   123  C  CA  . VAL A 1 17  ? -11.79149 -6.48238  -9.09939  1.000 21.90148 ? 17  VAL A CA  1 
ATOM   124  C  C   . VAL A 1 17  ? -12.41916 -5.56303  -8.06253  1.000 26.85377 ? 17  VAL A C   1 
ATOM   125  O  O   . VAL A 1 17  ? -11.96596 -4.44245  -7.83127  1.000 25.72663 ? 17  VAL A O   1 
ATOM   126  C  CB  . VAL A 1 17  ? -11.12802 -7.68426  -8.40126  1.000 22.53307 ? 17  VAL A CB  1 
ATOM   127  C  CG1 . VAL A 1 17  ? -10.63560 -8.69088  -9.42496  1.000 21.04331 ? 17  VAL A CG1 1 
ATOM   128  C  CG2 . VAL A 1 17  ? -9.97190  -7.19642  -7.52662  1.000 22.33989 ? 17  VAL A CG2 1 
ATOM   129  N  N   . GLY A 1 18  ? -13.46338 -6.06753  -7.41277  1.000 24.84714 ? 18  GLY A N   1 
ATOM   130  C  CA  . GLY A 1 18  ? -14.16048 -5.30704  -6.39917  1.000 24.22779 ? 18  GLY A CA  1 
ATOM   131  C  C   . GLY A 1 18  ? -15.28057 -4.46588  -6.97932  1.000 27.47140 ? 18  GLY A C   1 
ATOM   132  O  O   . GLY A 1 18  ? -15.38681 -4.24358  -8.18880  1.000 30.49420 ? 18  GLY A O   1 
ATOM   133  N  N   . ASN A 1 19  ? -16.13066 -3.97312  -6.08260  1.000 25.37194 ? 19  ASN A N   1 
ATOM   134  C  CA  . ASN A 1 19  ? -17.35306 -3.30937  -6.51019  1.000 29.63472 ? 19  ASN A CA  1 
ATOM   135  C  C   . ASN A 1 19  ? -17.14046 -1.87600  -6.97931  1.000 34.08209 ? 19  ASN A C   1 
ATOM   136  O  O   . ASN A 1 19  ? -18.03889 -1.32308  -7.62190  1.000 34.95603 ? 19  ASN A O   1 
ATOM   137  C  CB  . ASN A 1 19  ? -18.38347 -3.37007  -5.38363  1.000 31.74739 ? 19  ASN A CB  1 
ATOM   138  C  CG  . ASN A 1 19  ? -18.88285 -4.78343  -5.15721  1.000 37.17583 ? 19  ASN A CG  1 
ATOM   139  O  OD1 . ASN A 1 19  ? -19.08841 -5.52643  -6.11503  1.000 38.09214 ? 19  ASN A OD1 1 
ATOM   140  N  ND2 . ASN A 1 19  ? -19.05185 -5.17319  -3.89792  1.000 37.01012 ? 19  ASN A ND2 1 
ATOM   141  N  N   . HIS A 1 20  ? -15.97809 -1.27297  -6.70795  1.000 28.98757 ? 20  HIS A N   1 
ATOM   142  C  CA  . HIS A 1 20  ? -15.66426 0.06586   -7.19657  1.000 31.52482 ? 20  HIS A CA  1 
ATOM   143  C  C   . HIS A 1 20  ? -14.28463 0.14883   -7.84532  1.000 26.20710 ? 20  HIS A C   1 
ATOM   144  O  O   . HIS A 1 20  ? -13.84158 1.25277   -8.17285  1.000 29.53022 ? 20  HIS A O   1 
ATOM   145  C  CB  . HIS A 1 20  ? -15.73421 1.10567   -6.06993  1.000 28.91921 ? 20  HIS A CB  1 
ATOM   146  C  CG  . HIS A 1 20  ? -17.05582 1.17974   -5.37197  1.000 41.45239 ? 20  HIS A CG  1 
ATOM   147  N  ND1 . HIS A 1 20  ? -17.32412 0.47810   -4.21421  1.000 38.23664 ? 20  HIS A ND1 1 
ATOM   148  C  CD2 . HIS A 1 20  ? -18.17123 1.89870   -5.64425  1.000 38.52407 ? 20  HIS A CD2 1 
ATOM   149  C  CE1 . HIS A 1 20  ? -18.55324 0.74963   -3.81198  1.000 40.14308 ? 20  HIS A CE1 1 
ATOM   150  N  NE2 . HIS A 1 20  ? -19.08770 1.61108   -4.65991  1.000 45.66995 ? 20  HIS A NE2 1 
ATOM   151  N  N   . HIS A 1 21  ? -13.59293 -0.98029  -8.02474  1.000 26.62176 ? 21  HIS A N   1 
ATOM   152  C  CA  . HIS A 1 21  ? -12.23128 -1.00550  -8.56164  1.000 23.92462 ? 21  HIS A CA  1 
ATOM   153  C  C   . HIS A 1 21  ? -11.27998 -0.13642  -7.72903  1.000 24.80511 ? 21  HIS A C   1 
ATOM   154  O  O   . HIS A 1 21  ? -10.39047 0.52276   -8.26452  1.000 24.16325 ? 21  HIS A O   1 
ATOM   155  C  CB  . HIS A 1 21  ? -12.20392 -0.57423  -10.03199 1.000 26.08537 ? 21  HIS A CB  1 
ATOM   156  C  CG  . HIS A 1 21  ? -12.93372 -1.49900  -10.96005 1.000 23.06847 ? 21  HIS A CG  1 
ATOM   157  N  ND1 . HIS A 1 21  ? -13.25062 -2.80024  -10.62832 1.000 31.59289 ? 21  HIS A ND1 1 
ATOM   158  C  CD2 . HIS A 1 21  ? -13.39713 -1.31024  -12.21752 1.000 28.40115 ? 21  HIS A CD2 1 
ATOM   159  C  CE1 . HIS A 1 21  ? -13.87988 -3.37230  -11.63919 1.000 26.66577 ? 21  HIS A CE1 1 
ATOM   160  N  NE2 . HIS A 1 21  ? -13.98575 -2.48846  -12.61441 1.000 33.54041 ? 21  HIS A NE2 1 
ATOM   161  N  N   . GLN A 1 22  ? -11.45444 -0.12795  -6.40914  1.000 19.92925 ? 22  GLN A N   1 
ATOM   162  C  CA  . GLN A 1 22  ? -10.58931 0.67695   -5.55641  1.000 27.58167 ? 22  GLN A CA  1 
ATOM   163  C  C   . GLN A 1 22  ? -9.37835  -0.12710  -5.07940  1.000 19.02338 ? 22  GLN A C   1 
ATOM   164  O  O   . GLN A 1 22  ? -9.36282  -1.36005  -5.10692  1.000 18.44674 ? 22  GLN A O   1 
ATOM   165  C  CB  . GLN A 1 22  ? -11.36943 1.24763   -4.36839  1.000 28.86981 ? 22  GLN A CB  1 
ATOM   166  C  CG  . GLN A 1 22  ? -12.64367 1.95833   -4.79346  1.000 35.65713 ? 22  GLN A CG  1 
ATOM   167  C  CD  . GLN A 1 22  ? -13.63798 2.16943   -3.64734  1.000 45.82555 ? 22  GLN A CD  1 
ATOM   168  O  OE1 . GLN A 1 22  ? -14.47487 3.07763   -3.69738  1.000 56.03972 ? 22  GLN A OE1 1 
ATOM   169  N  NE2 . GLN A 1 22  ? -13.54714 1.33737   -2.61210  1.000 41.20559 ? 22  GLN A NE2 1 
ATOM   170  N  N   . CYS A 1 23  ? -8.34126  0.60475   -4.66094  1.000 20.49527 ? 23  CYS A N   1 
ATOM   171  C  CA  . CYS A 1 23  ? -7.07371  -0.02436  -4.29690  1.000 20.02544 ? 23  CYS A CA  1 
ATOM   172  C  C   . CYS A 1 23  ? -7.24958  -1.04302  -3.17008  1.000 16.64585 ? 23  CYS A C   1 
ATOM   173  O  O   . CYS A 1 23  ? -6.69500  -2.14656  -3.22655  1.000 16.42564 ? 23  CYS A O   1 
ATOM   174  C  CB  . CYS A 1 23  ? -6.06076  1.04960   -3.90268  1.000 16.87969 ? 23  CYS A CB  1 
ATOM   175  N  N   . VAL A 1 24  ? -7.99765  -0.68075  -2.12486  1.000 18.84022 ? 24  VAL A N   1 
ATOM   176  C  CA  . VAL A 1 24  ? -8.22197  -1.60817  -1.01123  1.000 18.96813 ? 24  VAL A CA  1 
ATOM   177  C  C   . VAL A 1 24  ? -8.98773  -2.84564  -1.47665  1.000 20.53947 ? 24  VAL A C   1 
ATOM   178  O  O   . VAL A 1 24  ? -8.74162  -3.95739  -0.99462  1.000 20.94981 ? 24  VAL A O   1 
ATOM   179  C  CB  . VAL A 1 24  ? -8.94533  -0.88222  0.14336   1.000 17.34716 ? 24  VAL A CB  1 
ATOM   180  C  CG1 . VAL A 1 24  ? -9.29316  -1.85046  1.27050   1.000 16.77908 ? 24  VAL A CG1 1 
ATOM   181  C  CG2 . VAL A 1 24  ? -8.06614  0.24511   0.68664   1.000 20.12454 ? 24  VAL A CG2 1 
ATOM   182  N  N   . GLU A 1 25  ? -9.89756  -2.68320  -2.44216  1.000 20.70268 ? 25  GLU A N   1 
ATOM   183  C  CA  . GLU A 1 25  ? -10.70276 -3.80967  -2.89553  1.000 20.95546 ? 25  GLU A CA  1 
ATOM   184  C  C   . GLU A 1 25  ? -9.87548  -4.83712  -3.65639  1.000 20.82419 ? 25  GLU A C   1 
ATOM   185  O  O   . GLU A 1 25  ? -10.24635 -6.01277  -3.69471  1.000 22.34144 ? 25  GLU A O   1 
ATOM   186  C  CB  . GLU A 1 25  ? -11.85444 -3.31393  -3.76160  1.000 22.50547 ? 25  GLU A CB  1 
ATOM   187  C  CG  . GLU A 1 25  ? -12.90612 -2.54749  -2.97918  1.000 24.84062 ? 25  GLU A CG  1 
ATOM   188  C  CD  . GLU A 1 25  ? -13.97343 -1.95275  -3.88368  1.000 32.50408 ? 25  GLU A CD  1 
ATOM   189  O  OE1 . GLU A 1 25  ? -13.63736 -1.54113  -5.01184  1.000 31.54263 ? 25  GLU A OE1 1 
ATOM   190  O  OE2 . GLU A 1 25  ? -15.14767 -1.89527  -3.47176  1.000 37.00727 ? 25  GLU A OE2 1 
ATOM   191  N  N   . LEU A 1 26  ? -8.76136  -4.42934  -4.26433  1.000 19.09595 ? 26  LEU A N   1 
ATOM   192  C  CA  . LEU A 1 26  ? -7.86726  -5.41172  -4.86412  1.000 16.74177 ? 26  LEU A CA  1 
ATOM   193  C  C   . LEU A 1 26  ? -7.31617  -6.34624  -3.80516  1.000 19.86338 ? 26  LEU A C   1 
ATOM   194  O  O   . LEU A 1 26  ? -7.37981  -7.57569  -3.94600  1.000 19.09980 ? 26  LEU A O   1 
ATOM   195  C  CB  . LEU A 1 26  ? -6.72347  -4.72008  -5.60591  1.000 19.88888 ? 26  LEU A CB  1 
ATOM   196  C  CG  . LEU A 1 26  ? -5.65911  -5.68920  -6.12679  1.000 19.91243 ? 26  LEU A CG  1 
ATOM   197  C  CD1 . LEU A 1 26  ? -6.23041  -6.56944  -7.25324  1.000 19.56181 ? 26  LEU A CD1 1 
ATOM   198  C  CD2 . LEU A 1 26  ? -4.44376  -4.92887  -6.60843  1.000 13.94375 ? 26  LEU A CD2 1 
ATOM   199  N  N   . ILE A 1 27  ? -6.77917  -5.77651  -2.72242  1.000 17.75444 ? 27  ILE A N   1 
ATOM   200  C  CA  . ILE A 1 27  ? -6.26385  -6.59786  -1.63448  1.000 15.89452 ? 27  ILE A CA  1 
ATOM   201  C  C   . ILE A 1 27  ? -7.35416  -7.50830  -1.10337  1.000 15.25681 ? 27  ILE A C   1 
ATOM   202  O  O   . ILE A 1 27  ? -7.13521  -8.70331  -0.88148  1.000 17.27746 ? 27  ILE A O   1 
ATOM   203  C  CB  . ILE A 1 27  ? -5.69609  -5.72290  -0.50447  1.000 15.09915 ? 27  ILE A CB  1 
ATOM   204  C  CG1 . ILE A 1 27  ? -4.90722  -4.52878  -1.06289  1.000 16.39446 ? 27  ILE A CG1 1 
ATOM   205  C  CG2 . ILE A 1 27  ? -4.83071  -6.57846  0.37918   1.000 13.56228 ? 27  ILE A CG2 1 
ATOM   206  C  CD1 . ILE A 1 27  ? -3.69415  -4.93404  -1.85999  1.000 18.04822 ? 27  ILE A CD1 1 
ATOM   207  N  N   . GLN A 1 28  ? -8.54247  -6.94303  -0.87274  1.000 17.21581 ? 28  GLN A N   1 
ATOM   208  C  CA  . GLN A 1 28  ? -9.61688  -7.67648  -0.21605  1.000 17.75601 ? 28  GLN A CA  1 
ATOM   209  C  C   . GLN A 1 28  ? -10.13657 -8.80913  -1.07857  1.000 20.07612 ? 28  GLN A C   1 
ATOM   210  O  O   . GLN A 1 28  ? -10.66089 -9.79427  -0.54709  1.000 23.70901 ? 28  GLN A O   1 
ATOM   211  C  CB  . GLN A 1 28  ? -10.75817 -6.72539  0.13710   1.000 21.09819 ? 28  GLN A CB  1 
ATOM   212  C  CG  . GLN A 1 28  ? -10.41650 -5.74355  1.26394   1.000 16.07051 ? 28  GLN A CG  1 
ATOM   213  C  CD  . GLN A 1 28  ? -11.46417 -4.65529  1.42408   1.000 23.44820 ? 28  GLN A CD  1 
ATOM   214  O  OE1 . GLN A 1 28  ? -12.21028 -4.35355  0.49177   1.000 24.83665 ? 28  GLN A OE1 1 
ATOM   215  N  NE2 . GLN A 1 28  ? -11.52179 -4.05584  2.61184   1.000 22.81302 ? 28  GLN A NE2 1 
ATOM   216  N  N   . HIS A 1 29  ? -10.02108 -8.68164  -2.40387  1.000 15.67960 ? 29  HIS A N   1 
ATOM   217  C  CA  . HIS A 1 29  ? -10.48810 -9.73957  -3.28554  1.000 15.34324 ? 29  HIS A CA  1 
ATOM   218  C  C   . HIS A 1 29  ? -9.67380  -11.01016 -3.08913  1.000 19.52244 ? 29  HIS A C   1 
ATOM   219  O  O   . HIS A 1 29  ? -10.23315 -12.11507 -3.06296  1.000 19.90203 ? 29  HIS A O   1 
ATOM   220  C  CB  . HIS A 1 29  ? -10.42241 -9.27950  -4.74486  1.000 21.61918 ? 29  HIS A CB  1 
ATOM   221  C  CG  . HIS A 1 29  ? -10.94894 -10.29082 -5.71415  1.000 20.91331 ? 29  HIS A CG  1 
ATOM   222  N  ND1 . HIS A 1 29  ? -12.28857 -10.40171 -6.01739  1.000 21.54737 ? 29  HIS A ND1 1 
ATOM   223  C  CD2 . HIS A 1 29  ? -10.32063 -11.25829 -6.42406  1.000 19.17126 ? 29  HIS A CD2 1 
ATOM   224  C  CE1 . HIS A 1 29  ? -12.46171 -11.38259 -6.88649  1.000 22.31387 ? 29  HIS A CE1 1 
ATOM   225  N  NE2 . HIS A 1 29  ? -11.28369 -11.91959 -7.14907  1.000 20.55408 ? 29  HIS A NE2 1 
ATOM   226  N  N   . TYR A 1 30  ? -8.35695  -10.87512 -2.90460  1.000 16.34587 ? 30  TYR A N   1 
ATOM   227  C  CA  . TYR A 1 30  ? -7.49923  -12.04394 -2.76571  1.000 18.23232 ? 30  TYR A CA  1 
ATOM   228  C  C   . TYR A 1 30  ? -7.19616  -12.43704 -1.32374  1.000 19.68367 ? 30  TYR A C   1 
ATOM   229  O  O   . TYR A 1 30  ? -6.94313  -13.61941 -1.06808  1.000 19.32593 ? 30  TYR A O   1 
ATOM   230  C  CB  . TYR A 1 30  ? -6.18610  -11.82205 -3.51498  1.000 11.71528 ? 30  TYR A CB  1 
ATOM   231  C  CG  . TYR A 1 30  ? -6.39563  -11.74128 -5.01426  1.000 19.67982 ? 30  TYR A CG  1 
ATOM   232  C  CD1 . TYR A 1 30  ? -6.44853  -12.89235 -5.79401  1.000 20.17904 ? 30  TYR A CD1 1 
ATOM   233  C  CD2 . TYR A 1 30  ? -6.58327  -10.51701 -5.63900  1.000 16.72674 ? 30  TYR A CD2 1 
ATOM   234  C  CE1 . TYR A 1 30  ? -6.65850  -12.81523 -7.16321  1.000 21.96011 ? 30  TYR A CE1 1 
ATOM   235  C  CE2 . TYR A 1 30  ? -6.78248  -10.42825 -6.98828  1.000 18.50097 ? 30  TYR A CE2 1 
ATOM   236  C  CZ  . TYR A 1 30  ? -6.83054  -11.57918 -7.74931  1.000 19.29177 ? 30  TYR A CZ  1 
ATOM   237  O  OH  . TYR A 1 30  ? -7.03736  -11.47568 -9.10070  1.000 19.25033 ? 30  TYR A OH  1 
ATOM   238  N  N   . ILE A 1 31  ? -7.19799  -11.48893 -0.38364  1.000 20.75045 ? 31  ILE A N   1 
ATOM   239  C  CA  . ILE A 1 31  ? -6.77423  -11.72064 1.00241   1.000 21.59244 ? 31  ILE A CA  1 
ATOM   240  C  C   . ILE A 1 31  ? -7.77630  -11.06203 1.93792   1.000 17.29280 ? 31  ILE A C   1 
ATOM   241  O  O   . ILE A 1 31  ? -8.15184  -9.90653  1.72771   1.000 16.04209 ? 31  ILE A O   1 
ATOM   242  C  CB  . ILE A 1 31  ? -5.37208  -11.13675 1.29000   1.000 24.43741 ? 31  ILE A CB  1 
ATOM   243  C  CG1 . ILE A 1 31  ? -4.41255  -11.37353 0.12402   1.000 22.27318 ? 31  ILE A CG1 1 
ATOM   244  C  CG2 . ILE A 1 31  ? -4.81316  -11.67917 2.61594   1.000 25.07385 ? 31  ILE A CG2 1 
ATOM   245  C  CD1 . ILE A 1 31  ? -3.97173  -12.79669 -0.01667  1.000 24.40856 ? 31  ILE A CD1 1 
ATOM   246  N  N   . ARG A 1 32  ? -8.17981  -11.77138 3.00039   1.000 20.94115 ? 32  ARG A N   1 
ATOM   247  C  CA  . ARG A 1 32  ? -9.09014  -11.18299 3.98709   1.000 18.25822 ? 32  ARG A CA  1 
ATOM   248  C  C   . ARG A 1 32  ? -8.30600  -10.24895 4.90773   1.000 20.34833 ? 32  ARG A C   1 
ATOM   249  O  O   . ARG A 1 32  ? -7.99516  -10.56315 6.05853   1.000 17.85346 ? 32  ARG A O   1 
ATOM   250  C  CB  . ARG A 1 32  ? -9.81657  -12.25406 4.79007   1.000 20.79714 ? 32  ARG A CB  1 
ATOM   251  C  CG  . ARG A 1 32  ? -10.88326 -11.65133 5.72269   1.000 28.73600 ? 32  ARG A CG  1 
ATOM   252  C  CD  . ARG A 1 32  ? -12.02154 -12.60934 6.02803   1.000 31.50662 ? 32  ARG A CD  1 
ATOM   253  N  NE  . ARG A 1 32  ? -12.46178 -13.34144 4.84110   1.000 23.86488 ? 32  ARG A NE  1 
ATOM   254  C  CZ  . ARG A 1 32  ? -13.36624 -14.31810 4.86985   1.000 26.62333 ? 32  ARG A CZ  1 
ATOM   255  N  NH1 . ARG A 1 32  ? -13.91368 -14.66926 6.02865   1.000 24.60486 ? 32  ARG A NH1 1 
ATOM   256  N  NH2 . ARG A 1 32  ? -13.71435 -14.95168 3.75221   1.000 20.29194 ? 32  ARG A NH2 1 
ATOM   257  N  N   . VAL A 1 33  ? -7.99478  -9.05582  4.39419   1.000 18.94758 ? 33  VAL A N   1 
ATOM   258  C  CA  . VAL A 1 33  ? -7.33476  -8.04962  5.22564   1.000 19.60571 ? 33  VAL A CA  1 
ATOM   259  C  C   . VAL A 1 33  ? -8.31615  -7.20982  6.03268   1.000 20.62441 ? 33  VAL A C   1 
ATOM   260  O  O   . VAL A 1 33  ? -7.88649  -6.41525  6.88207   1.000 19.41832 ? 33  VAL A O   1 
ATOM   261  C  CB  . VAL A 1 33  ? -6.45665  -7.13685  4.35196   1.000 18.03080 ? 33  VAL A CB  1 
ATOM   262  C  CG1 . VAL A 1 33  ? -5.36026  -7.95770  3.70907   1.000 17.71840 ? 33  VAL A CG1 1 
ATOM   263  C  CG2 . VAL A 1 33  ? -7.31478  -6.45907  3.28867   1.000 17.24837 ? 33  VAL A CG2 1 
ATOM   264  N  N   . GLY A 1 34  ? -9.61594  -7.35729  5.80467   1.000 20.83416 ? 34  GLY A N   1 
ATOM   265  C  CA  . GLY A 1 34  ? -10.57033 -6.53790  6.51389   1.000 22.21311 ? 34  GLY A CA  1 
ATOM   266  C  C   . GLY A 1 34  ? -10.63048 -5.11527  5.98225   1.000 19.13871 ? 34  GLY A C   1 
ATOM   267  O  O   . GLY A 1 34  ? -10.03500 -4.75751  4.97050   1.000 20.56034 ? 34  GLY A O   1 
ATOM   268  N  N   . GLN A 1 35  ? -11.40459 -4.30207  6.68833   1.000 25.46741 ? 35  GLN A N   1 
ATOM   269  C  CA  . GLN A 1 35  ? -11.58887 -2.91430  6.29579   1.000 24.37516 ? 35  GLN A CA  1 
ATOM   270  C  C   . GLN A 1 35  ? -10.38561 -2.09456  6.73148   1.000 20.82824 ? 35  GLN A C   1 
ATOM   271  O  O   . GLN A 1 35  ? -9.79763  -2.34790  7.78927   1.000 21.10735 ? 35  GLN A O   1 
ATOM   272  C  CB  . GLN A 1 35  ? -12.87752 -2.35450  6.89953   1.000 24.59440 ? 35  GLN A CB  1 
ATOM   273  C  CG  . GLN A 1 35  ? -14.09783 -3.19403  6.53335   1.000 27.53262 ? 35  GLN A CG  1 
ATOM   274  C  CD  . GLN A 1 35  ? -15.40189 -2.58837  7.00660   1.000 32.10275 ? 35  GLN A CD  1 
ATOM   275  O  OE1 . GLN A 1 35  ? -15.41399 -1.58410  7.71976   1.000 33.15203 ? 35  GLN A OE1 1 
ATOM   276  N  NE2 . GLN A 1 35  ? -16.51245 -3.20504  6.61654   1.000 39.23746 ? 35  GLN A NE2 1 
ATOM   277  N  N   . ALA A 1 36  ? -10.01256 -1.12135  5.89113   1.000 20.10096 ? 36  ALA A N   1 
ATOM   278  C  CA  . ALA A 1 36  ? -8.77750  -0.37310  6.10976   1.000 19.69799 ? 36  ALA A CA  1 
ATOM   279  C  C   . ALA A 1 36  ? -8.81043  0.42299   7.40976   1.000 20.85247 ? 36  ALA A C   1 
ATOM   280  O  O   . ALA A 1 36  ? -7.75456  0.74041   7.96918   1.000 20.61693 ? 36  ALA A O   1 
ATOM   281  C  CB  . ALA A 1 36  ? -8.52275  0.55500   4.93009   1.000 19.54844 ? 36  ALA A CB  1 
ATOM   282  N  N   . SER A 1 37  ? -10.00976 0.75127   7.89897   1.000 26.58913 ? 37  SER A N   1 
ATOM   283  C  CA  . SER A 1 37  ? -10.17600 1.43996   9.17393   1.000 25.20084 ? 37  SER A CA  1 
ATOM   284  C  C   . SER A 1 37  ? -9.65581  0.63360   10.35480  1.000 27.76060 ? 37  SER A C   1 
ATOM   285  O  O   . SER A 1 37  ? -9.43049  1.20864   11.42678  1.000 21.77015 ? 37  SER A O   1 
ATOM   286  C  CB  . SER A 1 37  ? -11.65599 1.75975   9.39467   1.000 27.53740 ? 37  SER A CB  1 
ATOM   287  O  OG  . SER A 1 37  ? -12.43974 0.59015   9.24849   1.000 36.55432 ? 37  SER A OG  1 
ATOM   288  N  N   . THR A 1 38  ? -9.47533  -0.68240  10.19724  1.000 24.82086 ? 38  THR A N   1 
ATOM   289  C  CA  . THR A 1 38  ? -8.99200  -1.52731  11.28643  1.000 25.17675 ? 38  THR A CA  1 
ATOM   290  C  C   . THR A 1 38  ? -7.48304  -1.73381  11.26255  1.000 19.33402 ? 38  THR A C   1 
ATOM   291  O  O   . THR A 1 38  ? -6.94374  -2.31962  12.20642  1.000 22.30204 ? 38  THR A O   1 
ATOM   292  C  CB  . THR A 1 38  ? -9.67951  -2.90089  11.24747  1.000 23.38096 ? 38  THR A CB  1 
ATOM   293  O  OG1 . THR A 1 38  ? -9.23847  -3.62539  10.08715  1.000 22.55375 ? 38  THR A OG1 1 
ATOM   294  C  CG2 . THR A 1 38  ? -11.20295 -2.73761  11.19550  1.000 22.62095 ? 38  THR A CG2 1 
ATOM   295  N  N   . TRP A 1 39  ? -6.79630  -1.27781  10.21635  1.000 20.64128 ? 39  TRP A N   1 
ATOM   296  C  CA  . TRP A 1 39  ? -5.38192  -1.58531  10.04946  1.000 14.83175 ? 39  TRP A CA  1 
ATOM   297  C  C   . TRP A 1 39  ? -4.53390  -0.81182  11.05910  1.000 20.29457 ? 39  TRP A C   1 
ATOM   298  O  O   . TRP A 1 39  ? -4.87074  0.30522   11.46416  1.000 18.66575 ? 39  TRP A O   1 
ATOM   299  C  CB  . TRP A 1 39  ? -4.92244  -1.25690  8.62306   1.000 16.87045 ? 39  TRP A CB  1 
ATOM   300  C  CG  . TRP A 1 39  ? -5.56681  -2.10772  7.54642   1.000 17.11790 ? 39  TRP A CG  1 
ATOM   301  C  CD1 . TRP A 1 39  ? -6.34153  -3.21650  7.73298   1.000 14.95094 ? 39  TRP A CD1 1 
ATOM   302  C  CD2 . TRP A 1 39  ? -5.49743  -1.90059  6.13011   1.000 16.54709 ? 39  TRP A CD2 1 
ATOM   303  N  NE1 . TRP A 1 39  ? -6.75565  -3.71505  6.52017   1.000 17.10880 ? 39  TRP A NE1 1 
ATOM   304  C  CE2 . TRP A 1 39  ? -6.25712  -2.92099  5.52050   1.000 15.56876 ? 39  TRP A CE2 1 
ATOM   305  C  CE3 . TRP A 1 39  ? -4.87909  -0.93786  5.31669   1.000 15.70798 ? 39  TRP A CE3 1 
ATOM   306  C  CZ2 . TRP A 1 39  ? -6.40238  -3.02062  4.13079   1.000 15.98801 ? 39  TRP A CZ2 1 
ATOM   307  C  CZ3 . TRP A 1 39  ? -5.02412  -1.03440  3.94521   1.000 15.42168 ? 39  TRP A CZ3 1 
ATOM   308  C  CH2 . TRP A 1 39  ? -5.78173  -2.06961  3.36388   1.000 17.13153 ? 39  TRP A CH2 1 
ATOM   309  N  N   . GLN A 1 40  ? -3.42686  -1.43048  11.46709  1.000 17.59183 ? 40  GLN A N   1 
ATOM   310  C  CA  . GLN A 1 40  ? -2.39553  -0.79357  12.27604  1.000 18.69844 ? 40  GLN A CA  1 
ATOM   311  C  C   . GLN A 1 40  ? -1.12454  -0.63679  11.45127  1.000 20.20316 ? 40  GLN A C   1 
ATOM   312  O  O   . GLN A 1 40  ? -0.73177  -1.54720  10.71176  1.000 18.85746 ? 40  GLN A O   1 
ATOM   313  C  CB  . GLN A 1 40  ? -2.09273  -1.60519  13.54201  1.000 18.64125 ? 40  GLN A CB  1 
ATOM   314  C  CG  . GLN A 1 40  ? -1.13218  -0.91904  14.50430  1.000 22.40274 ? 40  GLN A CG  1 
ATOM   315  C  CD  . GLN A 1 40  ? -1.84730  -0.12568  15.58467  1.000 29.29892 ? 40  GLN A CD  1 
ATOM   316  O  OE1 . GLN A 1 40  ? -2.36036  -0.69592  16.55832  1.000 32.72191 ? 40  GLN A OE1 1 
ATOM   317  N  NE2 . GLN A 1 40  ? -1.88729  1.19695   15.42177  1.000 27.33898 ? 40  GLN A NE2 1 
ATOM   318  N  N   . GLN A 1 41  ? -0.48712  0.52099   11.58691  1.000 16.56324 ? 41  GLN A N   1 
ATOM   319  C  CA  . GLN A 1 41  ? 0.75816   0.80465   10.88326  1.000 16.62311 ? 41  GLN A CA  1 
ATOM   320  C  C   . GLN A 1 41  ? 1.88142   -0.13871  11.31769  1.000 18.29204 ? 41  GLN A C   1 
ATOM   321  O  O   . GLN A 1 41  ? 2.26006   -0.17072  12.49200  1.000 20.44881 ? 41  GLN A O   1 
ATOM   322  C  CB  . GLN A 1 41  ? 1.15043   2.25887   11.14946  1.000 15.92871 ? 41  GLN A CB  1 
ATOM   323  C  CG  . GLN A 1 41  ? 2.45973   2.66869   10.53288  1.000 16.87967 ? 41  GLN A CG  1 
ATOM   324  C  CD  . GLN A 1 41  ? 2.67782   4.15604   10.59629  1.000 17.72662 ? 41  GLN A CD  1 
ATOM   325  O  OE1 . GLN A 1 41  ? 1.84298   4.91078   11.11705  1.000 18.55835 ? 41  GLN A OE1 1 
ATOM   326  N  NE2 . GLN A 1 41  ? 3.80032   4.59547   10.06775  1.000 17.31380 ? 41  GLN A NE2 1 
ATOM   327  N  N   . GLY A 1 42  ? 2.44160   -0.88434  10.36872  1.000 17.73240 ? 42  GLY A N   1 
ATOM   328  C  CA  . GLY A 1 42  ? 3.57776   -1.74807  10.62925  1.000 16.29724 ? 42  GLY A CA  1 
ATOM   329  C  C   . GLY A 1 42  ? 4.90824   -1.11165  10.25991  1.000 20.71333 ? 42  GLY A C   1 
ATOM   330  O  O   . GLY A 1 42  ? 5.06261   0.11533   10.24357  1.000 19.43830 ? 42  GLY A O   1 
ATOM   331  N  N   . ALA A 1 43  ? 5.89585   -1.96787  9.99044   1.000 16.69656 ? 43  ALA A N   1 
ATOM   332  C  CA  . ALA A 1 43  ? 7.23932   -1.49968  9.66896   1.000 19.94002 ? 43  ALA A CA  1 
ATOM   333  C  C   . ALA A 1 43  ? 7.24723   -0.71977  8.35596   1.000 19.61149 ? 43  ALA A C   1 
ATOM   334  O  O   . ALA A 1 43  ? 6.44112   -0.97740  7.45473   1.000 19.63063 ? 43  ALA A O   1 
ATOM   335  C  CB  . ALA A 1 43  ? 8.19725   -2.68981  9.56966   1.000 20.11586 ? 43  ALA A CB  1 
ATOM   336  N  N   . ALA A 1 44  ? 8.17806   0.23722   8.24592   1.000 16.16467 ? 44  ALA A N   1 
ATOM   337  C  CA  . ALA A 1 44  ? 8.33695   0.99227   7.00570   1.000 19.69534 ? 44  ALA A CA  1 
ATOM   338  C  C   . ALA A 1 44  ? 8.72853   0.06061   5.86760   1.000 18.17744 ? 44  ALA A C   1 
ATOM   339  O  O   . ALA A 1 44  ? 9.43723   -0.92768  6.06270   1.000 18.63493 ? 44  ALA A O   1 
ATOM   340  C  CB  . ALA A 1 44  ? 9.39955   2.09396   7.15673   1.000 17.20928 ? 44  ALA A CB  1 
ATOM   341  N  N   . VAL A 1 45  ? 8.25944   0.38101   4.66687   1.000 18.72619 ? 45  VAL A N   1 
ATOM   342  C  CA  . VAL A 1 45  ? 8.59823   -0.40645  3.48388   1.000 16.43717 ? 45  VAL A CA  1 
ATOM   343  C  C   . VAL A 1 45  ? 9.93036   0.03773   2.88121   1.000 19.27887 ? 45  VAL A C   1 
ATOM   344  O  O   . VAL A 1 45  ? 10.82845  -0.77770  2.65781   1.000 19.13052 ? 45  VAL A O   1 
ATOM   345  C  CB  . VAL A 1 45  ? 7.45903   -0.30932  2.44865   1.000 17.70235 ? 45  VAL A CB  1 
ATOM   346  C  CG1 . VAL A 1 45  ? 7.88749   -0.93000  1.11412   1.000 18.55845 ? 45  VAL A CG1 1 
ATOM   347  C  CG2 . VAL A 1 45  ? 6.17513   -0.94017  2.99733   1.000 15.43104 ? 45  VAL A CG2 1 
ATOM   348  N  N   . PHE A 1 46  ? 10.08642  1.33103   2.59790   1.000 19.61006 ? 46  PHE A N   1 
ATOM   349  C  CA  . PHE A 1 46  ? 11.30066  1.80830   1.94125   1.000 21.72964 ? 46  PHE A CA  1 
ATOM   350  C  C   . PHE A 1 46  ? 12.49340  1.67724   2.88431   1.000 20.73277 ? 46  PHE A C   1 
ATOM   351  O  O   . PHE A 1 46  ? 12.47427  2.21257   3.99492   1.000 20.43918 ? 46  PHE A O   1 
ATOM   352  C  CB  . PHE A 1 46  ? 11.13791  3.25653   1.49114   1.000 16.78080 ? 46  PHE A CB  1 
ATOM   353  C  CG  . PHE A 1 46  ? 12.29010  3.75422   0.65859   1.000 19.58329 ? 46  PHE A CG  1 
ATOM   354  C  CD1 . PHE A 1 46  ? 12.42265  3.35236   -0.66472  1.000 17.58315 ? 46  PHE A CD1 1 
ATOM   355  C  CD2 . PHE A 1 46  ? 13.25237  4.58441   1.20306   1.000 20.70937 ? 46  PHE A CD2 1 
ATOM   356  C  CE1 . PHE A 1 46  ? 13.47953  3.78636   -1.43938  1.000 19.34999 ? 46  PHE A CE1 1 
ATOM   357  C  CE2 . PHE A 1 46  ? 14.32359  5.03251   0.43171   1.000 19.98857 ? 46  PHE A CE2 1 
ATOM   358  C  CZ  . PHE A 1 46  ? 14.43352  4.63029   -0.89139  1.000 20.65943 ? 46  PHE A CZ  1 
ATOM   359  N  N   . GLY A 1 47  ? 13.54200  0.98562   2.43752   1.000 24.21709 ? 47  GLY A N   1 
ATOM   360  C  CA  . GLY A 1 47  ? 14.69077  0.71648   3.27250   1.000 20.17379 ? 47  GLY A CA  1 
ATOM   361  C  C   . GLY A 1 47  ? 14.62840  -0.58594  4.04278   1.000 27.70379 ? 47  GLY A C   1 
ATOM   362  O  O   . GLY A 1 47  ? 15.66992  -1.06517  4.49987   1.000 27.98840 ? 47  GLY A O   1 
ATOM   363  N  N   . ASN A 1 48  ? 13.43934  -1.17242  4.19511   1.000 27.22978 ? 48  ASN A N   1 
ATOM   364  C  CA  . ASN A 1 48  ? 13.26150  -2.41799  4.94193   1.000 23.63913 ? 48  ASN A CA  1 
ATOM   365  C  C   . ASN A 1 48  ? 13.89911  -3.56965  4.17542   1.000 25.40350 ? 48  ASN A C   1 
ATOM   366  O  O   . ASN A 1 48  ? 13.42606  -3.94282  3.09741   1.000 33.70866 ? 48  ASN A O   1 
ATOM   367  C  CB  . ASN A 1 48  ? 11.77340  -2.66909  5.16843   1.000 24.78253 ? 48  ASN A CB  1 
ATOM   368  C  CG  . ASN A 1 48  ? 11.49536  -3.81693  6.13737   1.000 30.10813 ? 48  ASN A CG  1 
ATOM   369  O  OD1 . ASN A 1 48  ? 12.32319  -4.70215  6.33605   1.000 35.24732 ? 48  ASN A OD1 1 
ATOM   370  N  ND2 . ASN A 1 48  ? 10.31154  -3.80302  6.73538   1.000 24.57261 ? 48  ASN A ND2 1 
ATOM   371  N  N   . LYS A 1 49  ? 14.95811  -4.14969  4.73476   1.000 26.45449 ? 49  LYS A N   1 
ATOM   372  C  CA  . LYS A 1 49  ? 15.65325  -5.25031  4.09704   1.000 35.27895 ? 49  LYS A CA  1 
ATOM   373  C  C   . LYS A 1 49  ? 15.02442  -6.61429  4.26788   1.000 33.05704 ? 49  LYS A C   1 
ATOM   374  O  O   . LYS A 1 49  ? 15.57204  -7.60043  3.76911   1.000 43.60478 ? 49  LYS A O   1 
ATOM   375  N  N   . ASN A 1 50  ? 13.88104  -6.70110  4.95052   1.000 32.89974 ? 50  ASN A N   1 
ATOM   376  C  CA  . ASN A 1 50  ? 13.25443  -7.97194  5.28441   1.000 33.15933 ? 50  ASN A CA  1 
ATOM   377  C  C   . ASN A 1 50  ? 11.89568  -8.19394  4.63895   1.000 34.43221 ? 50  ASN A C   1 
ATOM   378  O  O   . ASN A 1 50  ? 11.35825  -9.30246  4.74010   1.000 38.42304 ? 50  ASN A O   1 
ATOM   379  C  CB  . ASN A 1 50  ? 13.10156  -8.09373  6.80661   1.000 30.20553 ? 50  ASN A CB  1 
ATOM   380  C  CG  . ASN A 1 50  ? 14.43862  -8.14794  7.50673   1.000 43.97982 ? 50  ASN A CG  1 
ATOM   381  O  OD1 . ASN A 1 50  ? 15.21528  -9.08317  7.30032   1.000 44.31498 ? 50  ASN A OD1 1 
ATOM   382  N  ND2 . ASN A 1 50  ? 14.73449  -7.12820  8.31512   1.000 46.91716 ? 50  ASN A ND2 1 
ATOM   383  N  N   . ILE A 1 51  ? 11.33317  -7.19103  3.97065   1.000 28.55214 ? 51  ILE A N   1 
ATOM   384  C  CA  . ILE A 1 51  ? 9.97301   -7.29566  3.47045   1.000 25.66962 ? 51  ILE A CA  1 
ATOM   385  C  C   . ILE A 1 51  ? 9.94063   -8.21737  2.25365   1.000 29.54552 ? 51  ILE A C   1 
ATOM   386  O  O   . ILE A 1 51  ? 10.77841  -8.11406  1.34872   1.000 29.69338 ? 51  ILE A O   1 
ATOM   387  C  CB  . ILE A 1 51  ? 9.42486   -5.89434  3.16915   1.000 20.78382 ? 51  ILE A CB  1 
ATOM   388  C  CG1 . ILE A 1 51  ? 8.01025   -5.96580  2.59026   1.000 21.00878 ? 51  ILE A CG1 1 
ATOM   389  C  CG2 . ILE A 1 51  ? 10.39599  -5.11084  2.28332   1.000 22.01648 ? 51  ILE A CG2 1 
ATOM   390  C  CD1 . ILE A 1 51  ? 7.33468   -4.61360  2.52223   1.000 19.18516 ? 51  ILE A CD1 1 
ATOM   391  N  N   . GLU A 1 52  ? 8.98018   -9.14047  2.24202   1.000 29.03232 ? 52  GLU A N   1 
ATOM   392  C  CA  . GLU A 1 52  ? 8.85538   -10.17499 1.22417   1.000 27.41859 ? 52  GLU A CA  1 
ATOM   393  C  C   . GLU A 1 52  ? 7.97642   -9.70912  0.07026   1.000 21.39352 ? 52  GLU A C   1 
ATOM   394  O  O   . GLU A 1 52  ? 7.01228   -8.96510  0.26136   1.000 18.58840 ? 52  GLU A O   1 
ATOM   395  C  CB  . GLU A 1 52  ? 8.23576   -11.43528 1.82989   1.000 31.85043 ? 52  GLU A CB  1 
ATOM   396  C  CG  . GLU A 1 52  ? 8.61196   -11.64252 3.27870   1.000 45.48948 ? 52  GLU A CG  1 
ATOM   397  C  CD  . GLU A 1 52  ? 7.74484   -12.66828 3.97528   1.000 50.30070 ? 52  GLU A CD  1 
ATOM   398  O  OE1 . GLU A 1 52  ? 7.34187   -13.65039 3.30076   1.000 49.54015 ? 52  GLU A OE1 1 
ATOM   399  O  OE2 . GLU A 1 52  ? 7.49711   -12.49020 5.19977   1.000 48.23278 ? 52  GLU A OE2 1 
ATOM   400  N  N   . VAL A 1 53  ? 8.30085   -10.18510 -1.13363  1.000 27.92827 ? 53  VAL A N   1 
ATOM   401  C  CA  . VAL A 1 53  ? 7.43870   -9.94711  -2.28550  1.000 28.66399 ? 53  VAL A CA  1 
ATOM   402  C  C   . VAL A 1 53  ? 6.02555   -10.41644 -1.96454  1.000 20.74834 ? 53  VAL A C   1 
ATOM   403  O  O   . VAL A 1 53  ? 5.83055   -11.52321 -1.45594  1.000 22.46197 ? 53  VAL A O   1 
ATOM   404  C  CB  . VAL A 1 53  ? 7.99532   -10.66931 -3.52797  1.000 29.94143 ? 53  VAL A CB  1 
ATOM   405  C  CG1 . VAL A 1 53  ? 7.05985   -10.46531 -4.72223  1.000 21.86541 ? 53  VAL A CG1 1 
ATOM   406  C  CG2 . VAL A 1 53  ? 9.43675   -10.20313 -3.83153  1.000 26.41632 ? 53  VAL A CG2 1 
ATOM   407  N  N   . GLY A 1 54  ? 5.03623   -9.57150  -2.25864  1.000 18.62544 ? 54  GLY A N   1 
ATOM   408  C  CA  . GLY A 1 54  ? 3.64421   -9.86233  -1.98093  1.000 17.35287 ? 54  GLY A CA  1 
ATOM   409  C  C   . GLY A 1 54  ? 3.11902   -9.35146  -0.65039  1.000 20.45254 ? 54  GLY A C   1 
ATOM   410  O  O   . GLY A 1 54  ? 1.91699   -9.48830  -0.38277  1.000 16.45823 ? 54  GLY A O   1 
ATOM   411  N  N   . THR A 1 55  ? 3.97049   -8.77422  0.19641   1.000 15.02223 ? 55  THR A N   1 
ATOM   412  C  CA  . THR A 1 55  ? 3.49009   -8.20992  1.44937   1.000 18.50410 ? 55  THR A CA  1 
ATOM   413  C  C   . THR A 1 55  ? 2.45847   -7.12304  1.17150   1.000 19.78086 ? 55  THR A C   1 
ATOM   414  O  O   . THR A 1 55  ? 2.64828   -6.28739  0.28100   1.000 19.32270 ? 55  THR A O   1 
ATOM   415  C  CB  . THR A 1 55  ? 4.65390   -7.63294  2.25717   1.000 16.54084 ? 55  THR A CB  1 
ATOM   416  O  OG1 . THR A 1 55  ? 5.62935   -8.65660  2.49331   1.000 16.69466 ? 55  THR A OG1 1 
ATOM   417  C  CG2 . THR A 1 55  ? 4.15117   -7.09389  3.57719   1.000 13.67907 ? 55  THR A CG2 1 
ATOM   418  N  N   . VAL A 1 56  ? 1.35560   -7.14529  1.92379   1.000 13.02727 ? 56  VAL A N   1 
ATOM   419  C  CA  . VAL A 1 56  ? 0.36490   -6.08599  1.80346   1.000 13.18920 ? 56  VAL A CA  1 
ATOM   420  C  C   . VAL A 1 56  ? 0.88999   -4.83281  2.48984   1.000 18.94007 ? 56  VAL A C   1 
ATOM   421  O  O   . VAL A 1 56  ? 1.26772   -4.87104  3.66711   1.000 19.10335 ? 56  VAL A O   1 
ATOM   422  C  CB  . VAL A 1 56  ? -0.97073  -6.52082  2.41273   1.000 17.21421 ? 56  VAL A CB  1 
ATOM   423  C  CG1 . VAL A 1 56  ? -1.92188  -5.34518  2.44065   1.000 14.42528 ? 56  VAL A CG1 1 
ATOM   424  C  CG2 . VAL A 1 56  ? -1.56595  -7.72693  1.63632   1.000 12.68313 ? 56  VAL A CG2 1 
ATOM   425  N  N   . ILE A 1 57  ? 0.91208   -3.71116  1.75715   1.000 15.42919 ? 57  ILE A N   1 
ATOM   426  C  CA  . ILE A 1 57  ? 1.40223   -2.44083  2.27185   1.000 15.59622 ? 57  ILE A CA  1 
ATOM   427  C  C   . ILE A 1 57  ? 0.37406   -1.34578  1.99738   1.000 17.71310 ? 57  ILE A C   1 
ATOM   428  O  O   . ILE A 1 57  ? -0.54161  -1.50704  1.18947   1.000 15.22487 ? 57  ILE A O   1 
ATOM   429  C  CB  . ILE A 1 57  ? 2.77513   -2.08331  1.66717   1.000 15.08328 ? 57  ILE A CB  1 
ATOM   430  C  CG1 . ILE A 1 57  ? 2.66038   -1.86495  0.14787   1.000 19.13101 ? 57  ILE A CG1 1 
ATOM   431  C  CG2 . ILE A 1 57  ? 3.76560   -3.20786  1.95889   1.000 17.32615 ? 57  ILE A CG2 1 
ATOM   432  C  CD1 . ILE A 1 57  ? 3.97415   -1.39830  -0.50505  1.000 17.28071 ? 57  ILE A CD1 1 
ATOM   433  N  N   . ALA A 1 58  ? 0.53048   -0.21819  2.68876   1.000 18.12977 ? 58  ALA A N   1 
ATOM   434  C  CA  . ALA A 1 58  ? -0.43035  0.87091   2.56293   1.000 18.23255 ? 58  ALA A CA  1 
ATOM   435  C  C   . ALA A 1 58  ? 0.18484   2.17049   3.06539   1.000 18.61867 ? 58  ALA A C   1 
ATOM   436  O  O   . ALA A 1 58  ? 1.16732   2.16802   3.80359   1.000 17.68692 ? 58  ALA A O   1 
ATOM   437  C  CB  . ALA A 1 58  ? -1.71473  0.57623   3.34398   1.000 18.16825 ? 58  ALA A CB  1 
ATOM   438  N  N   . THR A 1 59  ? -0.42473  3.28095   2.65892   1.000 18.88527 ? 59  THR A N   1 
ATOM   439  C  CA  . THR A 1 59  ? -0.13422  4.58210   3.24881   1.000 17.96451 ? 59  THR A CA  1 
ATOM   440  C  C   . THR A 1 59  ? -0.68212  4.64471   4.67261   1.000 16.65839 ? 59  THR A C   1 
ATOM   441  O  O   . THR A 1 59  ? -1.85223  4.33366   4.90535   1.000 15.18099 ? 59  THR A O   1 
ATOM   442  C  CB  . THR A 1 59  ? -0.78113  5.68900   2.41804   1.000 23.56114 ? 59  THR A CB  1 
ATOM   443  O  OG1 . THR A 1 59  ? -2.20121  5.46552   2.38902   1.000 18.47605 ? 59  THR A OG1 1 
ATOM   444  C  CG2 . THR A 1 59  ? -0.23877  5.70680   0.97928   1.000 13.29994 ? 59  THR A CG2 1 
ATOM   445  N  N   . PHE A 1 60  ? 0.14823   5.07436   5.62260   1.000 16.58711 ? 60  PHE A N   1 
ATOM   446  C  CA  . PHE A 1 60  ? -0.26523  5.19261   7.01835   1.000 16.75955 ? 60  PHE A CA  1 
ATOM   447  C  C   . PHE A 1 60  ? 0.11598   6.55011   7.58604   1.000 19.21980 ? 60  PHE A C   1 
ATOM   448  O  O   . PHE A 1 60  ? 1.21026   7.05872   7.32730   1.000 17.95834 ? 60  PHE A O   1 
ATOM   449  C  CB  . PHE A 1 60  ? 0.37018   4.11522   7.90439   1.000 18.94975 ? 60  PHE A CB  1 
ATOM   450  C  CG  . PHE A 1 60  ? -0.31427  2.78747   7.83692   1.000 19.74905 ? 60  PHE A CG  1 
ATOM   451  C  CD1 . PHE A 1 60  ? -1.36378  2.48686   8.69859   1.000 18.12454 ? 60  PHE A CD1 1 
ATOM   452  C  CD2 . PHE A 1 60  ? 0.10780   1.82539   6.93600   1.000 14.84937 ? 60  PHE A CD2 1 
ATOM   453  C  CE1 . PHE A 1 60  ? -1.98322  1.26211   8.65703   1.000 17.41021 ? 60  PHE A CE1 1 
ATOM   454  C  CE2 . PHE A 1 60  ? -0.50916  0.59823   6.88783   1.000 15.12028 ? 60  PHE A CE2 1 
ATOM   455  C  CZ  . PHE A 1 60  ? -1.56052  0.31628   7.75874   1.000 19.11393 ? 60  PHE A CZ  1 
ATOM   456  N  N   . VAL A 1 61  ? -0.77829  7.10551   8.39675   1.000 23.78842 ? 61  VAL A N   1 
ATOM   457  C  CA  . VAL A 1 61  ? -0.57664  8.38786   9.05838   1.000 21.93806 ? 61  VAL A CA  1 
ATOM   458  C  C   . VAL A 1 61  ? -0.96937  8.22530   10.51876  1.000 20.77496 ? 61  VAL A C   1 
ATOM   459  O  O   . VAL A 1 61  ? -2.09213  7.79871   10.81358  1.000 20.79295 ? 61  VAL A O   1 
ATOM   460  C  CB  . VAL A 1 61  ? -1.40710  9.50589   8.40594   1.000 22.14514 ? 61  VAL A CB  1 
ATOM   461  C  CG1 . VAL A 1 61  ? -1.49791  10.70086  9.33162   1.000 22.12118 ? 61  VAL A CG1 1 
ATOM   462  C  CG2 . VAL A 1 61  ? -0.84740  9.87892   7.02810   1.000 21.62984 ? 61  VAL A CG2 1 
ATOM   463  N  N   . ASN A 1 62  ? -0.05439  8.57195   11.42515  1.000 22.12731 ? 62  ASN A N   1 
ATOM   464  C  CA  . ASN A 1 62  ? -0.32501  8.56889   12.86537  1.000 20.28818 ? 62  ASN A CA  1 
ATOM   465  C  C   . ASN A 1 62  ? -0.87470  7.21629   13.30456  1.000 25.41724 ? 62  ASN A C   1 
ATOM   466  O  O   . ASN A 1 62  ? -1.82065  7.13112   14.08819  1.000 24.34451 ? 62  ASN A O   1 
ATOM   467  C  CB  . ASN A 1 62  ? -1.28556  9.69454   13.26205  1.000 22.63028 ? 62  ASN A CB  1 
ATOM   468  C  CG  . ASN A 1 62  ? -0.73418  11.08729  12.94450  1.000 32.78432 ? 62  ASN A CG  1 
ATOM   469  O  OD1 . ASN A 1 62  ? 0.47125   11.33038  13.03604  1.000 26.61956 ? 62  ASN A OD1 1 
ATOM   470  N  ND2 . ASN A 1 62  ? -1.62552  12.00943  12.57749  1.000 27.69375 ? 62  ASN A ND2 1 
ATOM   471  N  N   . GLY A 1 63  ? -0.29500  6.14854   12.75528  1.000 27.34455 ? 63  GLY A N   1 
ATOM   472  C  CA  . GLY A 1 63  ? -0.61351  4.79852   13.15220  1.000 20.79912 ? 63  GLY A CA  1 
ATOM   473  C  C   . GLY A 1 63  ? -1.77487  4.16032   12.41972  1.000 21.80931 ? 63  GLY A C   1 
ATOM   474  O  O   . GLY A 1 63  ? -2.05777  2.97921   12.66901  1.000 22.35518 ? 63  GLY A O   1 
ATOM   475  N  N   . ARG A 1 64  ? -2.47149  4.89693   11.54810  1.000 15.77387 ? 64  ARG A N   1 
ATOM   476  C  CA  . ARG A 1 64  ? -3.71646  4.40742   10.96634  1.000 18.54481 ? 64  ARG A CA  1 
ATOM   477  C  C   . ARG A 1 64  ? -3.80453  4.72262   9.47716   1.000 25.95056 ? 64  ARG A C   1 
ATOM   478  O  O   . ARG A 1 64  ? -3.14935  5.63691   8.97175   1.000 20.25657 ? 64  ARG A O   1 
ATOM   479  C  CB  . ARG A 1 64  ? -4.94300  4.99459   11.66904  1.000 21.38745 ? 64  ARG A CB  1 
ATOM   480  C  CG  . ARG A 1 64  ? -4.78343  5.15350   13.16944  1.000 30.07393 ? 64  ARG A CG  1 
ATOM   481  C  CD  . ARG A 1 64  ? -4.90873  3.81949   13.85819  1.000 30.92229 ? 64  ARG A CD  1 
ATOM   482  N  NE  . ARG A 1 64  ? -6.12129  3.12477   13.45412  1.000 38.08338 ? 64  ARG A NE  1 
ATOM   483  C  CZ  . ARG A 1 64  ? -7.34350  3.47811   13.84165  1.000 43.45713 ? 64  ARG A CZ  1 
ATOM   484  N  NH1 . ARG A 1 64  ? -8.39810  2.79047   13.41862  1.000 42.61305 ? 64  ARG A NH1 1 
ATOM   485  N  NH2 . ARG A 1 64  ? -7.51345  4.51833   14.65869  1.000 43.40452 ? 64  ARG A NH2 1 
ATOM   486  N  N   . TYR A 1 65  ? -4.63897  3.95258   8.78364   1.000 19.43977 ? 65  TYR A N   1 
ATOM   487  C  CA  . TYR A 1 65  ? -4.92837  4.23746   7.38200   1.000 23.44354 ? 65  TYR A CA  1 
ATOM   488  C  C   . TYR A 1 65  ? -5.73169  5.52929   7.29798   1.000 26.97681 ? 65  TYR A C   1 
ATOM   489  O  O   . TYR A 1 65  ? -6.74685  5.66552   7.98966   1.000 29.96101 ? 65  TYR A O   1 
ATOM   490  C  CB  . TYR A 1 65  ? -5.70964  3.07865   6.75471   1.000 18.69734 ? 65  TYR A CB  1 
ATOM   491  C  CG  . TYR A 1 65  ? -5.90531  3.18068   5.26318   1.000 23.86866 ? 65  TYR A CG  1 
ATOM   492  C  CD1 . TYR A 1 65  ? -4.89941  2.79187   4.38813   1.000 21.18903 ? 65  TYR A CD1 1 
ATOM   493  C  CD2 . TYR A 1 65  ? -7.09161  3.65882   4.72661   1.000 25.78874 ? 65  TYR A CD2 1 
ATOM   494  C  CE1 . TYR A 1 65  ? -5.07276  2.87127   3.02416   1.000 25.17287 ? 65  TYR A CE1 1 
ATOM   495  C  CE2 . TYR A 1 65  ? -7.27225  3.74610   3.35038   1.000 22.61415 ? 65  TYR A CE2 1 
ATOM   496  C  CZ  . TYR A 1 65  ? -6.25834  3.34687   2.51085   1.000 22.19410 ? 65  TYR A CZ  1 
ATOM   497  O  OH  . TYR A 1 65  ? -6.40839  3.42614   1.14134   1.000 26.24219 ? 65  TYR A OH  1 
ATOM   498  N  N   . PRO A 1 66  ? -5.31020  6.49950   6.50241   1.000 24.90073 ? 66  PRO A N   1 
ATOM   499  C  CA  . PRO A 1 66  ? -6.05618  7.77219   6.43170   1.000 34.68849 ? 66  PRO A CA  1 
ATOM   500  C  C   . PRO A 1 66  ? -7.21112  7.74603   5.42724   1.000 36.37800 ? 66  PRO A C   1 
ATOM   501  O  O   . PRO A 1 66  ? -7.11253  8.19730   4.28677   1.000 33.30811 ? 66  PRO A O   1 
ATOM   502  C  CB  . PRO A 1 66  ? -4.97025  8.77088   6.02427   1.000 31.86714 ? 66  PRO A CB  1 
ATOM   503  C  CG  . PRO A 1 66  ? -4.02449  7.97164   5.18414   1.000 27.46121 ? 66  PRO A CG  1 
ATOM   504  C  CD  . PRO A 1 66  ? -4.08518  6.53263   5.67957   1.000 28.35357 ? 66  PRO A CD  1 
ATOM   505  N  N   . ASN A 1 67  ? -8.35233  7.20728   5.87252   1.000 38.40464 ? 67  ASN A N   1 
ATOM   506  C  CA  . ASN A 1 67  ? -9.54406  7.16684   5.02413   1.000 39.79878 ? 67  ASN A CA  1 
ATOM   507  C  C   . ASN A 1 67  ? -9.97906  8.56378   4.60467   1.000 39.09966 ? 67  ASN A C   1 
ATOM   508  O  O   . ASN A 1 67  ? -10.56602 8.74328   3.53160   1.000 45.16170 ? 67  ASN A O   1 
ATOM   509  C  CB  . ASN A 1 67  ? -10.69072 6.46886   5.75791   1.000 47.62950 ? 67  ASN A CB  1 
ATOM   510  C  CG  . ASN A 1 67  ? -10.33050 5.06529   6.21662   1.000 53.24467 ? 67  ASN A CG  1 
ATOM   511  O  OD1 . ASN A 1 67  ? -9.91096  4.85980   7.36300   1.000 50.63707 ? 67  ASN A OD1 1 
ATOM   512  N  ND2 . ASN A 1 67  ? -10.50787 4.08798   5.32802   1.000 52.55860 ? 67  ASN A ND2 1 
ATOM   513  N  N   . HIS A 1 68  ? -9.69090  9.55540   5.43502   1.000 37.32539 ? 68  HIS A N   1 
ATOM   514  C  CA  . HIS A 1 68  ? -10.07873 10.94329  5.24647   1.000 41.08508 ? 68  HIS A CA  1 
ATOM   515  C  C   . HIS A 1 68  ? -9.22635  11.67756  4.22069   1.000 45.63731 ? 68  HIS A C   1 
ATOM   516  O  O   . HIS A 1 68  ? -9.48232  12.85401  3.95926   1.000 45.66664 ? 68  HIS A O   1 
ATOM   517  C  CB  . HIS A 1 68  ? -9.98052  11.66335  6.58752   1.000 47.50995 ? 68  HIS A CB  1 
ATOM   518  C  CG  . HIS A 1 68  ? -8.69804  11.38798  7.31754   1.000 52.63885 ? 68  HIS A CG  1 
ATOM   519  N  ND1 . HIS A 1 68  ? -8.48375  10.23127  8.03916   1.000 42.06546 ? 68  HIS A ND1 1 
ATOM   520  C  CD2 . HIS A 1 68  ? -7.55945  12.11565  7.42780   1.000 51.51872 ? 68  HIS A CD2 1 
ATOM   521  C  CE1 . HIS A 1 68  ? -7.27241  10.26169  8.56660   1.000 48.17721 ? 68  HIS A CE1 1 
ATOM   522  N  NE2 . HIS A 1 68  ? -6.69069  11.39429  8.21194   1.000 49.83955 ? 68  HIS A NE2 1 
ATOM   523  N  N   . ASN A 1 69  ? -8.22114  11.03159  3.64239   1.000 40.09333 ? 69  ASN A N   1 
ATOM   524  C  CA  . ASN A 1 69  ? -7.23216  11.70170  2.81167   1.000 38.55228 ? 69  ASN A CA  1 
ATOM   525  C  C   . ASN A 1 69  ? -7.32878  11.13668  1.39988   1.000 37.55657 ? 69  ASN A C   1 
ATOM   526  O  O   . ASN A 1 69  ? -7.35372  9.91529   1.21878   1.000 37.50757 ? 69  ASN A O   1 
ATOM   527  C  CB  . ASN A 1 69  ? -5.83243  11.51015  3.41600   1.000 33.22023 ? 69  ASN A CB  1 
ATOM   528  C  CG  . ASN A 1 69  ? -4.75043  12.30769  2.70860   1.000 37.20237 ? 69  ASN A CG  1 
ATOM   529  O  OD1 . ASN A 1 69  ? -4.84336  12.62160  1.52104   1.000 39.35346 ? 69  ASN A OD1 1 
ATOM   530  N  ND2 . ASN A 1 69  ? -3.69757  12.63019  3.44948   1.000 45.45912 ? 69  ASN A ND2 1 
ATOM   531  N  N   . SER A 1 70  ? -7.39719  12.02622  0.40275   1.000 37.20276 ? 70  SER A N   1 
ATOM   532  C  CA  . SER A 1 70  ? -7.49719  11.58280  -0.98378  1.000 33.94612 ? 70  SER A CA  1 
ATOM   533  C  C   . SER A 1 70  ? -6.24681  10.84841  -1.44415  1.000 32.63741 ? 70  SER A C   1 
ATOM   534  O  O   . SER A 1 70  ? -6.29977  10.12978  -2.44993  1.000 34.61973 ? 70  SER A O   1 
ATOM   535  C  CB  . SER A 1 70  ? -7.77496  12.76940  -1.91115  1.000 36.27486 ? 70  SER A CB  1 
ATOM   536  O  OG  . SER A 1 70  ? -6.70752  13.70598  -1.89357  1.000 38.10399 ? 70  SER A OG  1 
ATOM   537  N  N   . GLY A 1 71  ? -5.13592  10.99939  -0.73231  1.000 29.04678 ? 71  GLY A N   1 
ATOM   538  C  CA  . GLY A 1 71  ? -3.92315  10.28723  -1.06262  1.000 30.52906 ? 71  GLY A CA  1 
ATOM   539  C  C   . GLY A 1 71  ? -3.76689  8.91055   -0.44919  1.000 30.19095 ? 71  GLY A C   1 
ATOM   540  O  O   . GLY A 1 71  ? -2.69545  8.31287   -0.59860  1.000 26.13316 ? 71  GLY A O   1 
ATOM   541  N  N   . ASN A 1 72  ? -4.77899  8.38103   0.23930   1.000 25.95120 ? 72  ASN A N   1 
ATOM   542  C  CA  . ASN A 1 72  ? -4.64182  7.04628   0.80766   1.000 25.51696 ? 72  ASN A CA  1 
ATOM   543  C  C   . ASN A 1 72  ? -4.56022  6.01198   -0.31042  1.000 25.38822 ? 72  ASN A C   1 
ATOM   544  O  O   . ASN A 1 72  ? -5.13882  6.18229   -1.38655  1.000 24.48420 ? 72  ASN A O   1 
ATOM   545  C  CB  . ASN A 1 72  ? -5.79515  6.72640   1.77540   1.000 24.41740 ? 72  ASN A CB  1 
ATOM   546  C  CG  . ASN A 1 72  ? -7.17427  6.77296   1.12161   1.000 33.58470 ? 72  ASN A CG  1 
ATOM   547  O  OD1 . ASN A 1 72  ? -7.50061  5.96652   0.25261   1.000 33.69384 ? 72  ASN A OD1 1 
ATOM   548  N  ND2 . ASN A 1 72  ? -7.99936  7.70689   1.56675   1.000 37.78532 ? 72  ASN A ND2 1 
ATOM   549  N  N   . HIS A 1 73  ? -3.79478  4.94909   -0.06400  1.000 21.84796 ? 73  HIS A N   1 
ATOM   550  C  CA  . HIS A 1 73  ? -3.55260  3.94887   -1.09632  1.000 20.57154 ? 73  HIS A CA  1 
ATOM   551  C  C   . HIS A 1 73  ? -3.08252  2.66537   -0.42970  1.000 16.75903 ? 73  HIS A C   1 
ATOM   552  O  O   . HIS A 1 73  ? -2.48721  2.69387   0.64638   1.000 15.35363 ? 73  HIS A O   1 
ATOM   553  C  CB  . HIS A 1 73  ? -2.52227  4.44279   -2.12633  1.000 17.19181 ? 73  HIS A CB  1 
ATOM   554  C  CG  . HIS A 1 73  ? -2.43735  3.60055   -3.36675  1.000 17.94459 ? 73  HIS A CG  1 
ATOM   555  N  ND1 . HIS A 1 73  ? -3.49950  3.43260   -4.23040  1.000 17.46014 ? 73  HIS A ND1 1 
ATOM   556  C  CD2 . HIS A 1 73  ? -1.41571  2.87699   -3.88444  1.000 15.30029 ? 73  HIS A CD2 1 
ATOM   557  C  CE1 . HIS A 1 73  ? -3.14119  2.62829   -5.21548  1.000 18.96325 ? 73  HIS A CE1 1 
ATOM   558  N  NE2 . HIS A 1 73  ? -1.87948  2.28310   -5.03587  1.000 19.21389 ? 73  HIS A NE2 1 
ATOM   559  N  N   . ALA A 1 74  ? -3.37996  1.54124   -1.07420  1.000 17.44970 ? 74  ALA A N   1 
ATOM   560  C  CA  . ALA A 1 74  ? -2.94181  0.22862   -0.62024  1.000 17.33460 ? 74  ALA A CA  1 
ATOM   561  C  C   . ALA A 1 74  ? -2.44896  -0.55093  -1.82741  1.000 16.85240 ? 74  ALA A C   1 
ATOM   562  O  O   . ALA A 1 74  ? -2.86333  -0.28246  -2.95884  1.000 17.68878 ? 74  ALA A O   1 
ATOM   563  C  CB  . ALA A 1 74  ? -4.06683  -0.53578  0.09867   1.000 18.91676 ? 74  ALA A CB  1 
ATOM   564  N  N   . ALA A 1 75  ? -1.55271  -1.50734  -1.59164  1.000 16.14939 ? 75  ALA A N   1 
ATOM   565  C  CA  . ALA A 1 75  ? -0.93760  -2.21385  -2.70996  1.000 17.65212 ? 75  ALA A CA  1 
ATOM   566  C  C   . ALA A 1 75  ? -0.23064  -3.46260  -2.20224  1.000 15.80560 ? 75  ALA A C   1 
ATOM   567  O  O   . ALA A 1 75  ? -0.09953  -3.67924  -0.99623  1.000 14.69640 ? 75  ALA A O   1 
ATOM   568  C  CB  . ALA A 1 75  ? 0.04574   -1.30321  -3.46436  1.000 14.76867 ? 75  ALA A CB  1 
ATOM   569  N  N   . PHE A 1 76  ? 0.21816   -4.28915  -3.14655  1.000 13.70361 ? 76  PHE A N   1 
ATOM   570  C  CA  . PHE A 1 76  ? 1.11911   -5.39931  -2.85448  1.000 18.58423 ? 76  PHE A CA  1 
ATOM   571  C  C   . PHE A 1 76  ? 2.55109   -4.96915  -3.15022  1.000 18.24792 ? 76  PHE A C   1 
ATOM   572  O  O   . PHE A 1 76  ? 2.83712   -4.46295  -4.23809  1.000 17.58844 ? 76  PHE A O   1 
ATOM   573  C  CB  . PHE A 1 76  ? 0.79636   -6.64431  -3.68644  1.000 15.75210 ? 76  PHE A CB  1 
ATOM   574  C  CG  . PHE A 1 76  ? -0.56373  -7.24276  -3.43178  1.000 18.65795 ? 76  PHE A CG  1 
ATOM   575  C  CD1 . PHE A 1 76  ? -0.79761  -8.03136  -2.30707  1.000 17.95277 ? 76  PHE A CD1 1 
ATOM   576  C  CD2 . PHE A 1 76  ? -1.59377  -7.05153  -4.33325  1.000 16.27307 ? 76  PHE A CD2 1 
ATOM   577  C  CE1 . PHE A 1 76  ? -2.03539  -8.60912  -2.08937  1.000 14.73500 ? 76  PHE A CE1 1 
ATOM   578  C  CE2 . PHE A 1 76  ? -2.84001  -7.62556  -4.12314  1.000 15.23814 ? 76  PHE A CE2 1 
ATOM   579  C  CZ  . PHE A 1 76  ? -3.05922  -8.40248  -2.98659  1.000 18.16258 ? 76  PHE A CZ  1 
ATOM   580  N  N   . PHE A 1 77  ? 3.45083   -5.19666  -2.19737  1.000 20.03877 ? 77  PHE A N   1 
ATOM   581  C  CA  . PHE A 1 77  ? 4.86256   -4.89981  -2.41764  1.000 20.54460 ? 77  PHE A CA  1 
ATOM   582  C  C   . PHE A 1 77  ? 5.47358   -5.87685  -3.41898  1.000 20.49921 ? 77  PHE A C   1 
ATOM   583  O  O   . PHE A 1 77  ? 5.22252   -7.08315  -3.35715  1.000 21.05299 ? 77  PHE A O   1 
ATOM   584  C  CB  . PHE A 1 77  ? 5.61718   -4.97529  -1.09547  1.000 13.27735 ? 77  PHE A CB  1 
ATOM   585  C  CG  . PHE A 1 77  ? 7.09027   -4.79773  -1.22729  1.000 17.83667 ? 77  PHE A CG  1 
ATOM   586  C  CD1 . PHE A 1 77  ? 7.63451   -3.53027  -1.38895  1.000 15.65438 ? 77  PHE A CD1 1 
ATOM   587  C  CD2 . PHE A 1 77  ? 7.94302   -5.89320  -1.16618  1.000 18.38944 ? 77  PHE A CD2 1 
ATOM   588  C  CE1 . PHE A 1 77  ? 9.01957   -3.35765  -1.50144  1.000 19.06803 ? 77  PHE A CE1 1 
ATOM   589  C  CE2 . PHE A 1 77  ? 9.31770   -5.73399  -1.27252  1.000 20.22015 ? 77  PHE A CE2 1 
ATOM   590  C  CZ  . PHE A 1 77  ? 9.86042   -4.46610  -1.43941  1.000 20.15821 ? 77  PHE A CZ  1 
ATOM   591  N  N   . LEU A 1 78  ? 6.29199   -5.35959  -4.33984  1.000 15.51762 ? 78  LEU A N   1 
ATOM   592  C  CA  . LEU A 1 78  ? 7.01254   -6.22636  -5.27547  1.000 18.17361 ? 78  LEU A CA  1 
ATOM   593  C  C   . LEU A 1 78  ? 8.52589   -6.19040  -5.11149  1.000 21.41810 ? 78  LEU A C   1 
ATOM   594  O  O   . LEU A 1 78  ? 9.16859   -7.23120  -5.22999  1.000 23.73057 ? 78  LEU A O   1 
ATOM   595  C  CB  . LEU A 1 78  ? 6.66910   -5.87564  -6.73524  1.000 15.32218 ? 78  LEU A CB  1 
ATOM   596  C  CG  . LEU A 1 78  ? 5.23310   -6.05401  -7.22821  1.000 21.72095 ? 78  LEU A CG  1 
ATOM   597  C  CD1 . LEU A 1 78  ? 5.13060   -5.65238  -8.70540  1.000 19.06891 ? 78  LEU A CD1 1 
ATOM   598  C  CD2 . LEU A 1 78  ? 4.71646   -7.47785  -7.00400  1.000 21.04492 ? 78  LEU A CD2 1 
ATOM   599  N  N   . GLY A 1 79  ? 9.11579   -5.02690  -4.86182  1.000 21.03698 ? 79  GLY A N   1 
ATOM   600  C  CA  . GLY A 1 79  ? 10.56051  -4.91236  -4.74539  1.000 15.06400 ? 79  GLY A CA  1 
ATOM   601  C  C   . GLY A 1 79  ? 10.93610  -3.46330  -4.51813  1.000 18.33294 ? 79  GLY A C   1 
ATOM   602  O  O   . GLY A 1 79  ? 10.07810  -2.57552  -4.48951  1.000 17.27058 ? 79  GLY A O   1 
ATOM   603  N  N   . GLN A 1 80  ? 12.23788  -3.22358  -4.35219  1.000 20.60659 ? 80  GLN A N   1 
ATOM   604  C  CA  . GLN A 1 80  ? 12.69024  -1.85443  -4.12340  1.000 19.29938 ? 80  GLN A CA  1 
ATOM   605  C  C   . GLN A 1 80  ? 14.14950  -1.68925  -4.53250  1.000 19.56905 ? 80  GLN A C   1 
ATOM   606  O  O   . GLN A 1 80  ? 14.90912  -2.65696  -4.64342  1.000 15.84089 ? 80  GLN A O   1 
ATOM   607  C  CB  . GLN A 1 80  ? 12.49637  -1.43172  -2.65764  1.000 20.04590 ? 80  GLN A CB  1 
ATOM   608  C  CG  . GLN A 1 80  ? 13.42346  -2.10963  -1.65240  1.000 17.69162 ? 80  GLN A CG  1 
ATOM   609  C  CD  . GLN A 1 80  ? 13.15387  -1.66110  -0.22271  1.000 26.43586 ? 80  GLN A CD  1 
ATOM   610  O  OE1 . GLN A 1 80  ? 13.31561  -0.48283  0.11269   1.000 22.46964 ? 80  GLN A OE1 1 
ATOM   611  N  NE2 . GLN A 1 80  ? 12.71986  -2.59860  0.62535   1.000 24.08231 ? 80  GLN A NE2 1 
ATOM   612  N  N   . ASP A 1 81  ? 14.52114  -0.43253  -4.75939  1.000 18.59277 ? 81  ASP A N   1 
ATOM   613  C  CA  . ASP A 1 81  ? 15.88755  -0.04602  -5.07567  1.000 25.48866 ? 81  ASP A CA  1 
ATOM   614  C  C   . ASP A 1 81  ? 16.17028  1.28959   -4.38161  1.000 22.46052 ? 81  ASP A C   1 
ATOM   615  O  O   . ASP A 1 81  ? 15.36325  1.77437   -3.58257  1.000 22.12002 ? 81  ASP A O   1 
ATOM   616  C  CB  . ASP A 1 81  ? 16.08694  0.01893   -6.59985  1.000 23.15796 ? 81  ASP A CB  1 
ATOM   617  C  CG  . ASP A 1 81  ? 15.05290  0.87868   -7.28556  1.000 19.61953 ? 81  ASP A CG  1 
ATOM   618  O  OD1 . ASP A 1 81  ? 15.02380  2.10259   -7.03887  1.000 17.97734 ? 81  ASP A OD1 1 
ATOM   619  O  OD2 . ASP A 1 81  ? 14.26155  0.33317   -8.07923  1.000 19.33849 ? 81  ASP A OD2 1 
ATOM   620  N  N   . THR A 1 82  ? 17.30855  1.91283   -4.71715  1.000 20.17181 ? 82  THR A N   1 
ATOM   621  C  CA  . THR A 1 82  ? 17.69578  3.14976   -4.04054  1.000 25.47841 ? 82  THR A CA  1 
ATOM   622  C  C   . THR A 1 82  ? 16.77897  4.31779   -4.39162  1.000 25.40364 ? 82  THR A C   1 
ATOM   623  O  O   . THR A 1 82  ? 16.77766  5.32168   -3.67341  1.000 25.51350 ? 82  THR A O   1 
ATOM   624  C  CB  . THR A 1 82  ? 19.15579  3.51435   -4.35920  1.000 24.56569 ? 82  THR A CB  1 
ATOM   625  O  OG1 . THR A 1 82  ? 19.30190  3.76331   -5.76209  1.000 29.40761 ? 82  THR A OG1 1 
ATOM   626  C  CG2 . THR A 1 82  ? 20.09784  2.39365   -3.96745  1.000 23.28874 ? 82  THR A CG2 1 
ATOM   627  N  N   . GLY A 1 83  ? 15.98068  4.20486   -5.45243  1.000 21.59083 ? 83  GLY A N   1 
ATOM   628  C  CA  . GLY A 1 83  ? 15.11783  5.30000   -5.84733  1.000 20.28579 ? 83  GLY A CA  1 
ATOM   629  C  C   . GLY A 1 83  ? 13.63125  5.15006   -5.56561  1.000 20.51060 ? 83  GLY A C   1 
ATOM   630  O  O   . GLY A 1 83  ? 12.87333  6.10132   -5.76943  1.000 19.58253 ? 83  GLY A O   1 
ATOM   631  N  N   . GLY A 1 84  ? 13.18002  3.98933   -5.11592  1.000 19.19919 ? 84  GLY A N   1 
ATOM   632  C  CA  . GLY A 1 84  ? 11.76909  3.82957   -4.83340  1.000 18.75810 ? 84  GLY A CA  1 
ATOM   633  C  C   . GLY A 1 84  ? 11.38968  2.36683   -4.70872  1.000 18.33591 ? 84  GLY A C   1 
ATOM   634  O  O   . GLY A 1 84  ? 12.24490  1.49347   -4.57731  1.000 16.37032 ? 84  GLY A O   1 
ATOM   635  N  N   . ILE A 1 85  ? 10.07415  2.12431   -4.75319  1.000 18.61048 ? 85  ILE A N   1 
ATOM   636  C  CA  . ILE A 1 85  ? 9.52048   0.77898   -4.62288  1.000 18.85291 ? 85  ILE A CA  1 
ATOM   637  C  C   . ILE A 1 85  ? 8.63719   0.46237   -5.82438  1.000 18.98118 ? 85  ILE A C   1 
ATOM   638  O  O   . ILE A 1 85  ? 7.98892   1.33862   -6.40446  1.000 20.20746 ? 85  ILE A O   1 
ATOM   639  C  CB  . ILE A 1 85  ? 8.71291   0.60160   -3.31640  1.000 19.44397 ? 85  ILE A CB  1 
ATOM   640  C  CG1 . ILE A 1 85  ? 7.55561   1.60277   -3.26485  1.000 21.95359 ? 85  ILE A CG1 1 
ATOM   641  C  CG2 . ILE A 1 85  ? 9.59598   0.76389   -2.09895  1.000 18.60162 ? 85  ILE A CG2 1 
ATOM   642  C  CD1 . ILE A 1 85  ? 6.60331   1.38739   -2.08672  1.000 20.72273 ? 85  ILE A CD1 1 
ATOM   643  N  N   . TRP A 1 86  ? 8.60925   -0.81095  -6.18826  1.000 21.09026 ? 86  TRP A N   1 
ATOM   644  C  CA  . TRP A 1 86  ? 7.66549   -1.33213  -7.16821  1.000 20.97495 ? 86  TRP A CA  1 
ATOM   645  C  C   . TRP A 1 86  ? 6.50946   -2.00070  -6.42744  1.000 17.67472 ? 86  TRP A C   1 
ATOM   646  O  O   . TRP A 1 86  ? 6.74449   -2.83453  -5.55080  1.000 17.51001 ? 86  TRP A O   1 
ATOM   647  C  CB  . TRP A 1 86  ? 8.35681   -2.33357  -8.08981  1.000 21.31302 ? 86  TRP A CB  1 
ATOM   648  C  CG  . TRP A 1 86  ? 9.16686   -1.70448  -9.17664  1.000 18.98840 ? 86  TRP A CG  1 
ATOM   649  C  CD1 . TRP A 1 86  ? 10.51885  -1.49271  -9.18089  1.000 22.65173 ? 86  TRP A CD1 1 
ATOM   650  C  CD2 . TRP A 1 86  ? 8.67859   -1.21416  -10.42519 1.000 18.08212 ? 86  TRP A CD2 1 
ATOM   651  N  NE1 . TRP A 1 86  ? 10.89904  -0.90445  -10.36194 1.000 23.17319 ? 86  TRP A NE1 1 
ATOM   652  C  CE2 . TRP A 1 86  ? 9.78829   -0.71793  -11.14304 1.000 19.97064 ? 86  TRP A CE2 1 
ATOM   653  C  CE3 . TRP A 1 86  ? 7.41051   -1.15352  -11.01434 1.000 21.99587 ? 86  TRP A CE3 1 
ATOM   654  C  CZ2 . TRP A 1 86  ? 9.66690   -0.15858  -12.41370 1.000 18.94803 ? 86  TRP A CZ2 1 
ATOM   655  C  CZ3 . TRP A 1 86  ? 7.29291   -0.59579  -12.28448 1.000 23.94743 ? 86  TRP A CZ3 1 
ATOM   656  C  CH2 . TRP A 1 86  ? 8.41539   -0.10864  -12.96613 1.000 19.39873 ? 86  TRP A CH2 1 
ATOM   657  N  N   . VAL A 1 87  ? 5.26965   -1.61305  -6.75453  1.000 17.62255 ? 87  VAL A N   1 
ATOM   658  C  CA  . VAL A 1 87  ? 4.07938   -2.20536  -6.15247  1.000 17.34960 ? 87  VAL A CA  1 
ATOM   659  C  C   . VAL A 1 87  ? 3.16401   -2.74792  -7.24678  1.000 22.09884 ? 87  VAL A C   1 
ATOM   660  O  O   . VAL A 1 87  ? 3.28532   -2.40453  -8.42283  1.000 17.24124 ? 87  VAL A O   1 
ATOM   661  C  CB  . VAL A 1 87  ? 3.29891   -1.20707  -5.26438  1.000 20.44334 ? 87  VAL A CB  1 
ATOM   662  C  CG1 . VAL A 1 87  ? 4.22495   -0.53031  -4.24526  1.000 14.38499 ? 87  VAL A CG1 1 
ATOM   663  C  CG2 . VAL A 1 87  ? 2.57101   -0.17304  -6.12533  1.000 17.40735 ? 87  VAL A CG2 1 
HETATM 664  N  N   . MSE A 1 88  ? 2.23548   -3.60615  -6.83510  1.000 17.32263 ? 88  MSE A N   1 
HETATM 665  C  CA  . MSE A 1 88  ? 1.12471   -4.07339  -7.66659  1.000 14.38694 ? 88  MSE A CA  1 
HETATM 666  C  C   . MSE A 1 88  ? -0.19531  -3.51382  -7.11919  1.000 17.93515 ? 88  MSE A C   1 
HETATM 667  O  O   . MSE A 1 88  ? -0.52394  -3.72877  -5.93366  1.000 20.79542 ? 88  MSE A O   1 
HETATM 668  C  CB  . MSE A 1 88  ? 1.11537   -5.60922  -7.69073  1.000 16.28927 ? 88  MSE A CB  1 
HETATM 669  C  CG  . MSE A 1 88  ? 0.08421   -6.26205  -8.61071  1.000 14.96583 ? 88  MSE A CG  1 
HETATM 670  SE SE  . MSE A 1 88  ? 0.61949   -6.09317  -10.47907 1.000 19.49441 ? 88  MSE A SE  1 
HETATM 671  C  CE  . MSE A 1 88  ? 2.17816   -7.40430  -10.55639 1.000 8.56008  ? 88  MSE A CE  1 
ATOM   672  N  N   . ASP A 1 89  ? -0.94517  -2.77056  -7.93556  1.000 14.96014 ? 89  ASP A N   1 
ATOM   673  C  CA  . ASP A 1 89  ? -2.12955  -2.10230  -7.40836  1.000 13.94404 ? 89  ASP A CA  1 
ATOM   674  C  C   . ASP A 1 89  ? -3.19045  -1.91761  -8.48812  1.000 19.61748 ? 89  ASP A C   1 
ATOM   675  O  O   . ASP A 1 89  ? -3.07193  -2.40770  -9.61537  1.000 20.83330 ? 89  ASP A O   1 
ATOM   676  C  CB  . ASP A 1 89  ? -1.76035  -0.76269  -6.74012  1.000 15.34457 ? 89  ASP A CB  1 
ATOM   677  C  CG  . ASP A 1 89  ? -1.06276  0.23006   -7.68070  1.000 22.31631 ? 89  ASP A CG  1 
ATOM   678  O  OD1 . ASP A 1 89  ? -0.92769  -0.03419  -8.89169  1.000 19.09240 ? 89  ASP A OD1 1 
ATOM   679  O  OD2 . ASP A 1 89  ? -0.65015  1.30399   -7.17928  1.000 22.62097 ? 89  ASP A OD2 1 
ATOM   680  N  N   . GLN A 1 90  ? -4.26030  -1.22908  -8.10440  1.000 17.50763 ? 90  GLN A N   1 
ATOM   681  C  CA  . GLN A 1 90  ? -5.31182  -0.81156  -9.01486  1.000 16.68624 ? 90  GLN A CA  1 
ATOM   682  C  C   . GLN A 1 90  ? -5.95346  0.43289   -8.41993  1.000 18.64632 ? 90  GLN A C   1 
ATOM   683  O  O   . GLN A 1 90  ? -5.74647  0.75649   -7.24969  1.000 17.38842 ? 90  GLN A O   1 
ATOM   684  C  CB  . GLN A 1 90  ? -6.36647  -1.91464  -9.21801  1.000 19.70469 ? 90  GLN A CB  1 
ATOM   685  C  CG  . GLN A 1 90  ? -7.44419  -1.91496  -8.12768  1.000 17.96462 ? 90  GLN A CG  1 
ATOM   686  C  CD  . GLN A 1 90  ? -8.50354  -2.99243  -8.30769  1.000 21.81603 ? 90  GLN A CD  1 
ATOM   687  O  OE1 . GLN A 1 90  ? -8.42079  -3.82670  -9.21059  1.000 21.22912 ? 90  GLN A OE1 1 
ATOM   688  N  NE2 . GLN A 1 90  ? -9.51081  -2.97760  -7.43665  1.000 19.79683 ? 90  GLN A NE2 1 
ATOM   689  N  N   . TRP A 1 91  ? -6.73765  1.13128   -9.23547  1.000 16.86271 ? 91  TRP A N   1 
ATOM   690  C  CA  . TRP A 1 91  ? -7.67468  2.13419   -8.73714  1.000 19.08462 ? 91  TRP A CA  1 
ATOM   691  C  C   . TRP A 1 91  ? -8.73611  2.36243   -9.81246  1.000 24.68481 ? 91  TRP A C   1 
ATOM   692  O  O   . TRP A 1 91  ? -8.73510  1.71042   -10.86322 1.000 25.33365 ? 91  TRP A O   1 
ATOM   693  C  CB  . TRP A 1 91  ? -6.97090  3.42837   -8.29073  1.000 17.05375 ? 91  TRP A CB  1 
ATOM   694  C  CG  . TRP A 1 91  ? -6.14632  4.17637   -9.32203  1.000 18.40867 ? 91  TRP A CG  1 
ATOM   695  C  CD1 . TRP A 1 91  ? -6.57731  5.18061   -10.14281 1.000 21.64280 ? 91  TRP A CD1 1 
ATOM   696  C  CD2 . TRP A 1 91  ? -4.74743  4.00286   -9.60160  1.000 17.03542 ? 91  TRP A CD2 1 
ATOM   697  N  NE1 . TRP A 1 91  ? -5.53788  5.63096   -10.92996 1.000 21.19641 ? 91  TRP A NE1 1 
ATOM   698  C  CE2 . TRP A 1 91  ? -4.40474  4.92449   -10.61675 1.000 18.41185 ? 91  TRP A CE2 1 
ATOM   699  C  CE3 . TRP A 1 91  ? -3.75170  3.15719   -9.09491  1.000 19.04251 ? 91  TRP A CE3 1 
ATOM   700  C  CZ2 . TRP A 1 91  ? -3.10630  5.02364   -11.13806 1.000 21.24213 ? 91  TRP A CZ2 1 
ATOM   701  C  CZ3 . TRP A 1 91  ? -2.45888  3.25769   -9.62048  1.000 18.20937 ? 91  TRP A CZ3 1 
ATOM   702  C  CH2 . TRP A 1 91  ? -2.15289  4.18573   -10.62836 1.000 16.75614 ? 91  TRP A CH2 1 
ATOM   703  N  N   . LYS A 1 92  ? -9.66574  3.28129   -9.52825  1.000 23.14445 ? 92  LYS A N   1 
ATOM   704  C  CA  . LYS A 1 92  ? -10.91182 3.34118   -10.28857 1.000 25.84736 ? 92  LYS A CA  1 
ATOM   705  C  C   . LYS A 1 92  ? -10.73739 3.88950   -11.70387 1.000 28.19429 ? 92  LYS A C   1 
ATOM   706  O  O   . LYS A 1 92  ? -11.62658 3.68886   -12.53550 1.000 30.26611 ? 92  LYS A O   1 
ATOM   707  C  CB  . LYS A 1 92  ? -11.94684 4.17756   -9.52940  1.000 22.97773 ? 92  LYS A CB  1 
ATOM   708  N  N   . ASP A 1 93  ? -9.62812  4.56796   -11.99966 1.000 21.74044 ? 93  ASP A N   1 
ATOM   709  C  CA  . ASP A 1 93  ? -9.45493  5.23474   -13.28737 1.000 25.63610 ? 93  ASP A CA  1 
ATOM   710  C  C   . ASP A 1 93  ? -9.22594  4.19115   -14.37348 1.000 27.52987 ? 93  ASP A C   1 
ATOM   711  O  O   . ASP A 1 93  ? -8.13707  3.61743   -14.46664 1.000 29.54854 ? 93  ASP A O   1 
ATOM   712  C  CB  . ASP A 1 93  ? -8.28534  6.21264   -13.20948 1.000 27.36117 ? 93  ASP A CB  1 
ATOM   713  C  CG  . ASP A 1 93  ? -8.13135  7.05915   -14.46005 1.000 29.48399 ? 93  ASP A CG  1 
ATOM   714  O  OD1 . ASP A 1 93  ? -8.79404  6.77162   -15.48168 1.000 29.97984 ? 93  ASP A OD1 1 
ATOM   715  O  OD2 . ASP A 1 93  ? -7.33957  8.02790   -14.41444 1.000 33.56476 ? 93  ASP A OD2 1 
ATOM   716  N  N   . ASP A 1 94  ? -10.24500 3.95340   -15.20639 1.000 31.49368 ? 94  ASP A N   1 
ATOM   717  C  CA  . ASP A 1 94  ? -10.15435 2.93502   -16.24871 1.000 33.04727 ? 94  ASP A CA  1 
ATOM   718  C  C   . ASP A 1 94  ? -9.27998  3.35624   -17.41428 1.000 29.71636 ? 94  ASP A C   1 
ATOM   719  O  O   . ASP A 1 94  ? -9.00535  2.52276   -18.28037 1.000 40.43662 ? 94  ASP A O   1 
ATOM   720  C  CB  . ASP A 1 94  ? -11.54356 2.57317   -16.78239 1.000 34.68449 ? 94  ASP A CB  1 
ATOM   721  C  CG  . ASP A 1 94  ? -12.32424 1.68640   -15.83067 1.000 44.50126 ? 94  ASP A CG  1 
ATOM   722  O  OD1 . ASP A 1 94  ? -11.69500 1.03865   -14.96270 1.000 38.76231 ? 94  ASP A OD1 1 
ATOM   723  O  OD2 . ASP A 1 94  ? -13.57027 1.63289   -15.95592 1.000 44.50459 ? 94  ASP A OD2 1 
ATOM   724  N  N   . ILE A 1 95  ? -8.83957  4.60792   -17.46130 1.000 35.06678 ? 95  ILE A N   1 
ATOM   725  C  CA  . ILE A 1 95  ? -7.97857  5.09826   -18.53396 1.000 36.44251 ? 95  ILE A CA  1 
ATOM   726  C  C   . ILE A 1 95  ? -6.50866  5.03757   -18.13865 1.000 33.01778 ? 95  ILE A C   1 
ATOM   727  O  O   . ILE A 1 95  ? -5.67239  4.54725   -18.89563 1.000 35.51531 ? 95  ILE A O   1 
ATOM   728  C  CB  . ILE A 1 95  ? -8.38951  6.53108   -18.94590 1.000 32.36041 ? 95  ILE A CB  1 
ATOM   729  C  CG1 . ILE A 1 95  ? -9.88002  6.59718   -19.28465 1.000 37.93581 ? 95  ILE A CG1 1 
ATOM   730  C  CG2 . ILE A 1 95  ? -7.57650  6.98389   -20.13526 1.000 32.45533 ? 95  ILE A CG2 1 
ATOM   731  C  CD1 . ILE A 1 95  ? -10.28154 5.76108   -20.48160 1.000 39.63676 ? 95  ILE A CD1 1 
ATOM   732  N  N   . ALA A 1 96  ? -6.16926  5.53693   -16.95172 1.000 31.64359 ? 96  ALA A N   1 
ATOM   733  C  CA  . ALA A 1 96  ? -4.79280  5.44300   -16.48391 1.000 31.57242 ? 96  ALA A CA  1 
ATOM   734  C  C   . ALA A 1 96  ? -4.46422  4.06585   -15.92806 1.000 29.96599 ? 96  ALA A C   1 
ATOM   735  O  O   . ALA A 1 96  ? -3.28792  3.68585   -15.88553 1.000 27.47200 ? 96  ALA A O   1 
ATOM   736  C  CB  . ALA A 1 96  ? -4.52393  6.50778   -15.41653 1.000 27.50368 ? 96  ALA A CB  1 
ATOM   737  N  N   . LYS A 1 97  ? -5.47445  3.30732   -15.51742 1.000 29.26621 ? 97  LYS A N   1 
ATOM   738  C  CA  . LYS A 1 97  ? -5.27895  2.02678   -14.83881 1.000 25.44017 ? 97  LYS A CA  1 
ATOM   739  C  C   . LYS A 1 97  ? -6.29986  1.03546   -15.37896 1.000 23.85341 ? 97  LYS A C   1 
ATOM   740  O  O   . LYS A 1 97  ? -7.21170  0.60931   -14.66222 1.000 25.21384 ? 97  LYS A O   1 
ATOM   741  C  CB  . LYS A 1 97  ? -5.41219  2.20622   -13.32061 1.000 20.82362 ? 97  LYS A CB  1 
ATOM   742  C  CG  . LYS A 1 97  ? -4.76154  1.11915   -12.46336 1.000 20.08326 ? 97  LYS A CG  1 
ATOM   743  C  CD  . LYS A 1 97  ? -3.23310  1.15746   -12.52166 1.000 19.52807 ? 97  LYS A CD  1 
ATOM   744  C  CE  . LYS A 1 97  ? -2.63429  0.17853   -11.53123 1.000 20.46729 ? 97  LYS A CE  1 
ATOM   745  N  NZ  . LYS A 1 97  ? -1.15015  0.07697   -11.60810 1.000 15.36797 ? 97  LYS A NZ  1 
ATOM   746  N  N   . PRO A 1 98  ? -6.19154  0.66111   -16.66323 1.000 26.02446 ? 98  PRO A N   1 
ATOM   747  C  CA  . PRO A 1 98  ? -7.16335  -0.29623  -17.22223 1.000 26.97487 ? 98  PRO A CA  1 
ATOM   748  C  C   . PRO A 1 98  ? -7.07994  -1.67877  -16.59551 1.000 24.25062 ? 98  PRO A C   1 
ATOM   749  O  O   . PRO A 1 98  ? -8.10646  -2.36545  -16.49377 1.000 26.67374 ? 98  PRO A O   1 
ATOM   750  C  CB  . PRO A 1 98  ? -6.80681  -0.32903  -18.71744 1.000 21.61189 ? 98  PRO A CB  1 
ATOM   751  C  CG  . PRO A 1 98  ? -5.37461  0.08010   -18.77115 1.000 24.16247 ? 98  PRO A CG  1 
ATOM   752  C  CD  . PRO A 1 98  ? -5.21682  1.10193   -17.67789 1.000 25.22926 ? 98  PRO A CD  1 
ATOM   753  N  N   . ARG A 1 99  ? -5.89120  -2.11100  -16.17837 1.000 20.83835 ? 99  ARG A N   1 
ATOM   754  C  CA  . ARG A 1 99  ? -5.70184  -3.41927  -15.57304 1.000 20.38418 ? 99  ARG A CA  1 
ATOM   755  C  C   . ARG A 1 99  ? -4.99772  -3.27282  -14.22844 1.000 23.33494 ? 99  ARG A C   1 
ATOM   756  O  O   . ARG A 1 99  ? -4.47533  -2.20718  -13.88388 1.000 22.96647 ? 99  ARG A O   1 
ATOM   757  C  CB  . ARG A 1 99  ? -4.88483  -4.34633  -16.47756 1.000 18.98595 ? 99  ARG A CB  1 
ATOM   758  C  CG  . ARG A 1 99  ? -5.19885  -4.23275  -17.96816 1.000 23.24899 ? 99  ARG A CG  1 
ATOM   759  C  CD  . ARG A 1 99  ? -6.57985  -4.78329  -18.34867 1.000 22.41300 ? 99  ARG A CD  1 
ATOM   760  N  NE  . ARG A 1 99  ? -6.97463  -4.23863  -19.64089 1.000 25.35864 ? 99  ARG A NE  1 
ATOM   761  C  CZ  . ARG A 1 99  ? -8.22152  -3.98343  -20.01897 1.000 26.01875 ? 99  ARG A CZ  1 
ATOM   762  N  NH1 . ARG A 1 99  ? -9.23371  -4.24349  -19.21688 1.000 26.13325 ? 99  ARG A NH1 1 
ATOM   763  N  NH2 . ARG A 1 99  ? -8.45066  -3.45596  -21.21314 1.000 31.21028 ? 99  ARG A NH2 1 
ATOM   764  N  N   . VAL A 1 100 ? -4.99914  -4.36921  -13.46272 1.000 17.12705 ? 100 VAL A N   1 
ATOM   765  C  CA  . VAL A 1 100 ? -4.06721  -4.50302  -12.34892 1.000 23.45354 ? 100 VAL A CA  1 
ATOM   766  C  C   . VAL A 1 100 ? -2.66133  -4.54078  -12.92409 1.000 21.30707 ? 100 VAL A C   1 
ATOM   767  O  O   . VAL A 1 100 ? -2.39445  -5.28027  -13.87980 1.000 15.93392 ? 100 VAL A O   1 
ATOM   768  C  CB  . VAL A 1 100 ? -4.40270  -5.76301  -11.52962 1.000 18.28359 ? 100 VAL A CB  1 
ATOM   769  C  CG1 . VAL A 1 100 ? -3.48528  -5.90238  -10.32546 1.000 17.54982 ? 100 VAL A CG1 1 
ATOM   770  C  CG2 . VAL A 1 100 ? -5.84964  -5.70159  -11.07538 1.000 17.20829 ? 100 VAL A CG2 1 
ATOM   771  N  N   . SER A 1 101 ? -1.76361  -3.70739  -12.38886 1.000 18.88491 ? 101 SER A N   1 
ATOM   772  C  CA  . SER A 1 101 ? -0.44520  -3.59604  -13.00654 1.000 20.24365 ? 101 SER A CA  1 
ATOM   773  C  C   . SER A 1 101 ? 0.56565   -3.00585  -12.03673 1.000 19.58852 ? 101 SER A C   1 
ATOM   774  O  O   . SER A 1 101 ? 0.20374   -2.39561  -11.02944 1.000 18.25263 ? 101 SER A O   1 
ATOM   775  C  CB  . SER A 1 101 ? -0.48705  -2.73775  -14.27606 1.000 19.18843 ? 101 SER A CB  1 
ATOM   776  O  OG  . SER A 1 101 ? -1.01475  -1.45746  -14.00893 1.000 20.14543 ? 101 SER A OG  1 
ATOM   777  N  N   . LYS A 1 102 ? 1.84473   -3.16615  -12.39098 1.000 21.52195 ? 102 LYS A N   1 
ATOM   778  C  CA  . LYS A 1 102 ? 2.95409   -2.66730  -11.58466 1.000 21.94117 ? 102 LYS A CA  1 
ATOM   779  C  C   . LYS A 1 102 ? 3.21393   -1.19477  -11.84703 1.000 22.07464 ? 102 LYS A C   1 
ATOM   780  O  O   . LYS A 1 102 ? 3.06689   -0.71051  -12.97484 1.000 18.08502 ? 102 LYS A O   1 
ATOM   781  C  CB  . LYS A 1 102 ? 4.25496   -3.40345  -11.89072 1.000 23.17470 ? 102 LYS A CB  1 
ATOM   782  C  CG  . LYS A 1 102 ? 4.15929   -4.85534  -12.20996 1.000 24.21561 ? 102 LYS A CG  1 
ATOM   783  C  CD  . LYS A 1 102 ? 5.54919   -5.33971  -12.54492 1.000 22.75541 ? 102 LYS A CD  1 
ATOM   784  C  CE  . LYS A 1 102 ? 5.59428   -6.83193  -12.68416 1.000 21.61186 ? 102 LYS A CE  1 
ATOM   785  N  NZ  . LYS A 1 102 ? 6.99560   -7.26813  -12.94456 1.000 26.65234 ? 102 LYS A NZ  1 
ATOM   786  N  N   . ARG A 1 103 ? 3.66286   -0.49276  -10.80241 1.000 22.78742 ? 103 ARG A N   1 
ATOM   787  C  CA  . ARG A 1 103 ? 4.13928   0.86902   -10.97944 1.000 19.57641 ? 103 ARG A CA  1 
ATOM   788  C  C   . ARG A 1 103 ? 5.22929   1.16761   -9.95520  1.000 23.67493 ? 103 ARG A C   1 
ATOM   789  O  O   . ARG A 1 103 ? 5.33844   0.51407   -8.91340  1.000 21.06267 ? 103 ARG A O   1 
ATOM   790  C  CB  . ARG A 1 103 ? 2.99935   1.89384   -10.88158 1.000 22.65098 ? 103 ARG A CB  1 
ATOM   791  C  CG  . ARG A 1 103 ? 2.42278   2.08464   -9.47534  1.000 18.85408 ? 103 ARG A CG  1 
ATOM   792  C  CD  . ARG A 1 103 ? 1.39799   3.21506   -9.46939  1.000 21.31225 ? 103 ARG A CD  1 
ATOM   793  N  NE  . ARG A 1 103 ? 0.79308   3.40262   -8.15214  1.000 20.74376 ? 103 ARG A NE  1 
ATOM   794  C  CZ  . ARG A 1 103 ? 0.93203   4.49148   -7.40274  1.000 20.23264 ? 103 ARG A CZ  1 
ATOM   795  N  NH1 . ARG A 1 103 ? 1.66229   5.51160   -7.83567  1.000 19.57209 ? 103 ARG A NH1 1 
ATOM   796  N  NH2 . ARG A 1 103 ? 0.32909   4.56038   -6.21802  1.000 17.05623 ? 103 ARG A NH2 1 
ATOM   797  N  N   . TYR A 1 104 ? 6.04023   2.17225   -10.28332 1.000 20.29154 ? 104 TYR A N   1 
ATOM   798  C  CA  . TYR A 1 104 ? 7.19976   2.57582   -9.50282  1.000 17.09355 ? 104 TYR A CA  1 
ATOM   799  C  C   . TYR A 1 104 ? 6.81126   3.77889   -8.66249  1.000 23.07804 ? 104 TYR A C   1 
ATOM   800  O  O   . TYR A 1 104 ? 6.37271   4.79934   -9.20709  1.000 15.82906 ? 104 TYR A O   1 
ATOM   801  C  CB  . TYR A 1 104 ? 8.35601   2.94123   -10.42771 1.000 21.39123 ? 104 TYR A CB  1 
ATOM   802  C  CG  . TYR A 1 104 ? 9.71997   3.16229   -9.79568  1.000 15.13229 ? 104 TYR A CG  1 
ATOM   803  C  CD1 . TYR A 1 104 ? 10.33995  2.15958   -9.07666  1.000 17.49022 ? 104 TYR A CD1 1 
ATOM   804  C  CD2 . TYR A 1 104 ? 10.41907  4.34656   -10.00842 1.000 16.94273 ? 104 TYR A CD2 1 
ATOM   805  C  CE1 . TYR A 1 104 ? 11.59315  2.33703   -8.53652  1.000 21.26447 ? 104 TYR A CE1 1 
ATOM   806  C  CE2 . TYR A 1 104 ? 11.68796  4.53539   -9.47999  1.000 16.67264 ? 104 TYR A CE2 1 
ATOM   807  C  CZ  . TYR A 1 104 ? 12.26488  3.52421   -8.75118  1.000 19.74780 ? 104 TYR A CZ  1 
ATOM   808  O  OH  . TYR A 1 104 ? 13.50910  3.67773   -8.22349  1.000 21.17871 ? 104 TYR A OH  1 
ATOM   809  N  N   . ILE A 1 105 ? 6.96337   3.65000   -7.34545  1.000 18.35446 ? 105 ILE A N   1 
ATOM   810  C  CA  . ILE A 1 105 ? 6.69817   4.72129   -6.39667  1.000 21.75728 ? 105 ILE A CA  1 
ATOM   811  C  C   . ILE A 1 105 ? 8.04623   5.19187   -5.86997  1.000 20.16837 ? 105 ILE A C   1 
ATOM   812  O  O   . ILE A 1 105 ? 8.77505   4.41821   -5.23720  1.000 20.06428 ? 105 ILE A O   1 
ATOM   813  C  CB  . ILE A 1 105 ? 5.77584   4.24956   -5.26282  1.000 21.38221 ? 105 ILE A CB  1 
ATOM   814  C  CG1 . ILE A 1 105 ? 4.49805   3.63297   -5.84790  1.000 19.08573 ? 105 ILE A CG1 1 
ATOM   815  C  CG2 . ILE A 1 105 ? 5.46315   5.39256   -4.30016  1.000 16.93715 ? 105 ILE A CG2 1 
ATOM   816  C  CD1 . ILE A 1 105 ? 3.41062   3.33916   -4.80312  1.000 17.64644 ? 105 ILE A CD1 1 
ATOM   817  N  N   . ARG A 1 106 ? 8.39165   6.44450   -6.15727  1.000 20.50183 ? 106 ARG A N   1 
ATOM   818  C  CA  . ARG A 1 106 ? 9.70759   6.97226   -5.83602  1.000 20.33366 ? 106 ARG A CA  1 
ATOM   819  C  C   . ARG A 1 106 ? 9.80201   7.49382   -4.40583  1.000 17.36569 ? 106 ARG A C   1 
ATOM   820  O  O   . ARG A 1 106 ? 8.82888   7.97732   -3.82287  1.000 12.81972 ? 106 ARG A O   1 
ATOM   821  C  CB  . ARG A 1 106 ? 10.07476  8.10305   -6.78765  1.000 21.15506 ? 106 ARG A CB  1 
ATOM   822  C  CG  . ARG A 1 106 ? 9.77175   7.79877   -8.23085  1.000 24.65258 ? 106 ARG A CG  1 
ATOM   823  C  CD  . ARG A 1 106 ? 10.80473  8.41440   -9.11227  1.000 23.79752 ? 106 ARG A CD  1 
ATOM   824  N  NE  . ARG A 1 106 ? 11.15258  9.78655   -8.71811  1.000 33.39389 ? 106 ARG A NE  1 
ATOM   825  C  CZ  . ARG A 1 106 ? 10.30573  10.81296  -8.72195  1.000 29.77141 ? 106 ARG A CZ  1 
ATOM   826  N  NH1 . ARG A 1 106 ? 10.72737  12.01712  -8.34888  1.000 38.44029 ? 106 ARG A NH1 1 
ATOM   827  N  NH2 . ARG A 1 106 ? 9.04178   10.63868  -9.10591  1.000 33.98502 ? 106 ARG A NH2 1 
ATOM   828  N  N   . LYS A 1 107 ? 11.00474  7.39118   -3.85463  1.000 17.23937 ? 107 LYS A N   1 
ATOM   829  C  CA  . LYS A 1 107 ? 11.39111  8.22232   -2.72849  1.000 19.44295 ? 107 LYS A CA  1 
ATOM   830  C  C   . LYS A 1 107 ? 11.62503  9.63526   -3.24778  1.000 20.45342 ? 107 LYS A C   1 
ATOM   831  O  O   . LYS A 1 107 ? 12.46469  9.85361   -4.12866  1.000 21.11439 ? 107 LYS A O   1 
ATOM   832  C  CB  . LYS A 1 107 ? 12.64122  7.66525   -2.05535  1.000 20.88946 ? 107 LYS A CB  1 
ATOM   833  C  CG  . LYS A 1 107 ? 12.97623  8.33875   -0.71728  1.000 22.27496 ? 107 LYS A CG  1 
ATOM   834  C  CD  . LYS A 1 107 ? 14.25548  9.14253   -0.82179  1.000 22.45284 ? 107 LYS A CD  1 
ATOM   835  C  CE  . LYS A 1 107 ? 14.59899  9.81917   0.51115   1.000 26.50892 ? 107 LYS A CE  1 
ATOM   836  N  NZ  . LYS A 1 107 ? 13.64529  10.93875  0.82819   1.000 25.70541 ? 107 LYS A NZ  1 
ATOM   837  N  N   . LEU A 1 108 ? 10.83180  10.57577  -2.76031  1.000 18.81340 ? 108 LEU A N   1 
ATOM   838  C  CA  . LEU A 1 108 ? 10.87183  11.94883  -3.23108  1.000 17.28107 ? 108 LEU A CA  1 
ATOM   839  C  C   . LEU A 1 108 ? 11.95018  12.73338  -2.48669  1.000 19.52790 ? 108 LEU A C   1 
ATOM   840  O  O   . LEU A 1 108 ? 12.33022  12.39709  -1.36419  1.000 21.60360 ? 108 LEU A O   1 
ATOM   841  C  CB  . LEU A 1 108 ? 9.50136   12.60108  -3.03068  1.000 18.68057 ? 108 LEU A CB  1 
ATOM   842  C  CG  . LEU A 1 108 ? 8.34753   11.77507  -3.59649  1.000 24.55478 ? 108 LEU A CG  1 
ATOM   843  C  CD1 . LEU A 1 108 ? 7.01463   12.46553  -3.35953  1.000 25.70704 ? 108 LEU A CD1 1 
ATOM   844  C  CD2 . LEU A 1 108 ? 8.58408   11.53491  -5.08199  1.000 24.96816 ? 108 LEU A CD2 1 
ATOM   845  N  N   . HIS A 1 109 ? 12.44687  13.78803  -3.13033  1.000 22.49845 ? 109 HIS A N   1 
ATOM   846  C  CA  . HIS A 1 109 ? 13.34037  14.71427  -2.44702  1.000 16.77030 ? 109 HIS A CA  1 
ATOM   847  C  C   . HIS A 1 109 ? 12.61925  15.33937  -1.25652  1.000 15.01085 ? 109 HIS A C   1 
ATOM   848  O  O   . HIS A 1 109 ? 11.51843  15.88162  -1.39668  1.000 14.67023 ? 109 HIS A O   1 
ATOM   849  C  CB  . HIS A 1 109 ? 13.81224  15.79755  -3.41481  1.000 22.19392 ? 109 HIS A CB  1 
ATOM   850  C  CG  . HIS A 1 109 ? 14.78107  15.30871  -4.44703  1.000 20.61142 ? 109 HIS A CG  1 
ATOM   851  N  ND1 . HIS A 1 109 ? 16.03277  14.82437  -4.12565  1.000 19.35718 ? 109 HIS A ND1 1 
ATOM   852  C  CD2 . HIS A 1 109 ? 14.68268  15.23126  -5.79424  1.000 18.07689 ? 109 HIS A CD2 1 
ATOM   853  C  CE1 . HIS A 1 109 ? 16.66572  14.47604  -5.23025  1.000 19.18967 ? 109 HIS A CE1 1 
ATOM   854  N  NE2 . HIS A 1 109 ? 15.86767  14.71039  -6.25640  1.000 23.17300 ? 109 HIS A NE2 1 
ATOM   855  N  N   . ASN A 1 110 ? 13.23476  15.24614  -0.07637  1.000 20.38547 ? 110 ASN A N   1 
ATOM   856  C  CA  . ASN A 1 110 ? 12.65349  15.79212  1.15740   1.000 24.62683 ? 110 ASN A CA  1 
ATOM   857  C  C   . ASN A 1 110 ? 11.20312  15.33490  1.33484   1.000 23.98328 ? 110 ASN A C   1 
ATOM   858  O  O   . ASN A 1 110 ? 10.31517  16.12261  1.67242   1.000 29.99975 ? 110 ASN A O   1 
ATOM   859  C  CB  . ASN A 1 110 ? 12.76096  17.32308  1.17856   1.000 24.36400 ? 110 ASN A CB  1 
ATOM   860  C  CG  . ASN A 1 110 ? 12.54904  17.92027  2.57171   1.000 26.50135 ? 110 ASN A CG  1 
ATOM   861  O  OD1 . ASN A 1 110 ? 12.34537  17.20497  3.55611   1.000 28.03564 ? 110 ASN A OD1 1 
ATOM   862  N  ND2 . ASN A 1 110 ? 12.59314  19.24635  2.65130   1.000 28.83422 ? 110 ASN A ND2 1 
ATOM   863  N  N   . GLY A 1 111 ? 10.95660  14.04720  1.09408   1.000 21.86794 ? 111 GLY A N   1 
ATOM   864  C  CA  . GLY A 1 111 ? 9.62409   13.47391  1.16918   1.000 21.53900 ? 111 GLY A CA  1 
ATOM   865  C  C   . GLY A 1 111 ? 9.29090   12.77747  2.46892   1.000 22.82530 ? 111 GLY A C   1 
ATOM   866  O  O   . GLY A 1 111 ? 8.26534   12.08974  2.54120   1.000 20.25841 ? 111 GLY A O   1 
ATOM   867  N  N   . SER A 1 112 ? 10.11269  12.93732  3.50034   1.000 19.86109 ? 112 SER A N   1 
ATOM   868  C  CA  . SER A 1 112 ? 9.90078   12.23576  4.75639   1.000 19.32505 ? 112 SER A CA  1 
ATOM   869  C  C   . SER A 1 112 ? 8.68517   12.79729  5.48210   1.000 21.53424 ? 112 SER A C   1 
ATOM   870  O  O   . SER A 1 112 ? 8.17502   13.87874  5.15888   1.000 21.86820 ? 112 SER A O   1 
ATOM   871  C  CB  . SER A 1 112 ? 11.14443  12.33408  5.64276   1.000 20.90646 ? 112 SER A CB  1 
ATOM   872  O  OG  . SER A 1 112 ? 12.24574  11.66291  5.04098   1.000 30.40753 ? 112 SER A OG  1 
ATOM   873  N  N   . VAL A 1 113 ? 8.21832   12.03094  6.47318   1.000 23.10302 ? 113 VAL A N   1 
ATOM   874  C  CA  . VAL A 1 113 ? 7.02320   12.39862  7.22096   1.000 23.39793 ? 113 VAL A CA  1 
ATOM   875  C  C   . VAL A 1 113 ? 7.21275   13.76513  7.88131   1.000 22.60463 ? 113 VAL A C   1 
ATOM   876  O  O   . VAL A 1 113 ? 8.29737   14.09993  8.37898   1.000 23.13920 ? 113 VAL A O   1 
ATOM   877  C  CB  . VAL A 1 113 ? 6.69539   11.29624  8.24759   1.000 21.76441 ? 113 VAL A CB  1 
ATOM   878  C  CG1 . VAL A 1 113 ? 7.70708   11.28561  9.40929   1.000 17.83262 ? 113 VAL A CG1 1 
ATOM   879  C  CG2 . VAL A 1 113 ? 5.29856   11.46444  8.78453   1.000 20.19245 ? 113 VAL A CG2 1 
ATOM   880  N  N   . ARG A 1 114 ? 6.15440   14.57420  7.85634   1.000 23.44485 ? 114 ARG A N   1 
ATOM   881  C  CA  . ARG A 1 114 ? 6.14083   15.88004  8.50069   1.000 26.25804 ? 114 ARG A CA  1 
ATOM   882  C  C   . ARG A 1 114 ? 5.63568   15.76181  9.94187   1.000 29.55570 ? 114 ARG A C   1 
ATOM   883  O  O   . ARG A 1 114 ? 5.14408   14.71430  10.36862  1.000 22.08693 ? 114 ARG A O   1 
ATOM   884  C  CB  . ARG A 1 114 ? 5.27313   16.85844  7.70291   1.000 30.73807 ? 114 ARG A CB  1 
ATOM   885  C  CG  . ARG A 1 114 ? 5.51584   16.83774  6.17138   1.000 29.61154 ? 114 ARG A CG  1 
ATOM   886  C  CD  . ARG A 1 114 ? 4.56340   17.79315  5.44699   1.000 34.06545 ? 114 ARG A CD  1 
ATOM   887  N  NE  . ARG A 1 114 ? 3.35898   17.13212  4.93596   1.000 39.19202 ? 114 ARG A NE  1 
ATOM   888  C  CZ  . ARG A 1 114 ? 2.69226   17.51407  3.84889   1.000 35.37107 ? 114 ARG A CZ  1 
ATOM   889  N  NH1 . ARG A 1 114 ? 1.60035   16.85954  3.46731   1.000 33.86367 ? 114 ARG A NH1 1 
ATOM   890  N  NH2 . ARG A 1 114 ? 3.11089   18.56396  3.14881   1.000 44.65314 ? 114 ARG A NH2 1 
ATOM   891  N  N   . SER A 1 115 ? 5.74932   16.87234  10.69140  1.000 29.73582 ? 115 SER A N   1 
ATOM   892  C  CA  . SER A 1 115 ? 5.41479   16.86725  12.11882  1.000 28.16359 ? 115 SER A CA  1 
ATOM   893  C  C   . SER A 1 115 ? 3.96429   16.47652  12.35811  1.000 30.75964 ? 115 SER A C   1 
ATOM   894  O  O   . SER A 1 115 ? 3.65089   15.81826  13.35743  1.000 26.93416 ? 115 SER A O   1 
ATOM   895  C  CB  . SER A 1 115 ? 5.67826   18.23797  12.73772  1.000 29.69167 ? 115 SER A CB  1 
ATOM   896  O  OG  . SER A 1 115 ? 7.04756   18.58681  12.63880  1.000 45.13253 ? 115 SER A OG  1 
ATOM   897  N  N   . ASP A 1 116 ? 3.06186   16.87357  11.46115  1.000 27.02741 ? 116 ASP A N   1 
ATOM   898  C  CA  . ASP A 1 116 ? 1.65564   16.52139  11.61308  1.000 28.16814 ? 116 ASP A CA  1 
ATOM   899  C  C   . ASP A 1 116 ? 1.33912   15.11432  11.10935  1.000 27.39445 ? 116 ASP A C   1 
ATOM   900  O  O   . ASP A 1 116 ? 0.16025   14.74906  11.03017  1.000 28.90967 ? 116 ASP A O   1 
ATOM   901  C  CB  . ASP A 1 116 ? 0.76627   17.56623  10.92354  1.000 27.70829 ? 116 ASP A CB  1 
ATOM   902  C  CG  . ASP A 1 116 ? 0.82255   17.49739  9.39489   1.000 36.74748 ? 116 ASP A CG  1 
ATOM   903  O  OD1 . ASP A 1 116 ? 1.67150   16.77188  8.83769   1.000 31.08989 ? 116 ASP A OD1 1 
ATOM   904  O  OD2 . ASP A 1 116 ? 0.00447   18.18845  8.74736   1.000 37.85703 ? 116 ASP A OD2 1 
ATOM   905  N  N   . GLY A 1 117 ? 2.35857   14.31768  10.78719  1.000 23.86268 ? 117 GLY A N   1 
ATOM   906  C  CA  . GLY A 1 117 ? 2.15862   12.94408  10.36863  1.000 24.91132 ? 117 GLY A CA  1 
ATOM   907  C  C   . GLY A 1 117 ? 1.88897   12.73402  8.89099   1.000 23.98067 ? 117 GLY A C   1 
ATOM   908  O  O   . GLY A 1 117 ? 1.74474   11.57732  8.46645   1.000 21.81355 ? 117 GLY A O   1 
ATOM   909  N  N   . THR A 1 118 ? 1.82932   13.80053  8.09455   1.000 21.91988 ? 118 THR A N   1 
ATOM   910  C  CA  . THR A 1 118 ? 1.45603   13.72157  6.68532   1.000 24.08080 ? 118 THR A CA  1 
ATOM   911  C  C   . THR A 1 118 ? 2.69059   13.65167  5.78628   1.000 28.55089 ? 118 THR A C   1 
ATOM   912  O  O   . THR A 1 118 ? 3.82386   13.89855  6.21435   1.000 23.22948 ? 118 THR A O   1 
ATOM   913  C  CB  . THR A 1 118 ? 0.59828   14.92692  6.28543   1.000 25.29526 ? 118 THR A CB  1 
ATOM   914  O  OG1 . THR A 1 118 ? 1.33662   16.13270  6.52050   1.000 27.61305 ? 118 THR A OG1 1 
ATOM   915  C  CG2 . THR A 1 118 ? -0.67850  14.97605  7.09044   1.000 23.94436 ? 118 THR A CG2 1 
ATOM   916  N  N   . TYR A 1 119 ? 2.44086   13.33517  4.50716   1.000 21.88187 ? 119 TYR A N   1 
ATOM   917  C  CA  . TYR A 1 119 ? 3.45987   13.19918  3.47329   1.000 24.51482 ? 119 TYR A CA  1 
ATOM   918  C  C   . TYR A 1 119 ? 3.01225   13.94902  2.22552   1.000 25.03567 ? 119 TYR A C   1 
ATOM   919  O  O   . TYR A 1 119 ? 1.84529   13.85669  1.83154   1.000 20.87756 ? 119 TYR A O   1 
ATOM   920  C  CB  . TYR A 1 119 ? 3.69462   11.72721  3.07643   1.000 26.47980 ? 119 TYR A CB  1 
ATOM   921  C  CG  . TYR A 1 119 ? 4.16994   10.80092  4.16840   1.000 22.70694 ? 119 TYR A CG  1 
ATOM   922  C  CD1 . TYR A 1 119 ? 5.51756   10.48688  4.29219   1.000 20.32055 ? 119 TYR A CD1 1 
ATOM   923  C  CD2 . TYR A 1 119 ? 3.26986   10.21254  5.05151   1.000 20.44524 ? 119 TYR A CD2 1 
ATOM   924  C  CE1 . TYR A 1 119 ? 5.96041   9.63254   5.27003   1.000 18.49107 ? 119 TYR A CE1 1 
ATOM   925  C  CE2 . TYR A 1 119 ? 3.70575   9.35920   6.04183   1.000 18.99507 ? 119 TYR A CE2 1 
ATOM   926  C  CZ  . TYR A 1 119 ? 5.05267   9.07335   6.14419   1.000 19.02007 ? 119 TYR A CZ  1 
ATOM   927  O  OH  . TYR A 1 119 ? 5.50241   8.22183   7.11542   1.000 17.67778 ? 119 TYR A OH  1 
ATOM   928  N  N   . ILE A 1 120 ? 3.93766   14.68571  1.59762   1.000 23.22715 ? 120 ILE A N   1 
ATOM   929  C  CA  . ILE A 1 120 ? 3.64414   15.25996  0.28343   1.000 23.54457 ? 120 ILE A CA  1 
ATOM   930  C  C   . ILE A 1 120 ? 3.36432   14.13336  -0.71099  1.000 19.79331 ? 120 ILE A C   1 
ATOM   931  O  O   . ILE A 1 120 ? 3.96687   13.05475  -0.64303  1.000 26.62933 ? 120 ILE A O   1 
ATOM   932  C  CB  . ILE A 1 120 ? 4.79702   16.14550  -0.22470  1.000 16.58559 ? 120 ILE A CB  1 
ATOM   933  C  CG1 . ILE A 1 120 ? 6.10330   15.34583  -0.28581  1.000 17.73646 ? 120 ILE A CG1 1 
ATOM   934  C  CG2 . ILE A 1 120 ? 4.97516   17.36161  0.65608   1.000 25.06422 ? 120 ILE A CG2 1 
ATOM   935  C  CD1 . ILE A 1 120 ? 7.03468   15.77495  -1.41554  1.000 31.69475 ? 120 ILE A CD1 1 
ATOM   936  N  N   . ARG A 1 121 ? 2.43723   14.39439  -1.63782  1.000 21.85897 ? 121 ARG A N   1 
ATOM   937  C  CA  . ARG A 1 121 ? 2.05563   13.48039  -2.72710  1.000 22.97328 ? 121 ARG A CA  1 
ATOM   938  C  C   . ARG A 1 121 ? 1.98062   12.02872  -2.25052  1.000 19.78623 ? 121 ARG A C   1 
ATOM   939  O  O   . ARG A 1 121 ? 2.58798   11.11762  -2.81899  1.000 18.27722 ? 121 ARG A O   1 
ATOM   940  C  CB  . ARG A 1 121 ? 3.00883   13.62949  -3.91811  1.000 26.08158 ? 121 ARG A CB  1 
ATOM   941  C  CG  . ARG A 1 121 ? 3.02582   15.04092  -4.49088  1.000 27.98816 ? 121 ARG A CG  1 
ATOM   942  C  CD  . ARG A 1 121 ? 4.39486   15.42582  -5.03787  1.000 33.81547 ? 121 ARG A CD  1 
ATOM   943  N  NE  . ARG A 1 121 ? 4.81131   14.52419  -6.10561  1.000 43.24031 ? 121 ARG A NE  1 
ATOM   944  C  CZ  . ARG A 1 121 ? 5.99701   14.55522  -6.70591  1.000 43.79547 ? 121 ARG A CZ  1 
ATOM   945  N  NH1 . ARG A 1 121 ? 6.27273   13.67102  -7.66082  1.000 43.26506 ? 121 ARG A NH1 1 
ATOM   946  N  NH2 . ARG A 1 121 ? 6.90301   15.46245  -6.35723  1.000 41.15197 ? 121 ARG A NH2 1 
HETATM 947  N  N   . MSE A 1 122 ? 1.19391   11.81957  -1.19894  1.000 25.06159 ? 122 MSE A N   1 
HETATM 948  C  CA  . MSE A 1 122 ? 1.33764   10.65374  -0.32424  1.000 21.83398 ? 122 MSE A CA  1 
HETATM 949  C  C   . MSE A 1 122 ? 1.29722   9.30817   -1.06087  1.000 20.13066 ? 122 MSE A C   1 
HETATM 950  O  O   . MSE A 1 122 ? 2.19806   8.48354   -0.89186  1.000 19.48124 ? 122 MSE A O   1 
HETATM 951  C  CB  . MSE A 1 122 ? 0.26271   10.71599  0.76797   1.000 25.19149 ? 122 MSE A CB  1 
HETATM 952  C  CG  . MSE A 1 122 ? 0.68181   10.07625  2.06268   1.000 34.11463 ? 122 MSE A CG  1 
HETATM 953  SE SE  . MSE A 1 122 ? -0.77638  9.77479   3.28773   1.000 33.65271 ? 122 MSE A SE  1 
HETATM 954  C  CE  . MSE A 1 122 ? -0.56503  11.58705  4.11289   1.000 33.79374 ? 122 MSE A CE  1 
ATOM   955  N  N   . SER A 1 123 ? 0.27939   9.10220   -1.90347  1.000 23.73499 ? 123 SER A N   1 
ATOM   956  C  CA  . SER A 1 123 ? 0.15298   7.84329   -2.63768  1.000 20.14181 ? 123 SER A CA  1 
ATOM   957  C  C   . SER A 1 123 ? 1.30843   7.60579   -3.60766  1.000 20.24466 ? 123 SER A C   1 
ATOM   958  O  O   . SER A 1 123 ? 1.55160   6.45595   -4.00441  1.000 16.95007 ? 123 SER A O   1 
ATOM   959  C  CB  . SER A 1 123 ? -1.17109  7.82732   -3.39872  1.000 17.51380 ? 123 SER A CB  1 
ATOM   960  O  OG  . SER A 1 123 ? -1.14627  8.78852   -4.43067  1.000 23.68215 ? 123 SER A OG  1 
ATOM   961  N  N   . ASN A 1 124 ? 2.01446   8.66514   -4.00643  1.000 18.95714 ? 124 ASN A N   1 
ATOM   962  C  CA  . ASN A 1 124 ? 3.17835   8.57822   -4.88557  1.000 20.12205 ? 124 ASN A CA  1 
ATOM   963  C  C   . ASN A 1 124 ? 4.48189   8.82439   -4.12774  1.000 21.78007 ? 124 ASN A C   1 
ATOM   964  O  O   . ASN A 1 124 ? 5.49529   9.20016   -4.73208  1.000 16.31395 ? 124 ASN A O   1 
ATOM   965  C  CB  . ASN A 1 124 ? 3.03372   9.56338   -6.04916  1.000 20.91908 ? 124 ASN A CB  1 
ATOM   966  C  CG  . ASN A 1 124 ? 1.78334   9.30212   -6.87027  1.000 22.30523 ? 124 ASN A CG  1 
ATOM   967  O  OD1 . ASN A 1 124 ? 1.46516   8.16019   -7.16770  1.000 24.48928 ? 124 ASN A OD1 1 
ATOM   968  N  ND2 . ASN A 1 124 ? 1.05909   10.35511  -7.21451  1.000 24.69390 ? 124 ASN A ND2 1 
ATOM   969  N  N   . ASN A 1 125 ? 4.46827   8.59518   -2.81177  1.000 17.46634 ? 125 ASN A N   1 
ATOM   970  C  CA  . ASN A 1 125 ? 5.58577   8.84109   -1.90306  1.000 19.00264 ? 125 ASN A CA  1 
ATOM   971  C  C   . ASN A 1 125 ? 5.99285   7.51047   -1.28109  1.000 15.65691 ? 125 ASN A C   1 
ATOM   972  O  O   . ASN A 1 125 ? 5.28312   6.99200   -0.41276  1.000 17.54381 ? 125 ASN A O   1 
ATOM   973  C  CB  . ASN A 1 125 ? 5.17352   9.84543   -0.81970  1.000 19.70130 ? 125 ASN A CB  1 
ATOM   974  C  CG  . ASN A 1 125 ? 6.34157   10.36477  -0.01431  1.000 18.04258 ? 125 ASN A CG  1 
ATOM   975  O  OD1 . ASN A 1 125 ? 7.31424   9.65156   0.23816   1.000 17.25029 ? 125 ASN A OD1 1 
ATOM   976  N  ND2 . ASN A 1 125 ? 6.25512   11.63096  0.38638   1.000 18.19612 ? 125 ASN A ND2 1 
ATOM   977  N  N   . ALA A 1 126 ? 7.14880   6.97929   -1.69301  1.000 13.91324 ? 126 ALA A N   1 
ATOM   978  C  CA  . ALA A 1 126 ? 7.59577   5.68106   -1.19232  1.000 15.67266 ? 126 ALA A CA  1 
ATOM   979  C  C   . ALA A 1 126 ? 7.71943   5.64097   0.32543   1.000 17.80013 ? 126 ALA A C   1 
ATOM   980  O  O   . ALA A 1 126 ? 7.62437   4.56176   0.91636   1.000 15.05461 ? 126 ALA A O   1 
ATOM   981  C  CB  . ALA A 1 126 ? 8.93814   5.30119   -1.80868  1.000 20.69034 ? 126 ALA A CB  1 
ATOM   982  N  N   . GLU A 1 127 ? 7.97210   6.78490   0.96931   1.000 17.03027 ? 127 GLU A N   1 
ATOM   983  C  CA  . GLU A 1 127 ? 8.16422   6.82150   2.41657   1.000 14.97841 ? 127 GLU A CA  1 
ATOM   984  C  C   . GLU A 1 127 ? 6.85389   6.76402   3.19444   1.000 18.33569 ? 127 GLU A C   1 
ATOM   985  O  O   . GLU A 1 127 ? 6.88227   6.54285   4.41236   1.000 16.95657 ? 127 GLU A O   1 
ATOM   986  C  CB  . GLU A 1 127 ? 8.95051   8.08486   2.80341   1.000 20.89032 ? 127 GLU A CB  1 
ATOM   987  C  CG  . GLU A 1 127 ? 10.39477  8.09257   2.28506   1.000 18.10570 ? 127 GLU A CG  1 
ATOM   988  C  CD  . GLU A 1 127 ? 11.20533  9.26267   2.81718   1.000 23.66446 ? 127 GLU A CD  1 
ATOM   989  O  OE1 . GLU A 1 127 ? 11.41887  10.22392  2.05501   1.000 23.23880 ? 127 GLU A OE1 1 
ATOM   990  O  OE2 . GLU A 1 127 ? 11.61966  9.22151   3.99714   1.000 24.96899 ? 127 GLU A OE2 1 
ATOM   991  N  N   . ALA A 1 128 ? 5.71256   6.93675   2.52425   1.000 16.41262 ? 128 ALA A N   1 
ATOM   992  C  CA  . ALA A 1 128 ? 4.41934   6.86184   3.18922   1.000 19.24868 ? 128 ALA A CA  1 
ATOM   993  C  C   . ALA A 1 128 ? 3.92882   5.43144   3.38935   1.000 18.59716 ? 128 ALA A C   1 
ATOM   994  O  O   . ALA A 1 128 ? 2.89836   5.22915   4.04430   1.000 17.99115 ? 128 ALA A O   1 
ATOM   995  C  CB  . ALA A 1 128 ? 3.37667   7.65032   2.39158   1.000 20.32054 ? 128 ALA A CB  1 
ATOM   996  N  N   . TYR A 1 129 ? 4.64319   4.43503   2.88131   1.000 19.41321 ? 129 TYR A N   1 
ATOM   997  C  CA  . TYR A 1 129 ? 4.13142   3.07312   2.83933   1.000 17.29146 ? 129 TYR A CA  1 
ATOM   998  C  C   . TYR A 1 129 ? 4.68728   2.23932   3.98198   1.000 16.43057 ? 129 TYR A C   1 
ATOM   999  O  O   . TYR A 1 129 ? 5.89824   2.22496   4.22891   1.000 15.76781 ? 129 TYR A O   1 
ATOM   1000 C  CB  . TYR A 1 129 ? 4.44448   2.41816   1.49478   1.000 15.26147 ? 129 TYR A CB  1 
ATOM   1001 C  CG  . TYR A 1 129 ? 3.51620   2.94233   0.43670   1.000 19.77953 ? 129 TYR A CG  1 
ATOM   1002 C  CD1 . TYR A 1 129 ? 3.81294   4.11896   -0.26504  1.000 13.72973 ? 129 TYR A CD1 1 
ATOM   1003 C  CD2 . TYR A 1 129 ? 2.31485   2.29495   0.16909   1.000 16.52593 ? 129 TYR A CD2 1 
ATOM   1004 C  CE1 . TYR A 1 129 ? 2.94077   4.62078   -1.21244  1.000 15.65584 ? 129 TYR A CE1 1 
ATOM   1005 C  CE2 . TYR A 1 129 ? 1.43800   2.77664   -0.77747  1.000 18.42218 ? 129 TYR A CE2 1 
ATOM   1006 C  CZ  . TYR A 1 129 ? 1.75330   3.93792   -1.47015  1.000 19.96687 ? 129 TYR A CZ  1 
ATOM   1007 O  OH  . TYR A 1 129 ? 0.85795   4.40544   -2.39603  1.000 19.01232 ? 129 TYR A OH  1 
ATOM   1008 N  N   . PHE A 1 130 ? 3.79246   1.53046   4.65847   1.000 15.22434 ? 130 PHE A N   1 
ATOM   1009 C  CA  . PHE A 1 130 ? 4.14045   0.68801   5.78455   1.000 16.46523 ? 130 PHE A CA  1 
ATOM   1010 C  C   . PHE A 1 130 ? 3.40331   -0.63334  5.63943   1.000 17.32618 ? 130 PHE A C   1 
ATOM   1011 O  O   . PHE A 1 130 ? 2.34162   -0.69801  5.02205   1.000 13.95209 ? 130 PHE A O   1 
ATOM   1012 C  CB  . PHE A 1 130 ? 3.77733   1.36725   7.12468   1.000 17.57274 ? 130 PHE A CB  1 
ATOM   1013 C  CG  . PHE A 1 130 ? 4.57808   2.61991   7.40716   1.000 17.68840 ? 130 PHE A CG  1 
ATOM   1014 C  CD1 . PHE A 1 130 ? 5.61269   2.60004   8.32631   1.000 19.68387 ? 130 PHE A CD1 1 
ATOM   1015 C  CD2 . PHE A 1 130 ? 4.29410   3.81251   6.75687   1.000 16.66282 ? 130 PHE A CD2 1 
ATOM   1016 C  CE1 . PHE A 1 130 ? 6.36743   3.75064   8.57763   1.000 19.99784 ? 130 PHE A CE1 1 
ATOM   1017 C  CE2 . PHE A 1 130 ? 5.03401   4.96329   7.01240   1.000 14.16228 ? 130 PHE A CE2 1 
ATOM   1018 C  CZ  . PHE A 1 130 ? 6.06839   4.92769   7.91652   1.000 17.56490 ? 130 PHE A CZ  1 
ATOM   1019 N  N   . ILE A 1 131 ? 3.97877   -1.68743  6.21823   1.000 18.14430 ? 131 ILE A N   1 
ATOM   1020 C  CA  . ILE A 1 131 ? 3.31532   -2.98084  6.22779   1.000 15.74691 ? 131 ILE A CA  1 
ATOM   1021 C  C   . ILE A 1 131 ? 2.00461   -2.88802  6.99798   1.000 18.57275 ? 131 ILE A C   1 
ATOM   1022 O  O   . ILE A 1 131 ? 1.92918   -2.27175  8.07347   1.000 16.28949 ? 131 ILE A O   1 
ATOM   1023 C  CB  . ILE A 1 131 ? 4.25748   -4.03922  6.82180   1.000 17.56726 ? 131 ILE A CB  1 
ATOM   1024 C  CG1 . ILE A 1 131 ? 5.51924   -4.16341  5.95860   1.000 19.54279 ? 131 ILE A CG1 1 
ATOM   1025 C  CG2 . ILE A 1 131 ? 3.55225   -5.37141  6.93986   1.000 21.71226 ? 131 ILE A CG2 1 
ATOM   1026 C  CD1 . ILE A 1 131 ? 6.52085   -5.20108  6.44715   1.000 22.05455 ? 131 ILE A CD1 1 
ATOM   1027 N  N   . VAL A 1 132 ? 0.95777   -3.49995  6.44079   1.000 17.27272 ? 132 VAL A N   1 
ATOM   1028 C  CA  . VAL A 1 132 ? -0.35870  -3.52211  7.07428   1.000 20.71771 ? 132 VAL A CA  1 
ATOM   1029 C  C   . VAL A 1 132 ? -0.32937  -4.54121  8.20636   1.000 20.20680 ? 132 VAL A C   1 
ATOM   1030 O  O   . VAL A 1 132 ? -0.06071  -5.71756  7.96978   1.000 20.32614 ? 132 VAL A O   1 
ATOM   1031 C  CB  . VAL A 1 132 ? -1.45795  -3.87477  6.05806   1.000 17.26024 ? 132 VAL A CB  1 
ATOM   1032 C  CG1 . VAL A 1 132 ? -2.74105  -4.23043  6.79024   1.000 14.74038 ? 132 VAL A CG1 1 
ATOM   1033 C  CG2 . VAL A 1 132 ? -1.69893  -2.72315  5.09477   1.000 15.91701 ? 132 VAL A CG2 1 
ATOM   1034 N  N   . GLU A 1 133 ? -0.61857  -4.10400  9.42808   1.000 19.59817 ? 133 GLU A N   1 
ATOM   1035 C  CA  . GLU A 1 133 ? -0.57870  -4.98217  10.59562  1.000 23.04479 ? 133 GLU A CA  1 
ATOM   1036 C  C   . GLU A 1 133 ? -1.92487  -4.99277  11.30667  1.000 20.86276 ? 133 GLU A C   1 
ATOM   1037 O  O   . GLU A 1 133 ? -2.79682  -4.15773  11.05699  1.000 22.75672 ? 133 GLU A O   1 
ATOM   1038 C  CB  . GLU A 1 133 ? 0.51910   -4.55484  11.58280  1.000 22.51531 ? 133 GLU A CB  1 
ATOM   1039 C  CG  . GLU A 1 133 ? 1.76124   -5.42658  11.55386  1.000 27.03545 ? 133 GLU A CG  1 
ATOM   1040 C  CD  . GLU A 1 133 ? 1.48704   -6.90280  11.88650  1.000 41.59992 ? 133 GLU A CD  1 
ATOM   1041 O  OE1 . GLU A 1 133 ? 0.52184   -7.22027  12.64446  1.000 38.72011 ? 133 GLU A OE1 1 
ATOM   1042 O  OE2 . GLU A 1 133 ? 2.26232   -7.75220  11.38479  1.000 38.49779 ? 133 GLU A OE2 1 
ATOM   1043 N  N   . LEU A 1 134 ? -2.08222  -5.94755  12.21991  1.000 19.32356 ? 134 LEU A N   1 
ATOM   1044 C  CA  . LEU A 1 134 ? -3.28747  -6.03521  13.02650  1.000 19.37741 ? 134 LEU A CA  1 
ATOM   1045 C  C   . LEU A 1 134 ? -3.13583  -5.19870  14.28342  1.000 21.38315 ? 134 LEU A C   1 
ATOM   1046 O  O   . LEU A 1 134 ? -2.03309  -5.05456  14.81863  1.000 18.89127 ? 134 LEU A O   1 
ATOM   1047 C  CB  . LEU A 1 134 ? -3.58270  -7.48463  13.41413  1.000 22.29703 ? 134 LEU A CB  1 
ATOM   1048 C  CG  . LEU A 1 134 ? -4.40503  -8.30000  12.41694  1.000 22.67481 ? 134 LEU A CG  1 
ATOM   1049 C  CD1 . LEU A 1 134 ? -3.64164  -8.53712  11.12487  1.000 24.87569 ? 134 LEU A CD1 1 
ATOM   1050 C  CD2 . LEU A 1 134 ? -4.80955  -9.61394  13.05329  1.000 29.27396 ? 134 LEU A CD2 1 
ATOM   1051 N  N   . GLU A 1 135 ? -4.25747  -4.65714  14.76097  1.000 19.66819 ? 135 GLU A N   1 
ATOM   1052 C  CA  . GLU A 1 135 ? -4.24138  -3.94999  16.03393  1.000 22.75041 ? 135 GLU A CA  1 
ATOM   1053 C  C   . GLU A 1 135 ? -3.75034  -4.87043  17.14108  1.000 23.60572 ? 135 GLU A C   1 
ATOM   1054 O  O   . GLU A 1 135 ? -4.14969  -6.03757  17.22629  1.000 23.44650 ? 135 GLU A O   1 
ATOM   1055 C  CB  . GLU A 1 135 ? -5.63206  -3.42544  16.38144  1.000 27.79131 ? 135 GLU A CB  1 
ATOM   1056 C  CG  . GLU A 1 135 ? -6.07414  -2.23834  15.56169  1.000 27.41781 ? 135 GLU A CG  1 
ATOM   1057 C  CD  . GLU A 1 135 ? -7.51585  -1.86904  15.82037  1.000 35.78501 ? 135 GLU A CD  1 
ATOM   1058 O  OE1 . GLU A 1 135 ? -8.15966  -2.53827  16.65658  1.000 38.24331 ? 135 GLU A OE1 1 
ATOM   1059 O  OE2 . GLU A 1 135 ? -8.00565  -0.91313  15.18348  1.000 40.21861 ? 135 GLU A OE2 1 
ATOM   1060 N  N   . HIS A 1 136 ? -2.87835  -4.33867  17.99540  1.000 19.23541 ? 136 HIS A N   1 
ATOM   1061 C  CA  . HIS A 1 136 ? -2.34702  -5.12503  19.09588  1.000 23.23860 ? 136 HIS A CA  1 
ATOM   1062 C  C   . HIS A 1 136 ? -3.38860  -5.27124  20.21288  1.000 20.94508 ? 136 HIS A C   1 
ATOM   1063 O  O   . HIS A 1 136 ? -4.44226  -4.62547  20.22268  1.000 18.42566 ? 136 HIS A O   1 
ATOM   1064 C  CB  . HIS A 1 136 ? -1.06141  -4.49411  19.63964  1.000 20.31719 ? 136 HIS A CB  1 
ATOM   1065 C  CG  . HIS A 1 136 ? -1.22701  -3.06927  20.06123  1.000 26.91949 ? 136 HIS A CG  1 
ATOM   1066 N  ND1 . HIS A 1 136 ? -1.81406  -2.71362  21.25564  1.000 22.15846 ? 136 HIS A ND1 1 
ATOM   1067 C  CD2 . HIS A 1 136 ? -0.89195  -1.90864  19.44426  1.000 24.45766 ? 136 HIS A CD2 1 
ATOM   1068 C  CE1 . HIS A 1 136 ? -1.82900  -1.39617  21.36164  1.000 23.95801 ? 136 HIS A CE1 1 
ATOM   1069 N  NE2 . HIS A 1 136 ? -1.27549  -0.88391  20.27676  1.000 24.87020 ? 136 HIS A NE2 1 
ATOM   1070 N  N   . HIS A 1 137 ? -3.05002  -6.12797  21.17586  1.000 21.56034 ? 137 HIS A N   1 
ATOM   1071 C  CA  . HIS A 1 137 ? -3.93557  -6.49864  22.28082  1.000 23.84958 ? 137 HIS A CA  1 
ATOM   1072 C  C   . HIS A 1 137 ? -4.19617  -5.35116  23.26389  1.000 26.71116 ? 137 HIS A C   1 
ATOM   1073 O  O   . HIS A 1 137 ? -5.14148  -5.43399  24.05707  1.000 26.08027 ? 137 HIS A O   1 
ATOM   1074 C  CB  . HIS A 1 137 ? -3.31704  -7.70817  22.99860  1.000 22.79367 ? 137 HIS A CB  1 
ATOM   1075 C  CG  . HIS A 1 137 ? -4.12814  -8.24975  24.13929  1.000 25.34390 ? 137 HIS A CG  1 
ATOM   1076 N  ND1 . HIS A 1 137 ? -5.43115  -8.67426  23.99517  1.000 21.45239 ? 137 HIS A ND1 1 
ATOM   1077 C  CD2 . HIS A 1 137 ? -3.79543  -8.48811  25.43214  1.000 23.92895 ? 137 HIS A CD2 1 
ATOM   1078 C  CE1 . HIS A 1 137 ? -5.87433  -9.12704  25.15578  1.000 26.15701 ? 137 HIS A CE1 1 
ATOM   1079 N  NE2 . HIS A 1 137 ? -4.90165  -9.02429  26.04557  1.000 23.21339 ? 137 HIS A NE2 1 
ATOM   1080 N  N   . HIS A 1 138 ? -3.40262  -4.27755  23.23332  1.000 26.19908 ? 138 HIS A N   1 
ATOM   1081 C  CA  . HIS A 1 138 ? -3.61001  -3.16478  24.15083  1.000 25.43804 ? 138 HIS A CA  1 
ATOM   1082 C  C   . HIS A 1 138 ? -4.47284  -2.04699  23.55407  1.000 26.67950 ? 138 HIS A C   1 
ATOM   1083 O  O   . HIS A 1 138 ? -4.47641  -0.92815  24.08058  1.000 27.12469 ? 138 HIS A O   1 
ATOM   1084 C  CB  . HIS A 1 138 ? -2.26357  -2.61645  24.63262  1.000 24.65441 ? 138 HIS A CB  1 
ATOM   1085 C  CG  . HIS A 1 138 ? -1.53747  -3.53392  25.57034  1.000 29.07082 ? 138 HIS A CG  1 
ATOM   1086 N  ND1 . HIS A 1 138 ? -2.07572  -4.72059  26.01823  1.000 33.18975 ? 138 HIS A ND1 1 
ATOM   1087 C  CD2 . HIS A 1 138 ? -0.31118  -3.44247  26.13861  1.000 38.26274 ? 138 HIS A CD2 1 
ATOM   1088 C  CE1 . HIS A 1 138 ? -1.21619  -5.31976  26.82219  1.000 24.59898 ? 138 HIS A CE1 1 
ATOM   1089 N  NE2 . HIS A 1 138 ? -0.13644  -4.56599  26.91106  1.000 42.21577 ? 138 HIS A NE2 1 
ATOM   1090 N  N   . HIS A 1 139 ? -5.18948  -2.32079  22.46876  1.000 26.53185 ? 139 HIS A N   1 
ATOM   1091 C  CA  . HIS A 1 139 ? -6.30072  -1.48618  22.03809  1.000 29.21832 ? 139 HIS A CA  1 
ATOM   1092 C  C   . HIS A 1 139 ? -7.55722  -1.84520  22.82991  1.000 34.80091 ? 139 HIS A C   1 
ATOM   1093 O  O   . HIS A 1 139 ? -7.70340  -2.96125  23.33557  1.000 34.15631 ? 139 HIS A O   1 
ATOM   1094 C  CB  . HIS A 1 139 ? -6.60159  -1.68703  20.54815  1.000 35.83453 ? 139 HIS A CB  1 
ATOM   1095 C  CG  . HIS A 1 139 ? -5.71909  -0.90540  19.62631  1.000 31.93940 ? 139 HIS A CG  1 
ATOM   1096 N  ND1 . HIS A 1 139 ? -6.07963  0.32495   19.11704  1.000 35.22033 ? 139 HIS A ND1 1 
ATOM   1097 C  CD2 . HIS A 1 139 ? -4.51038  -1.19702  19.09009  1.000 27.69988 ? 139 HIS A CD2 1 
ATOM   1098 C  CE1 . HIS A 1 139 ? -5.12054  0.76672   18.32209  1.000 36.18506 ? 139 HIS A CE1 1 
ATOM   1099 N  NE2 . HIS A 1 139 ? -4.15661  -0.13725  18.28847  1.000 33.45097 ? 139 HIS A NE2 1 
ATOM   1100 N  N   . HIS A 1 140 ? -8.48446  -0.89572  22.91202  1.000 39.28021 ? 140 HIS A N   1 
ATOM   1101 C  CA  . HIS A 1 140 ? -9.79642  -1.19540  23.48565  1.000 42.49914 ? 140 HIS A CA  1 
ATOM   1102 C  C   . HIS A 1 140 ? -10.89268 -1.05247  22.43658  1.000 37.93161 ? 140 HIS A C   1 
ATOM   1103 O  O   . HIS A 1 140 ? -11.77997 -1.89985  22.34623  1.000 46.34971 ? 140 HIS A O   1 
ATOM   1104 C  CB  . HIS A 1 140 ? -10.11242 -0.29550  24.68123  1.000 36.84403 ? 140 HIS A CB  1 
ATOM   1105 C  CG  . HIS A 1 140 ? -11.42615 -0.61065  25.33132  1.000 44.62689 ? 140 HIS A CG  1 
ATOM   1106 N  ND1 . HIS A 1 140 ? -11.59237 -1.66700  26.20393  1.000 42.76847 ? 140 HIS A ND1 1 
ATOM   1107 C  CD2 . HIS A 1 140 ? -12.64334 -0.02581  25.21434  1.000 48.61044 ? 140 HIS A CD2 1 
ATOM   1108 C  CE1 . HIS A 1 140 ? -12.84988 -1.70814  26.60984  1.000 44.84406 ? 140 HIS A CE1 1 
ATOM   1109 N  NE2 . HIS A 1 140 ? -13.50979 -0.72566  26.02149  1.000 49.64540 ? 140 HIS A NE2 1 
HETATM 1110 O  O   . HOH B 2 .   ? -7.58109  -11.05696 8.22749   1.000 12.12716 ? 201 HOH A O   1 
HETATM 1111 O  O   . HOH B 2 .   ? -7.43866  -8.70137  -18.27959 1.000 16.54388 ? 202 HOH A O   1 
HETATM 1112 O  O   . HOH B 2 .   ? 4.03960   5.32257   -9.68173  1.000 28.86523 ? 203 HOH A O   1 
HETATM 1113 O  O   . HOH B 2 .   ? 6.10519   -13.97173 -1.63404  1.000 36.80786 ? 204 HOH A O   1 
HETATM 1114 O  O   . HOH B 2 .   ? 9.70808   10.16552  -0.28668  1.000 21.28616 ? 205 HOH A O   1 
HETATM 1115 O  O   . HOH B 2 .   ? -6.43387  -7.10837  9.02562   1.000 19.53024 ? 206 HOH A O   1 
HETATM 1116 O  O   . HOH B 2 .   ? -5.73939  7.98338   -12.37125 1.000 24.45776 ? 207 HOH A O   1 
HETATM 1117 O  O   . HOH B 2 .   ? 6.33480   8.36130   -7.06241  1.000 15.59887 ? 208 HOH A O   1 
HETATM 1118 O  O   . HOH B 2 .   ? -14.02650 -8.69855  -5.03856  1.000 31.73639 ? 209 HOH A O   1 
HETATM 1119 O  O   . HOH B 2 .   ? -7.53324  -7.59020  22.83340  1.000 24.91514 ? 210 HOH A O   1 
HETATM 1120 O  O   . HOH B 2 .   ? 3.77443   18.92152  9.95972   1.000 32.50053 ? 211 HOH A O   1 
HETATM 1121 O  O   . HOH B 2 .   ? 15.44272  0.76383   -0.82604  1.000 21.55675 ? 212 HOH A O   1 
HETATM 1122 O  O   . HOH B 2 .   ? -5.85721  1.29056   24.60239  1.000 35.14559 ? 213 HOH A O   1 
HETATM 1123 O  O   . HOH B 2 .   ? -6.95512  -9.13459  -10.37379 1.000 17.74454 ? 214 HOH A O   1 
HETATM 1124 O  O   . HOH B 2 .   ? 16.92914  14.67608  -1.61354  1.000 16.33200 ? 215 HOH A O   1 
HETATM 1125 O  O   . HOH B 2 .   ? -4.17918  11.45042  12.00824  1.000 33.87576 ? 216 HOH A O   1 
HETATM 1126 O  O   . HOH B 2 .   ? 13.46265  0.33034   -10.64804 1.000 16.78646 ? 217 HOH A O   1 
HETATM 1127 O  O   . HOH B 2 .   ? -15.94598 2.55175   -16.82644 1.000 34.11335 ? 218 HOH A O   1 
HETATM 1128 O  O   . HOH B 2 .   ? 8.17514   3.45839   3.31541   1.000 10.75271 ? 219 HOH A O   1 
HETATM 1129 O  O   . HOH B 2 .   ? 2.41472   9.72103   10.30892  1.000 21.92303 ? 220 HOH A O   1 
HETATM 1130 O  O   . HOH B 2 .   ? -0.01471  -6.86775  -21.87037 1.000 23.57659 ? 221 HOH A O   1 
HETATM 1131 O  O   . HOH B 2 .   ? -10.99188 -13.32041 -9.45032  1.000 34.21276 ? 222 HOH A O   1 
HETATM 1132 O  O   . HOH B 2 .   ? 14.22286  8.46730   -5.79177  1.000 26.96546 ? 223 HOH A O   1 
HETATM 1133 O  O   . HOH B 2 .   ? 13.91291  -5.37134  -4.30444  1.000 32.95307 ? 224 HOH A O   1 
HETATM 1134 O  O   . HOH B 2 .   ? 13.78086  12.64801  2.95414   1.000 29.65951 ? 225 HOH A O   1 
HETATM 1135 O  O   . HOH B 2 .   ? -4.57589  8.77651   10.21323  1.000 34.04146 ? 226 HOH A O   1 
HETATM 1136 O  O   . HOH B 2 .   ? 19.15385  1.38603   -7.11417  1.000 33.86961 ? 227 HOH A O   1 
HETATM 1137 O  O   . HOH B 2 .   ? -16.25647 -2.75250  -1.11280  1.000 38.08132 ? 228 HOH A O   1 
HETATM 1138 O  O   . HOH B 2 .   ? -6.33250  2.14777   9.97703   1.000 23.11104 ? 229 HOH A O   1 
HETATM 1139 O  O   . HOH B 2 .   ? 3.39886   7.47074   8.93860   1.000 19.23326 ? 230 HOH A O   1 
HETATM 1140 O  O   . HOH B 2 .   ? 15.22411  13.43492  0.51351   1.000 25.99364 ? 231 HOH A O   1 
HETATM 1141 O  O   . HOH B 2 .   ? -0.88883  11.50460  -4.04152  1.000 33.46078 ? 232 HOH A O   1 
HETATM 1142 O  O   . HOH B 2 .   ? -6.00435  4.58792   -4.27378  1.000 18.74370 ? 233 HOH A O   1 
HETATM 1143 O  O   . HOH B 2 .   ? 3.14108   10.59966  12.79383  1.000 26.99470 ? 234 HOH A O   1 
HETATM 1144 O  O   . HOH B 2 .   ? 0.60429   -6.94654  5.56313   1.000 15.92591 ? 235 HOH A O   1 
HETATM 1145 O  O   . HOH B 2 .   ? 13.61889  2.04414   6.53193   1.000 33.28394 ? 236 HOH A O   1 
HETATM 1146 O  O   . HOH B 2 .   ? -3.38276  -0.87689  -16.09663 1.000 19.69874 ? 237 HOH A O   1 
HETATM 1147 O  O   . HOH B 2 .   ? -10.51607 -1.38653  -17.56063 1.000 33.18440 ? 238 HOH A O   1 
HETATM 1148 O  O   . HOH B 2 .   ? 8.15021   7.29716   6.91098   1.000 24.40092 ? 239 HOH A O   1 
HETATM 1149 O  O   . HOH B 2 .   ? -8.65094  -6.35363  10.43384  1.000 29.01644 ? 240 HOH A O   1 
HETATM 1150 O  O   . HOH B 2 .   ? 2.20117   1.59943   -14.33188 1.000 26.78605 ? 241 HOH A O   1 
HETATM 1151 O  O   . HOH B 2 .   ? 6.45513   14.88915  3.16963   1.000 22.11881 ? 242 HOH A O   1 
HETATM 1152 O  O   . HOH B 2 .   ? -4.13608  -1.83824  -4.93440  1.000 14.51035 ? 243 HOH A O   1 
HETATM 1153 O  O   . HOH B 2 .   ? -9.83375  -4.46005  -15.64745 1.000 20.05950 ? 244 HOH A O   1 
HETATM 1154 O  O   . HOH B 2 .   ? 9.39292   -5.97813  8.28354   1.000 30.64725 ? 245 HOH A O   1 
HETATM 1155 O  O   . HOH B 2 .   ? -14.01496 -5.96300  -0.98774  1.000 36.93096 ? 246 HOH A O   1 
HETATM 1156 O  O   . HOH B 2 .   ? 3.45328   -1.97825  -15.48959 1.000 27.23686 ? 247 HOH A O   1 
HETATM 1157 O  O   . HOH B 2 .   ? -12.95731 -6.77584  -3.24987  1.000 21.61133 ? 248 HOH A O   1 
HETATM 1158 O  O   . HOH B 2 .   ? 0.37848   -3.82191  15.72150  1.000 37.27275 ? 249 HOH A O   1 
HETATM 1159 O  O   . HOH B 2 .   ? 9.58423   -8.96871  -7.47531  1.000 27.64568 ? 250 HOH A O   1 
HETATM 1160 O  O   . HOH B 2 .   ? -14.78556 -8.39778  -8.45887  1.000 32.94260 ? 251 HOH A O   1 
HETATM 1161 O  O   . HOH B 2 .   ? 13.71068  -2.50239  -8.19609  1.000 27.29644 ? 252 HOH A O   1 
HETATM 1162 O  O   . HOH B 2 .   ? -5.34154  -5.36680  10.40449  1.000 24.00797 ? 253 HOH A O   1 
HETATM 1163 O  O   . HOH B 2 .   ? 0.05801   2.37546   -12.89112 1.000 21.79435 ? 254 HOH A O   1 
HETATM 1164 O  O   . HOH B 2 .   ? -11.85895 -0.39955  3.77062   1.000 21.80282 ? 255 HOH A O   1 
HETATM 1165 O  O   . HOH B 2 .   ? 1.41333   13.80938  14.24294  1.000 34.47578 ? 256 HOH A O   1 
HETATM 1166 O  O   . HOH B 2 .   ? -9.33876  -10.62017 -12.24420 1.000 25.16643 ? 257 HOH A O   1 
HETATM 1167 O  O   . HOH B 2 .   ? -0.93392  -18.26760 -10.34851 1.000 26.27804 ? 258 HOH A O   1 
HETATM 1168 O  O   . HOH B 2 .   ? 2.19626   -6.37084  -19.25228 1.000 29.94025 ? 259 HOH A O   1 
HETATM 1169 O  O   . HOH B 2 .   ? -14.69027 -1.08361  -15.64240 1.000 44.04769 ? 260 HOH A O   1 
HETATM 1170 O  O   . HOH B 2 .   ? 7.85530   17.38021  2.76546   1.000 25.80754 ? 261 HOH A O   1 
HETATM 1171 O  O   . HOH B 2 .   ? 16.39796  -10.44165 4.19262   1.000 37.13501 ? 262 HOH A O   1 
HETATM 1172 O  O   . HOH B 2 .   ? 5.72254   3.25621   -13.05862 1.000 20.87915 ? 263 HOH A O   1 
HETATM 1173 O  O   . HOH B 2 .   ? 11.01443  14.94175  -5.49627  1.000 24.40225 ? 264 HOH A O   1 
HETATM 1174 O  O   . HOH B 2 .   ? 9.67964   9.44868   6.90014   1.000 25.55350 ? 265 HOH A O   1 
HETATM 1175 O  O   . HOH B 2 .   ? -7.80256  3.55113   -5.06482  1.000 43.51348 ? 266 HOH A O   1 
HETATM 1176 O  O   . HOH B 2 .   ? 12.94026  -5.53112  -0.08776  1.000 33.42760 ? 267 HOH A O   1 
HETATM 1177 O  O   . HOH B 2 .   ? -9.61865  5.07220   -7.07962  1.000 32.66181 ? 268 HOH A O   1 
HETATM 1178 O  O   . HOH B 2 .   ? 5.44564   -4.97149  10.23984  1.000 21.65511 ? 269 HOH A O   1 
HETATM 1179 O  O   . HOH B 2 .   ? 4.54099   14.35053  15.93891  1.000 33.14978 ? 270 HOH A O   1 
HETATM 1180 O  O   . HOH B 2 .   ? -12.87913 -5.56371  9.12216   1.000 25.72861 ? 271 HOH A O   1 
HETATM 1181 O  O   . HOH B 2 .   ? -15.57649 -5.08646  -3.21556  1.000 28.46232 ? 272 HOH A O   1 
HETATM 1182 O  O   . HOH B 2 .   ? 8.77173   -6.02342  -10.69434 1.000 28.40670 ? 273 HOH A O   1 
HETATM 1183 O  O   . HOH B 2 .   ? 0.78492   17.04899  -1.57780  1.000 34.98728 ? 274 HOH A O   1 
HETATM 1184 O  O   . HOH B 2 .   ? -9.88711  -10.76425 8.62732   1.000 28.54874 ? 275 HOH A O   1 
HETATM 1185 O  O   . HOH B 2 .   ? -8.96857  2.35467   -1.76404  1.000 24.88698 ? 276 HOH A O   1 
HETATM 1186 O  O   . HOH B 2 .   ? -12.00755 -8.49458  3.73841   1.000 16.44522 ? 277 HOH A O   1 
HETATM 1187 O  O   . HOH B 2 .   ? 7.86895   -7.86014  -9.63408  1.000 33.78525 ? 278 HOH A O   1 
HETATM 1188 O  O   . HOH B 2 .   ? 8.74676   -8.43366  7.00429   1.000 37.72438 ? 279 HOH A O   1 
HETATM 1189 O  O   . HOH B 2 .   ? 12.09503  -4.59284  -7.69012  1.000 29.86967 ? 280 HOH A O   1 
HETATM 1190 O  O   . HOH B 2 .   ? -14.39974 -3.76061  10.46412  1.000 32.32841 ? 281 HOH A O   1 
HETATM 1191 O  O   . HOH B 2 .   ? -12.98597 -8.92991  5.69065   1.000 36.89311 ? 282 HOH A O   1 
HETATM 1192 O  O   . HOH B 2 .   ? -11.28480 -7.33526  10.34941  1.000 28.49857 ? 283 HOH A O   1 
HETATM 1193 O  O   . HOH B 2 .   ? 12.68130  4.33630   8.03119   1.000 36.15920 ? 284 HOH A O   1 
HETATM 1194 O  O   . HOH B 2 .   ? 6.06972   2.09385   -15.14798 1.000 31.50876 ? 285 HOH A O   1 
HETATM 1195 O  O   . HOH B 2 .   ? 5.57808   -15.29919 -11.34668 1.000 33.40942 ? 286 HOH A O   1 
HETATM 1196 O  O   . HOH B 2 .   ? 5.94059   -18.36273 -10.27188 1.000 41.94368 ? 287 HOH A O   1 
# 
